data_6S8Q
#
_entry.id   6S8Q
#
_cell.length_a   99.480
_cell.length_b   118.632
_cell.length_c   187.716
_cell.angle_alpha   90.000
_cell.angle_beta   90.000
_cell.angle_gamma   90.000
#
_symmetry.space_group_name_H-M   'P 21 21 21'
#
loop_
_entity.id
_entity.type
_entity.pdbx_description
1 polymer 'U5 small nuclear ribonucleoprotein 200 kDa helicase'
2 polymer 'Pre-mRNA-processing-splicing factor 8'
3 non-polymer 'SULFATE ION'
4 water water
#
loop_
_entity_poly.entity_id
_entity_poly.type
_entity_poly.pdbx_seq_one_letter_code
_entity_poly.pdbx_strand_id
1 'polypeptide(L)'
;GAEFMDLDQGGEALAPRQVLDLEDLVFTQGSHFMANKRCQLPDGSFRRQRKGYEEVHVPALKPKPFGSEEQLLPVEKLPK
YAQAGFEGFKTLNRIQSKLYRAALETDENLLLCAPTGAGKTNVALMCMLREIGKHINMDGTINVDDFKIIYIAPMRSLVQ
EMVGSFGKRLATYGITVAELTGDHQLCKEEISATQIIVCTPEKWDIITRKGGERTYTQLVRLIILDEIHLLHDDRGPVLE
ALVARAIRNIEMTQEDVRLIGLSATLPNYEDVATFLRVDPAKGLFYFDNSFRPVPLEQTYVGITEKKAIKRFQIMNEIVY
EKIMEHAGKNQVLVFVHSRKETGKTARAIRDMCLEKDTLGLFLREGSASTEVLRTEAEQCKNLELKDLLPYGFAIHHAGM
TRVDRTLVEDLFADKHIQVLVSTATLAWGVNLPAHTVIIKGTQVYSPEKGRWTELGALDILQMLGRAGRPQYDTKGEGIL
ITSHGELQYYLSLLNQQLPIESQMVSKLPDMLNAEIVLGNVQNAKDAVNWLGYAYLYIRMLRSPTLYGISHDDLKGDPLL
DQRRLDLVHTAALMLDKNNLVKYDKKTGNFQVTELGRIASHYYITNDTVQTYNQLLKPTLSEIELFRVFSLSSEFKNITV
REEEKLELQKLLERVPIPVKESIEEPSAKINVLLQAFISQLKLEGFALMADMVYVTQSAGRLMRAIFEIVLNRGWAQLTD
KTLNLCKMIDKRMWQSMCPLRQFRKLPEEVVKKIEKKNFPFERLYDLNHNEIGELIRMPKMGKTIHKYVHLFPKLELSVH
LQPITRSTLKVELTITPDFQWDEKVHGSSEAFWILVEDVDSEVILHHEYFLLKAKYAQDEHLITFFVPVFEPLPPQYFIR
VVSDRWLSCETQLPVSFRHLILPEKYPPPTELLDLQPLPVSALRNSAFESLYQDKFPFFNPIQTQVFNTVYNSDDNVFVG
APTGSGKTICAEFAILRMLLQSSEGRCVYITPMEALAEQVYMDWYEKFQDRLNKKVVLLTGETSTDLKLLGKGNIIISTP
EKWDILSRRWKQRKNVQNINLFVVDEVHLIGGENGPVLEVICSRMRYISSQIERPIRIVALSSSLSNAKDVAHWLGCSAT
STFNFHPNVRPVPLELHIQGFNISHTQTRLLSMAKPVYHAITKHSPKKPVIVFVPSRKQTRLTAIDILTTCAADIQRQRF
LHCTEKDLIPYLEKLSDSTLKETLLNGVGYLHEGLSPMERRLVEQLFSSGAIQVVVASRSLCWGMNVAAHLVIIMDTQYY
NGKIHAYVDYPIYDVLQMVGHANRPLQDDEGRCVIMCQGSKKDFFKKFLYEPLPVESHLDHCMHDHFNAEIVTKTIENKQ
DAVDYLTWTFLYRRMTQNPNYYNLQGISHRHLSDHLSELVEQTLSDLEQSKCISIEDEMDVAPLNLGMIAAYYYINYTTI
ELFSMSLNAKTKVRGLIEIISNAAEYENIPIRHHEDNLLRQLAQKVPHKLNNPKFNDPHVKTNLLLQAHLSRMQLSAELQ
SDTEEILSKAIRLIQACVDVLSSNGWLSPALAAMELAQMVTQAMWSKDSYLKQLPHFTSEHIKRCTDKGVESVFDIMEME
DEERNALLQLTDSQIADVARFCNRYPNIELSYEVVDKDSIRSGGPVVVLVQLEREEEVTGPVIAPLFPQKREEGWWVVIG
DAKSNSLISIKRLTLQQKAKVKLDFVAPATGAHNYTLYFMSDAYMGCDQEYKFSVDVKEAETDSDSD
;
B
2 'polypeptide(L)'
;GPLGSMTQTFSSKTEWRVRAISAANLHLRTNHIYVSSDDIKETGYTYILPKNVLKKFICISDLRAQIAGYLYGVSPPDNP
QVKEIRCIVMVPQWGTHQTVHLPGQLPQHEYLKEMEPLGWIHTQPNESPQLSPQDVTTHAKIMADNPSWDGEKTIIITCS
FTPGSCTLTAYKLTPSGYEWGRQNTDKGNNPKGYLPSHYERVQMLLSDRFLGFFMVPAQSSWNYNFMGVRHDPNMKYELQ
LANPKEFYHEVHRPSHFLNFALL
;
J
#
loop_
_chem_comp.id
_chem_comp.type
_chem_comp.name
_chem_comp.formula
SO4 non-polymer 'SULFATE ION' 'O4 S -2'
#
# COMPACT_ATOMS: atom_id res chain seq x y z
N LEU A 14 19.60 34.94 -13.56
CA LEU A 14 20.02 33.56 -13.29
C LEU A 14 21.54 33.43 -13.14
N ALA A 15 22.25 33.40 -14.26
CA ALA A 15 23.72 33.41 -14.33
C ALA A 15 24.22 34.86 -14.39
N PRO A 16 25.33 35.19 -13.70
CA PRO A 16 26.16 34.25 -12.93
C PRO A 16 25.80 34.15 -11.44
N ARG A 17 25.61 32.91 -11.02
CA ARG A 17 25.36 32.61 -9.63
C ARG A 17 26.61 32.88 -8.79
N GLN A 18 26.53 32.51 -7.52
CA GLN A 18 27.72 32.45 -6.70
C GLN A 18 27.42 31.49 -5.54
N VAL A 19 28.45 30.81 -5.06
CA VAL A 19 28.25 29.70 -4.12
C VAL A 19 28.52 30.21 -2.72
N LEU A 20 27.58 29.99 -1.81
CA LEU A 20 27.72 30.55 -0.48
C LEU A 20 28.23 29.50 0.50
N ASP A 21 28.82 29.96 1.59
CA ASP A 21 29.06 29.10 2.74
C ASP A 21 27.85 29.20 3.66
N LEU A 22 26.95 28.23 3.57
CA LEU A 22 25.77 28.29 4.43
C LEU A 22 26.15 28.28 5.92
N GLU A 23 27.21 27.54 6.28
CA GLU A 23 27.56 27.45 7.69
C GLU A 23 27.89 28.81 8.27
N ASP A 24 28.58 29.66 7.48
CA ASP A 24 28.90 31.01 7.92
C ASP A 24 27.66 31.86 8.14
N LEU A 25 26.53 31.56 7.49
CA LEU A 25 25.34 32.36 7.70
C LEU A 25 24.53 31.94 8.92
N VAL A 26 24.86 30.81 9.54
CA VAL A 26 24.07 30.23 10.62
C VAL A 26 24.19 31.05 11.90
N PHE A 27 23.08 31.20 12.63
CA PHE A 27 23.15 31.70 14.00
C PHE A 27 23.48 30.52 14.91
N THR A 28 24.75 30.42 15.33
CA THR A 28 25.20 29.23 16.04
C THR A 28 24.43 29.02 17.35
N GLN A 29 24.12 30.10 18.07
N GLN A 29 24.10 30.11 18.02
CA GLN A 29 23.49 29.95 19.39
CA GLN A 29 23.45 30.13 19.33
C GLN A 29 22.02 29.49 19.34
C GLN A 29 22.03 29.58 19.33
N GLY A 30 21.43 29.32 18.16
CA GLY A 30 20.05 28.84 18.11
C GLY A 30 19.06 29.82 18.72
N SER A 31 18.12 29.28 19.49
CA SER A 31 17.19 30.12 20.23
C SER A 31 17.87 31.03 21.24
N HIS A 32 19.15 30.83 21.53
CA HIS A 32 19.88 31.73 22.41
C HIS A 32 20.49 32.91 21.66
N PHE A 33 20.32 32.97 20.34
CA PHE A 33 20.70 34.16 19.60
C PHE A 33 19.90 35.36 20.07
N MET A 34 20.59 36.49 20.21
CA MET A 34 20.04 37.71 20.76
C MET A 34 20.30 38.82 19.75
N ALA A 35 19.32 39.12 18.89
CA ALA A 35 19.55 40.16 17.89
C ALA A 35 19.51 41.57 18.50
N ASN A 36 18.78 41.77 19.61
CA ASN A 36 18.64 43.12 20.15
C ASN A 36 19.93 43.52 20.88
N LYS A 37 20.47 44.69 20.53
CA LYS A 37 21.71 45.14 21.17
C LYS A 37 21.48 45.53 22.64
N ARG A 38 20.31 46.04 22.97
CA ARG A 38 20.05 46.55 24.30
C ARG A 38 18.71 46.01 24.79
N CYS A 39 18.45 46.24 26.08
CA CYS A 39 17.23 45.77 26.72
C CYS A 39 16.73 46.87 27.66
N GLN A 40 15.60 47.50 27.31
CA GLN A 40 14.92 48.44 28.20
C GLN A 40 14.08 47.71 29.25
N LEU A 41 14.24 48.10 30.56
CA LEU A 41 13.38 47.46 31.56
C LEU A 41 12.21 48.36 31.95
N PRO A 42 11.10 47.79 32.40
CA PRO A 42 9.99 48.61 32.91
C PRO A 42 10.47 49.50 34.05
N ASP A 43 9.82 50.66 34.19
CA ASP A 43 10.14 51.55 35.30
C ASP A 43 10.00 50.78 36.60
N GLY A 44 10.90 51.07 37.54
CA GLY A 44 10.89 50.43 38.83
C GLY A 44 11.81 49.25 38.96
N SER A 45 12.35 48.76 37.84
CA SER A 45 13.35 47.72 37.91
C SER A 45 14.60 48.24 38.60
N PHE A 46 15.33 47.35 39.26
CA PHE A 46 16.55 47.75 39.93
C PHE A 46 17.49 46.58 40.06
N ARG A 47 18.77 46.89 40.13
CA ARG A 47 19.86 45.95 40.25
C ARG A 47 20.44 46.04 41.66
N ARG A 48 20.80 44.90 42.25
CA ARG A 48 21.45 44.82 43.55
C ARG A 48 22.78 44.11 43.42
N GLN A 49 23.87 44.79 43.81
CA GLN A 49 25.18 44.15 43.88
C GLN A 49 25.25 43.26 45.11
N ARG A 50 25.82 42.07 44.94
CA ARG A 50 25.86 41.12 46.03
C ARG A 50 27.09 40.21 45.89
N LYS A 51 27.20 39.29 46.85
CA LYS A 51 28.22 38.26 47.03
C LYS A 51 28.79 37.60 45.78
N GLY A 52 29.46 38.36 44.90
CA GLY A 52 29.91 37.77 43.66
C GLY A 52 28.81 37.27 42.74
N TYR A 53 27.57 37.68 42.99
CA TYR A 53 26.47 37.55 42.04
C TYR A 53 25.66 38.85 42.06
N GLU A 54 24.94 39.09 40.99
CA GLU A 54 24.13 40.29 40.84
C GLU A 54 22.68 39.89 40.65
N GLU A 55 21.76 40.65 41.25
CA GLU A 55 20.33 40.39 41.12
C GLU A 55 19.68 41.54 40.37
N VAL A 56 18.78 41.21 39.45
CA VAL A 56 17.93 42.22 38.83
C VAL A 56 16.50 41.90 39.20
N HIS A 57 15.77 42.91 39.68
CA HIS A 57 14.37 42.78 40.06
C HIS A 57 13.54 43.58 39.06
N VAL A 58 12.42 43.01 38.63
CA VAL A 58 11.50 43.67 37.73
C VAL A 58 10.13 43.61 38.38
N PRO A 59 9.54 44.75 38.75
CA PRO A 59 8.25 44.71 39.44
C PRO A 59 7.16 44.21 38.52
N ALA A 60 6.09 43.72 39.14
CA ALA A 60 4.90 43.29 38.43
C ALA A 60 4.20 44.46 37.77
N LEU A 61 3.66 44.22 36.57
CA LEU A 61 2.99 45.25 35.80
C LEU A 61 1.59 45.52 36.32
N LYS A 62 1.05 46.65 35.93
CA LYS A 62 -0.36 46.87 36.19
C LYS A 62 -1.19 46.48 34.98
N PRO A 63 -2.28 45.73 35.17
CA PRO A 63 -3.18 45.43 34.04
C PRO A 63 -3.67 46.72 33.39
N LYS A 64 -3.58 46.74 32.06
CA LYS A 64 -4.12 47.83 31.24
C LYS A 64 -5.64 47.83 31.30
N PRO A 65 -6.28 48.92 31.71
CA PRO A 65 -7.73 49.05 31.49
C PRO A 65 -8.08 50.35 30.76
N PHE A 66 -9.18 50.36 30.00
CA PHE A 66 -10.00 49.17 29.73
C PHE A 66 -10.55 49.24 28.32
N GLY A 67 -9.76 49.81 27.40
CA GLY A 67 -10.12 49.86 26.00
C GLY A 67 -11.23 50.85 25.72
N SER A 68 -11.34 51.29 24.46
CA SER A 68 -12.35 52.28 24.09
C SER A 68 -13.75 51.70 24.19
N GLU A 69 -14.00 50.57 23.51
CA GLU A 69 -15.34 49.96 23.46
C GLU A 69 -15.19 48.44 23.45
N GLU A 70 -15.12 47.84 24.65
CA GLU A 70 -15.05 46.39 24.76
C GLU A 70 -15.37 45.98 26.18
N GLN A 71 -16.30 45.04 26.33
CA GLN A 71 -16.57 44.38 27.59
C GLN A 71 -16.48 42.89 27.35
N LEU A 72 -16.33 42.11 28.42
CA LEU A 72 -16.26 40.66 28.29
C LEU A 72 -17.51 40.14 27.58
N LEU A 73 -17.33 39.12 26.76
CA LEU A 73 -18.45 38.60 25.98
C LEU A 73 -19.07 37.43 26.72
N PRO A 74 -20.35 37.52 27.09
CA PRO A 74 -21.06 36.34 27.57
C PRO A 74 -21.11 35.27 26.49
N VAL A 75 -20.89 34.01 26.91
CA VAL A 75 -21.08 32.86 26.04
C VAL A 75 -22.42 32.95 25.32
N GLU A 76 -23.43 33.48 26.03
CA GLU A 76 -24.77 33.82 25.53
C GLU A 76 -24.72 34.29 24.10
N LYS A 77 -23.81 35.20 23.81
CA LYS A 77 -23.82 35.90 22.54
C LYS A 77 -22.88 35.32 21.51
N LEU A 78 -22.24 34.18 21.77
CA LEU A 78 -21.59 33.43 20.70
C LEU A 78 -22.64 32.82 19.79
N PRO A 79 -22.27 32.52 18.54
CA PRO A 79 -23.16 31.71 17.69
C PRO A 79 -23.62 30.45 18.41
N LYS A 80 -24.82 29.98 18.04
CA LYS A 80 -25.46 28.93 18.85
C LYS A 80 -24.74 27.60 18.70
N TYR A 81 -24.32 27.25 17.48
CA TYR A 81 -23.62 25.99 17.23
C TYR A 81 -22.33 25.87 18.03
N ALA A 82 -21.70 27.00 18.38
CA ALA A 82 -20.41 26.98 19.07
C ALA A 82 -20.54 26.96 20.59
N GLN A 83 -21.74 27.17 21.14
CA GLN A 83 -21.84 27.32 22.59
C GLN A 83 -21.55 26.00 23.30
N ALA A 84 -21.88 24.86 22.68
CA ALA A 84 -21.62 23.58 23.35
C ALA A 84 -20.16 23.45 23.75
N GLY A 85 -19.25 23.98 22.92
CA GLY A 85 -17.83 23.92 23.21
C GLY A 85 -17.38 24.79 24.34
N PHE A 86 -18.26 25.64 24.89
CA PHE A 86 -17.93 26.51 26.01
C PHE A 86 -18.83 26.23 27.20
N GLU A 87 -19.34 25.00 27.30
CA GLU A 87 -20.16 24.61 28.43
C GLU A 87 -19.35 24.74 29.72
N GLY A 88 -19.94 25.38 30.72
CA GLY A 88 -19.21 25.65 31.95
C GLY A 88 -18.44 26.94 32.00
N PHE A 89 -18.81 27.94 31.20
CA PHE A 89 -18.24 29.27 31.31
C PHE A 89 -19.34 30.29 31.09
N LYS A 90 -19.23 31.42 31.77
CA LYS A 90 -20.19 32.49 31.55
C LYS A 90 -19.70 33.49 30.50
N THR A 91 -18.51 34.03 30.73
CA THR A 91 -17.97 35.11 29.92
C THR A 91 -16.59 34.70 29.44
N LEU A 92 -16.28 35.06 28.19
CA LEU A 92 -14.91 34.89 27.73
C LEU A 92 -14.01 35.87 28.46
N ASN A 93 -12.71 35.55 28.53
CA ASN A 93 -11.82 36.51 29.16
C ASN A 93 -11.54 37.66 28.20
N ARG A 94 -10.67 38.56 28.64
CA ARG A 94 -10.47 39.79 27.89
C ARG A 94 -9.89 39.51 26.50
N ILE A 95 -9.00 38.53 26.39
CA ILE A 95 -8.37 38.26 25.10
C ILE A 95 -9.32 37.48 24.18
N GLN A 96 -9.99 36.46 24.71
CA GLN A 96 -10.94 35.73 23.89
C GLN A 96 -12.04 36.64 23.37
N SER A 97 -12.40 37.66 24.13
CA SER A 97 -13.46 38.57 23.72
C SER A 97 -13.03 39.45 22.55
N LYS A 98 -11.77 39.91 22.55
CA LYS A 98 -11.26 40.67 21.41
C LYS A 98 -11.11 39.80 20.15
N LEU A 99 -11.06 38.48 20.31
CA LEU A 99 -10.76 37.60 19.19
C LEU A 99 -11.95 36.84 18.63
N TYR A 100 -13.10 36.86 19.32
N TYR A 100 -13.12 36.90 19.30
CA TYR A 100 -14.21 35.96 18.98
CA TYR A 100 -14.28 36.09 18.91
C TYR A 100 -14.75 36.23 17.58
C TYR A 100 -14.68 36.35 17.45
N ARG A 101 -14.86 37.51 17.21
N ARG A 101 -14.91 37.62 17.09
CA ARG A 101 -15.31 37.82 15.85
CA ARG A 101 -15.35 37.92 15.73
C ARG A 101 -14.33 37.29 14.82
C ARG A 101 -14.35 37.40 14.72
N ALA A 102 -13.07 37.73 14.90
CA ALA A 102 -12.06 37.26 13.96
C ALA A 102 -11.93 35.74 13.96
N ALA A 103 -12.11 35.09 15.12
CA ALA A 103 -11.89 33.64 15.16
C ALA A 103 -13.09 32.87 14.66
N LEU A 104 -14.30 33.28 15.08
CA LEU A 104 -15.52 32.52 14.79
C LEU A 104 -16.34 33.06 13.63
N GLU A 105 -16.16 34.33 13.28
CA GLU A 105 -17.00 34.98 12.27
C GLU A 105 -16.28 35.24 10.95
N THR A 106 -14.97 35.01 10.87
CA THR A 106 -14.22 35.05 9.62
C THR A 106 -13.35 33.82 9.47
N ASP A 107 -12.84 33.63 8.26
CA ASP A 107 -11.84 32.63 7.93
C ASP A 107 -10.43 33.21 7.82
N GLU A 108 -10.22 34.40 8.38
CA GLU A 108 -8.97 35.11 8.25
C GLU A 108 -7.86 34.37 9.00
N ASN A 109 -6.70 34.20 8.37
CA ASN A 109 -5.54 33.73 9.10
C ASN A 109 -5.23 34.67 10.27
N LEU A 110 -4.88 34.08 11.42
CA LEU A 110 -4.67 34.83 12.63
C LEU A 110 -3.25 34.65 13.14
N LEU A 111 -2.70 35.73 13.69
CA LEU A 111 -1.55 35.63 14.57
C LEU A 111 -1.92 36.28 15.90
N LEU A 112 -1.89 35.48 16.95
CA LEU A 112 -2.18 35.94 18.31
C LEU A 112 -0.90 35.92 19.14
N CYS A 113 -0.46 37.10 19.59
CA CYS A 113 0.70 37.28 20.47
C CYS A 113 0.22 37.67 21.85
N ALA A 114 0.51 36.85 22.84
CA ALA A 114 -0.01 37.10 24.17
C ALA A 114 0.92 36.43 25.17
N PRO A 115 1.02 36.94 26.40
CA PRO A 115 1.85 36.27 27.40
C PRO A 115 1.30 34.90 27.74
N THR A 116 2.16 34.06 28.30
CA THR A 116 1.81 32.68 28.57
C THR A 116 0.63 32.58 29.52
N GLY A 117 -0.37 31.77 29.14
CA GLY A 117 -1.55 31.57 29.96
C GLY A 117 -2.62 32.62 29.81
N ALA A 118 -2.47 33.53 28.84
CA ALA A 118 -3.44 34.59 28.66
C ALA A 118 -4.76 34.09 28.09
N GLY A 119 -4.76 32.92 27.45
CA GLY A 119 -6.00 32.36 26.94
C GLY A 119 -5.94 32.00 25.46
N LYS A 120 -4.74 31.86 24.91
CA LYS A 120 -4.63 31.55 23.49
C LYS A 120 -5.26 30.20 23.15
N THR A 121 -5.30 29.27 24.11
CA THR A 121 -5.87 27.95 23.84
C THR A 121 -7.34 28.05 23.41
N ASN A 122 -8.16 28.81 24.16
CA ASN A 122 -9.57 28.95 23.83
C ASN A 122 -9.78 29.68 22.51
N VAL A 123 -8.83 30.54 22.13
CA VAL A 123 -8.95 31.22 20.85
C VAL A 123 -8.80 30.21 19.71
N ALA A 124 -7.90 29.23 19.89
CA ALA A 124 -7.76 28.15 18.93
C ALA A 124 -9.02 27.32 18.84
N LEU A 125 -9.63 27.04 20.00
CA LEU A 125 -10.87 26.30 20.07
C LEU A 125 -11.98 26.98 19.26
N MET A 126 -12.11 28.31 19.41
CA MET A 126 -13.03 29.08 18.57
C MET A 126 -12.78 28.86 17.07
N CYS A 127 -11.51 28.86 16.65
CA CYS A 127 -11.19 28.57 15.26
C CYS A 127 -11.60 27.15 14.89
N MET A 128 -11.28 26.19 15.76
CA MET A 128 -11.70 24.82 15.53
C MET A 128 -13.22 24.74 15.38
N LEU A 129 -13.94 25.37 16.31
CA LEU A 129 -15.40 25.32 16.27
C LEU A 129 -15.95 25.93 14.98
N ARG A 130 -15.37 27.03 14.52
CA ARG A 130 -15.82 27.57 13.25
C ARG A 130 -15.62 26.55 12.11
N GLU A 131 -14.50 25.82 12.11
CA GLU A 131 -14.33 24.79 11.09
C GLU A 131 -15.34 23.66 11.30
N ILE A 132 -15.48 23.19 12.53
CA ILE A 132 -16.46 22.14 12.82
C ILE A 132 -17.84 22.55 12.31
N GLY A 133 -18.20 23.82 12.48
CA GLY A 133 -19.50 24.29 12.03
C GLY A 133 -19.74 24.13 10.54
N LYS A 134 -18.69 24.20 9.74
CA LYS A 134 -18.84 24.09 8.29
C LYS A 134 -19.43 22.75 7.85
N HIS A 135 -19.51 21.78 8.74
CA HIS A 135 -19.91 20.44 8.34
C HIS A 135 -21.00 19.88 9.23
N ILE A 136 -21.97 20.72 9.60
CA ILE A 136 -23.15 20.26 10.32
C ILE A 136 -24.21 19.96 9.27
N ASN A 137 -24.64 18.71 9.18
CA ASN A 137 -25.67 18.42 8.21
C ASN A 137 -27.04 18.50 8.90
N MET A 138 -28.07 17.98 8.22
CA MET A 138 -29.45 18.30 8.55
C MET A 138 -29.87 17.75 9.91
N ASP A 139 -29.27 16.64 10.35
CA ASP A 139 -29.68 16.03 11.60
C ASP A 139 -28.90 16.53 12.81
N GLY A 140 -27.85 17.35 12.62
CA GLY A 140 -27.10 17.94 13.71
C GLY A 140 -25.81 17.23 14.05
N THR A 141 -25.60 16.02 13.56
CA THR A 141 -24.29 15.42 13.65
C THR A 141 -23.33 16.17 12.72
N ILE A 142 -22.07 15.78 12.74
CA ILE A 142 -21.05 16.47 11.97
C ILE A 142 -20.50 15.53 10.92
N ASN A 143 -20.47 16.01 9.68
N ASN A 143 -20.46 16.01 9.68
CA ASN A 143 -19.83 15.24 8.61
CA ASN A 143 -19.80 15.28 8.60
C ASN A 143 -18.34 15.15 8.89
C ASN A 143 -18.32 15.16 8.91
N VAL A 144 -17.93 14.16 9.71
CA VAL A 144 -16.54 14.04 10.14
C VAL A 144 -15.68 13.35 9.09
N ASP A 145 -16.24 13.19 7.88
CA ASP A 145 -15.43 12.78 6.74
C ASP A 145 -14.91 13.96 5.94
N ASP A 146 -15.40 15.16 6.21
CA ASP A 146 -15.14 16.28 5.31
C ASP A 146 -13.82 16.97 5.57
N PHE A 147 -13.32 16.95 6.80
CA PHE A 147 -12.27 17.87 7.16
C PHE A 147 -11.33 17.22 8.15
N LYS A 148 -10.15 17.79 8.23
CA LYS A 148 -9.23 17.53 9.32
C LYS A 148 -8.77 18.87 9.86
N ILE A 149 -8.42 18.89 11.14
CA ILE A 149 -7.76 20.02 11.77
C ILE A 149 -6.45 19.53 12.36
N ILE A 150 -5.37 20.24 12.06
CA ILE A 150 -4.06 19.90 12.59
C ILE A 150 -3.69 20.91 13.67
N TYR A 151 -3.41 20.41 14.86
CA TYR A 151 -2.93 21.24 15.96
C TYR A 151 -1.48 20.86 16.19
N ILE A 152 -0.58 21.78 15.90
CA ILE A 152 0.85 21.53 15.99
C ILE A 152 1.32 22.04 17.35
N ALA A 153 1.71 21.13 18.25
CA ALA A 153 2.26 21.57 19.51
C ALA A 153 3.74 21.19 19.62
N PRO A 154 4.58 22.06 20.18
CA PRO A 154 6.04 21.84 20.13
C PRO A 154 6.54 20.70 20.99
N MET A 155 5.84 20.34 22.08
CA MET A 155 6.35 19.31 22.97
C MET A 155 5.37 18.16 23.10
N ARG A 156 5.93 16.94 23.24
CA ARG A 156 5.11 15.72 23.33
C ARG A 156 4.20 15.77 24.53
N SER A 157 4.72 16.18 25.69
CA SER A 157 3.86 16.27 26.87
C SER A 157 2.72 17.25 26.65
N LEU A 158 2.97 18.32 25.91
CA LEU A 158 1.89 19.26 25.64
C LEU A 158 0.83 18.64 24.72
N VAL A 159 1.27 17.88 23.73
CA VAL A 159 0.36 17.20 22.80
C VAL A 159 -0.64 16.35 23.56
N GLN A 160 -0.19 15.62 24.56
CA GLN A 160 -1.09 14.69 25.21
C GLN A 160 -2.13 15.45 26.02
N GLU A 161 -1.69 16.49 26.73
CA GLU A 161 -2.61 17.34 27.47
C GLU A 161 -3.65 17.99 26.56
N MET A 162 -3.25 18.37 25.34
N MET A 162 -3.23 18.39 25.34
CA MET A 162 -4.20 19.00 24.44
CA MET A 162 -4.17 19.00 24.40
C MET A 162 -5.15 17.99 23.80
C MET A 162 -5.18 17.98 23.89
N VAL A 163 -4.76 16.72 23.71
CA VAL A 163 -5.67 15.70 23.19
C VAL A 163 -6.80 15.46 24.17
N GLY A 164 -6.48 15.42 25.47
CA GLY A 164 -7.53 15.23 26.47
C GLY A 164 -8.35 16.48 26.70
N SER A 165 -7.68 17.63 26.83
CA SER A 165 -8.36 18.89 27.05
C SER A 165 -9.34 19.21 25.91
N PHE A 166 -8.86 19.20 24.65
CA PHE A 166 -9.72 19.40 23.49
C PHE A 166 -10.72 18.24 23.31
N GLY A 167 -10.28 16.99 23.56
CA GLY A 167 -11.21 15.87 23.51
C GLY A 167 -12.42 16.08 24.40
N LYS A 168 -12.18 16.53 25.64
CA LYS A 168 -13.28 16.75 26.55
C LYS A 168 -14.17 17.90 26.08
N ARG A 169 -13.57 19.00 25.61
CA ARG A 169 -14.37 20.15 25.24
C ARG A 169 -15.28 19.87 24.06
N LEU A 170 -14.85 19.02 23.12
CA LEU A 170 -15.57 18.82 21.87
C LEU A 170 -16.34 17.50 21.80
N ALA A 171 -16.40 16.75 22.91
CA ALA A 171 -17.05 15.44 22.90
C ALA A 171 -18.51 15.56 22.49
N THR A 172 -19.20 16.59 23.00
CA THR A 172 -20.60 16.78 22.68
C THR A 172 -20.85 16.92 21.18
N TYR A 173 -19.79 17.08 20.40
CA TYR A 173 -19.87 17.11 18.95
C TYR A 173 -19.50 15.77 18.30
N GLY A 174 -19.34 14.69 19.07
CA GLY A 174 -18.90 13.42 18.47
C GLY A 174 -17.66 13.53 17.62
N ILE A 175 -16.66 14.27 18.10
CA ILE A 175 -15.43 14.51 17.37
C ILE A 175 -14.29 13.80 18.06
N THR A 176 -13.44 13.16 17.26
CA THR A 176 -12.26 12.45 17.77
C THR A 176 -11.04 13.37 17.72
N VAL A 177 -10.43 13.61 18.88
CA VAL A 177 -9.14 14.27 19.00
C VAL A 177 -8.11 13.21 19.37
N ALA A 178 -7.01 13.15 18.64
CA ALA A 178 -6.06 12.09 18.93
C ALA A 178 -4.66 12.55 18.59
N GLU A 179 -3.71 11.99 19.32
CA GLU A 179 -2.29 12.15 19.00
C GLU A 179 -1.87 11.08 17.99
N LEU A 180 -0.79 11.35 17.28
CA LEU A 180 -0.26 10.37 16.32
C LEU A 180 0.70 9.41 17.02
N THR A 181 0.21 8.18 17.27
CA THR A 181 0.89 7.22 18.13
C THR A 181 1.83 6.34 17.30
N GLY A 182 3.13 6.62 17.38
CA GLY A 182 4.14 5.64 17.02
C GLY A 182 4.21 5.32 15.54
N ASP A 183 4.39 4.03 15.24
CA ASP A 183 4.66 3.58 13.88
C ASP A 183 3.42 3.70 13.00
N HIS A 184 3.62 4.10 11.76
CA HIS A 184 2.53 4.53 10.88
C HIS A 184 2.42 3.75 9.59
N GLN A 185 3.42 2.95 9.21
CA GLN A 185 3.25 2.06 8.09
C GLN A 185 2.34 0.88 8.43
N LEU A 186 1.91 0.77 9.69
CA LEU A 186 0.86 -0.14 10.11
C LEU A 186 -0.37 0.57 10.64
N CYS A 187 -0.26 1.84 11.04
CA CYS A 187 -1.29 2.52 11.83
C CYS A 187 -1.55 3.95 11.34
N LYS A 188 -2.00 4.09 10.09
CA LYS A 188 -2.65 5.31 9.65
C LYS A 188 -4.17 5.12 9.61
N GLU A 189 -4.65 4.01 10.16
CA GLU A 189 -6.06 3.86 10.51
C GLU A 189 -6.53 5.06 11.34
N GLU A 190 -5.75 5.41 12.37
CA GLU A 190 -6.03 6.49 13.32
C GLU A 190 -6.53 7.74 12.64
N ILE A 191 -6.03 7.98 11.43
CA ILE A 191 -6.06 9.31 10.85
C ILE A 191 -7.31 9.53 10.02
N SER A 192 -7.74 8.51 9.29
CA SER A 192 -9.08 8.56 8.70
C SER A 192 -10.17 8.59 9.77
N ALA A 193 -9.84 8.29 11.03
CA ALA A 193 -10.83 8.25 12.11
C ALA A 193 -10.80 9.49 13.00
N THR A 194 -9.70 10.23 12.98
CA THR A 194 -9.45 11.38 13.85
C THR A 194 -9.79 12.67 13.10
N GLN A 195 -10.55 13.55 13.74
CA GLN A 195 -10.81 14.79 13.04
C GLN A 195 -9.82 15.88 13.42
N ILE A 196 -9.34 15.84 14.66
CA ILE A 196 -8.40 16.83 15.16
C ILE A 196 -7.12 16.09 15.55
N ILE A 197 -6.10 16.25 14.73
CA ILE A 197 -4.82 15.61 14.93
C ILE A 197 -3.91 16.56 15.70
N VAL A 198 -3.34 16.09 16.81
CA VAL A 198 -2.43 16.89 17.60
C VAL A 198 -1.06 16.25 17.49
N CYS A 199 -0.07 17.00 17.05
CA CYS A 199 1.22 16.38 16.82
C CYS A 199 2.31 17.45 16.87
N THR A 200 3.54 16.98 16.90
CA THR A 200 4.66 17.91 16.89
C THR A 200 4.92 18.41 15.47
N PRO A 201 5.66 19.51 15.35
CA PRO A 201 6.04 19.96 14.00
C PRO A 201 6.73 18.88 13.19
N GLU A 202 7.72 18.20 13.79
CA GLU A 202 8.47 17.20 13.05
C GLU A 202 7.57 16.05 12.56
N LYS A 203 6.64 15.59 13.39
CA LYS A 203 5.76 14.53 12.95
C LYS A 203 4.97 14.95 11.73
N TRP A 204 4.44 16.17 11.73
CA TRP A 204 3.59 16.61 10.63
C TRP A 204 4.43 16.81 9.38
N ASP A 205 5.69 17.22 9.55
CA ASP A 205 6.63 17.30 8.45
C ASP A 205 6.87 15.92 7.84
N ILE A 206 7.23 14.94 8.66
CA ILE A 206 7.56 13.63 8.10
C ILE A 206 6.34 13.02 7.41
N ILE A 207 5.13 13.27 7.94
CA ILE A 207 3.94 12.74 7.31
C ILE A 207 3.68 13.41 5.95
N THR A 208 3.71 14.74 5.92
CA THR A 208 3.45 15.41 4.66
C THR A 208 4.64 15.36 3.70
N ARG A 209 5.81 14.90 4.14
CA ARG A 209 6.92 14.68 3.22
C ARG A 209 6.65 13.49 2.30
N LYS A 210 6.00 12.46 2.81
CA LYS A 210 5.73 11.30 1.98
C LYS A 210 4.52 11.57 1.11
N GLY A 211 3.43 11.97 1.73
CA GLY A 211 2.17 11.99 1.04
C GLY A 211 1.97 10.64 0.39
N GLY A 212 2.67 10.39 -0.73
CA GLY A 212 2.18 9.40 -1.65
C GLY A 212 0.72 9.70 -1.81
N GLU A 213 -0.10 8.65 -1.85
CA GLU A 213 -1.46 8.70 -1.29
C GLU A 213 -2.13 7.37 -1.61
N ARG A 214 -3.25 7.08 -0.95
CA ARG A 214 -4.27 8.08 -0.61
C ARG A 214 -4.22 8.59 0.84
N THR A 215 -3.54 9.75 0.95
CA THR A 215 -3.42 10.58 2.14
C THR A 215 -4.78 10.97 2.68
N TYR A 216 -4.78 11.81 3.70
CA TYR A 216 -5.95 12.57 4.09
C TYR A 216 -5.58 14.03 4.31
N THR A 217 -4.38 14.44 3.90
CA THR A 217 -3.89 15.78 4.14
C THR A 217 -4.55 16.82 3.23
N GLN A 218 -5.26 16.41 2.19
CA GLN A 218 -6.09 17.34 1.44
C GLN A 218 -7.41 17.61 2.11
N LEU A 219 -7.77 16.84 3.14
CA LEU A 219 -8.90 17.22 3.99
C LEU A 219 -8.53 18.27 5.02
N VAL A 220 -7.24 18.59 5.16
CA VAL A 220 -6.82 19.54 6.19
C VAL A 220 -7.35 20.92 5.83
N ARG A 221 -8.13 21.50 6.72
CA ARG A 221 -8.76 22.80 6.47
C ARG A 221 -8.23 23.89 7.36
N LEU A 222 -7.50 23.54 8.41
CA LEU A 222 -7.10 24.48 9.44
C LEU A 222 -5.85 23.93 10.08
N ILE A 223 -4.82 24.75 10.18
CA ILE A 223 -3.63 24.36 10.91
C ILE A 223 -3.41 25.39 12.02
N ILE A 224 -3.27 24.91 13.23
CA ILE A 224 -2.97 25.78 14.36
C ILE A 224 -1.51 25.57 14.69
N LEU A 225 -0.73 26.66 14.64
CA LEU A 225 0.70 26.65 14.97
C LEU A 225 0.84 27.25 16.36
N ASP A 226 0.88 26.37 17.36
CA ASP A 226 1.01 26.80 18.74
C ASP A 226 2.48 27.07 19.09
N GLU A 227 2.73 28.13 19.86
CA GLU A 227 4.07 28.49 20.29
C GLU A 227 4.96 28.72 19.08
N ILE A 228 4.43 29.49 18.13
CA ILE A 228 5.08 29.67 16.86
C ILE A 228 6.40 30.42 17.00
N HIS A 229 6.67 31.05 18.16
CA HIS A 229 8.00 31.62 18.36
C HIS A 229 9.10 30.55 18.41
N LEU A 230 8.72 29.27 18.38
CA LEU A 230 9.70 28.22 18.11
C LEU A 230 10.48 28.50 16.83
N LEU A 231 9.95 29.34 15.93
CA LEU A 231 10.69 29.75 14.74
C LEU A 231 12.14 30.14 15.05
N HIS A 232 12.37 30.74 16.22
CA HIS A 232 13.68 31.17 16.69
C HIS A 232 14.56 30.03 17.20
N ASP A 233 13.99 28.86 17.43
CA ASP A 233 14.69 27.68 17.89
C ASP A 233 15.41 27.00 16.72
N ASP A 234 16.39 26.17 17.05
CA ASP A 234 16.94 25.26 16.03
C ASP A 234 15.86 24.41 15.37
N ARG A 235 14.77 24.10 16.07
CA ARG A 235 13.65 23.39 15.47
C ARG A 235 12.74 24.28 14.61
N GLY A 236 12.89 25.60 14.70
CA GLY A 236 12.12 26.52 13.92
C GLY A 236 11.97 26.27 12.43
N PRO A 237 12.98 25.74 11.75
CA PRO A 237 12.81 25.54 10.29
C PRO A 237 11.71 24.54 9.97
N VAL A 238 11.33 23.69 10.91
CA VAL A 238 10.28 22.73 10.61
C VAL A 238 8.97 23.47 10.39
N LEU A 239 8.68 24.50 11.22
CA LEU A 239 7.49 25.33 11.02
C LEU A 239 7.54 26.05 9.67
N GLU A 240 8.69 26.57 9.29
CA GLU A 240 8.82 27.19 7.98
C GLU A 240 8.54 26.20 6.86
N ALA A 241 9.12 25.01 6.94
CA ALA A 241 8.81 24.02 5.92
C ALA A 241 7.31 23.73 5.85
N LEU A 242 6.67 23.67 7.01
CA LEU A 242 5.25 23.33 7.04
C LEU A 242 4.42 24.43 6.42
N VAL A 243 4.66 25.67 6.86
CA VAL A 243 3.87 26.81 6.40
C VAL A 243 4.08 27.04 4.91
N ALA A 244 5.35 27.08 4.47
CA ALA A 244 5.62 27.24 3.03
C ALA A 244 4.96 26.15 2.20
N ARG A 245 5.04 24.91 2.65
CA ARG A 245 4.41 23.81 1.91
C ARG A 245 2.90 23.99 1.85
N ALA A 246 2.27 24.40 2.96
CA ALA A 246 0.80 24.52 2.97
C ALA A 246 0.34 25.64 2.05
N ILE A 247 1.02 26.79 2.12
CA ILE A 247 0.58 27.99 1.42
C ILE A 247 0.81 27.86 -0.08
N ARG A 248 2.06 27.56 -0.45
CA ARG A 248 2.35 27.23 -1.84
C ARG A 248 1.38 26.17 -2.37
N ASN A 249 0.98 25.21 -1.52
CA ASN A 249 0.04 24.20 -1.99
C ASN A 249 -1.34 24.79 -2.19
N ILE A 250 -1.68 25.82 -1.41
CA ILE A 250 -2.96 26.52 -1.61
C ILE A 250 -3.04 27.05 -3.02
N GLU A 251 -1.91 27.53 -3.54
CA GLU A 251 -1.88 28.01 -4.92
C GLU A 251 -2.15 26.88 -5.92
N MET A 252 -1.31 25.84 -5.92
CA MET A 252 -1.40 24.86 -7.00
C MET A 252 -2.65 24.00 -6.93
N THR A 253 -3.27 23.83 -5.76
CA THR A 253 -4.49 23.02 -5.69
C THR A 253 -5.75 23.84 -5.45
N GLN A 254 -5.62 25.13 -5.15
CA GLN A 254 -6.73 26.07 -4.98
C GLN A 254 -7.63 25.75 -3.78
N GLU A 255 -7.33 24.71 -3.01
CA GLU A 255 -8.04 24.44 -1.76
C GLU A 255 -7.46 25.30 -0.65
N ASP A 256 -8.29 26.18 -0.08
N ASP A 256 -8.31 26.18 -0.10
CA ASP A 256 -7.78 27.07 0.96
CA ASP A 256 -7.91 27.05 1.00
C ASP A 256 -7.65 26.33 2.28
C ASP A 256 -7.58 26.23 2.25
N VAL A 257 -6.68 26.76 3.07
CA VAL A 257 -6.42 26.24 4.40
C VAL A 257 -6.22 27.46 5.28
N ARG A 258 -6.89 27.47 6.43
CA ARG A 258 -6.72 28.56 7.39
C ARG A 258 -5.55 28.27 8.32
N LEU A 259 -4.72 29.28 8.56
CA LEU A 259 -3.59 29.17 9.48
C LEU A 259 -3.78 30.04 10.71
N ILE A 260 -3.50 29.48 11.87
CA ILE A 260 -3.63 30.20 13.13
C ILE A 260 -2.28 30.12 13.83
N GLY A 261 -1.65 31.27 14.06
CA GLY A 261 -0.40 31.32 14.81
C GLY A 261 -0.65 31.78 16.24
N LEU A 262 -0.10 31.04 17.19
CA LEU A 262 -0.15 31.39 18.61
C LEU A 262 1.29 31.62 19.06
N SER A 263 1.56 32.83 19.54
CA SER A 263 2.94 33.23 19.78
C SER A 263 3.10 33.90 21.14
N ALA A 264 4.31 33.78 21.70
CA ALA A 264 4.73 34.66 22.77
C ALA A 264 4.79 36.13 22.28
N THR A 265 5.01 37.05 23.19
CA THR A 265 5.04 38.46 22.82
C THR A 265 6.48 38.93 22.66
N LEU A 266 6.97 38.86 21.44
CA LEU A 266 8.38 39.07 21.14
C LEU A 266 8.47 39.83 19.83
N PRO A 267 9.60 40.54 19.60
CA PRO A 267 9.73 41.34 18.37
C PRO A 267 9.80 40.52 17.07
N ASN A 268 9.31 41.15 15.99
CA ASN A 268 9.22 40.59 14.63
C ASN A 268 7.92 39.84 14.43
N TYR A 269 6.98 39.99 15.38
CA TYR A 269 5.69 39.33 15.25
C TYR A 269 4.95 39.76 13.99
N GLU A 270 5.19 40.99 13.51
CA GLU A 270 4.54 41.40 12.27
C GLU A 270 5.15 40.71 11.06
N ASP A 271 6.44 40.34 11.16
CA ASP A 271 7.04 39.49 10.14
C ASP A 271 6.49 38.08 10.21
N VAL A 272 6.29 37.56 11.43
CA VAL A 272 5.57 36.28 11.58
C VAL A 272 4.23 36.36 10.88
N ALA A 273 3.50 37.45 11.12
CA ALA A 273 2.21 37.62 10.46
C ALA A 273 2.34 37.64 8.94
N THR A 274 3.35 38.35 8.41
CA THR A 274 3.56 38.30 6.97
C THR A 274 3.78 36.88 6.50
N PHE A 275 4.53 36.09 7.28
CA PHE A 275 4.89 34.73 6.91
C PHE A 275 3.67 33.82 6.94
N LEU A 276 2.69 34.15 7.77
CA LEU A 276 1.47 33.40 7.89
C LEU A 276 0.37 33.92 6.98
N ARG A 277 0.67 34.88 6.10
CA ARG A 277 -0.35 35.50 5.27
C ARG A 277 -1.48 36.09 6.13
N VAL A 278 -1.10 36.63 7.28
CA VAL A 278 -2.05 37.28 8.15
C VAL A 278 -2.16 38.72 7.71
N ASP A 279 -3.37 39.18 7.48
CA ASP A 279 -3.58 40.60 7.20
C ASP A 279 -3.41 41.37 8.50
N PRO A 280 -2.47 42.32 8.57
CA PRO A 280 -2.23 43.02 9.83
C PRO A 280 -3.39 43.87 10.27
N ALA A 281 -4.28 44.26 9.36
CA ALA A 281 -5.47 45.01 9.76
C ALA A 281 -6.63 44.11 10.19
N LYS A 282 -6.56 42.79 9.95
CA LYS A 282 -7.67 41.92 10.30
C LYS A 282 -7.28 40.77 11.21
N GLY A 283 -6.05 40.26 11.12
CA GLY A 283 -5.77 38.99 11.77
C GLY A 283 -4.70 39.05 12.84
N LEU A 284 -4.16 40.23 13.09
CA LEU A 284 -2.99 40.39 13.93
C LEU A 284 -3.43 40.99 15.26
N PHE A 285 -3.11 40.31 16.36
CA PHE A 285 -3.47 40.79 17.70
C PHE A 285 -2.25 40.64 18.60
N TYR A 286 -1.84 41.74 19.23
CA TYR A 286 -0.66 41.75 20.10
C TYR A 286 -1.05 42.26 21.48
N PHE A 287 -0.99 41.38 22.48
CA PHE A 287 -1.28 41.71 23.87
C PHE A 287 0.00 41.66 24.69
N ASP A 288 0.43 42.82 25.22
CA ASP A 288 1.70 42.84 25.95
C ASP A 288 1.56 42.11 27.30
N ASN A 289 2.67 42.09 28.06
CA ASN A 289 2.72 41.31 29.31
C ASN A 289 1.78 41.84 30.36
N SER A 290 1.21 43.04 30.14
CA SER A 290 0.14 43.58 30.98
C SER A 290 -1.07 42.65 31.04
N PHE A 291 -1.22 41.77 30.05
CA PHE A 291 -2.34 40.82 29.96
C PHE A 291 -2.03 39.44 30.54
N ARG A 292 -0.89 39.29 31.22
CA ARG A 292 -0.66 38.06 31.94
C ARG A 292 -1.79 37.87 32.95
N PRO A 293 -2.30 36.66 33.11
CA PRO A 293 -3.43 36.46 34.03
C PRO A 293 -3.13 36.93 35.44
N VAL A 294 -1.96 36.58 35.97
CA VAL A 294 -1.49 37.05 37.26
C VAL A 294 -0.25 37.89 37.02
N PRO A 295 -0.17 39.11 37.56
CA PRO A 295 1.04 39.92 37.37
C PRO A 295 2.25 39.20 37.94
N LEU A 296 3.41 39.44 37.32
CA LEU A 296 4.63 38.71 37.64
C LEU A 296 5.69 39.66 38.17
N GLU A 297 6.11 39.43 39.40
CA GLU A 297 7.34 39.99 39.95
C GLU A 297 8.51 39.08 39.55
N GLN A 298 9.52 39.64 38.88
CA GLN A 298 10.65 38.86 38.38
C GLN A 298 11.93 39.15 39.15
N THR A 299 12.70 38.10 39.41
CA THR A 299 14.05 38.23 39.92
C THR A 299 14.97 37.41 39.02
N TYR A 300 16.02 38.05 38.53
CA TYR A 300 17.08 37.37 37.82
C TYR A 300 18.32 37.44 38.67
N VAL A 301 18.96 36.29 38.89
CA VAL A 301 20.16 36.21 39.69
C VAL A 301 21.27 35.74 38.78
N GLY A 302 22.23 36.62 38.51
CA GLY A 302 23.33 36.27 37.64
C GLY A 302 24.64 36.09 38.40
N ILE A 303 25.12 34.85 38.46
CA ILE A 303 26.34 34.53 39.21
C ILE A 303 27.55 34.94 38.39
N THR A 304 28.50 35.61 39.03
CA THR A 304 29.76 35.97 38.40
C THR A 304 30.87 34.97 38.69
N GLU A 305 30.80 34.24 39.80
CA GLU A 305 31.82 33.25 40.16
C GLU A 305 32.00 32.23 39.04
N LYS A 306 33.22 32.16 38.49
CA LYS A 306 33.50 31.30 37.36
C LYS A 306 34.06 29.93 37.77
N LYS A 307 34.36 29.72 39.05
CA LYS A 307 34.95 28.46 39.51
C LYS A 307 33.86 27.47 39.87
N ALA A 308 33.98 26.25 39.32
CA ALA A 308 32.89 25.29 39.29
C ALA A 308 32.29 25.02 40.66
N ILE A 309 33.14 24.80 41.68
CA ILE A 309 32.63 24.28 42.94
C ILE A 309 32.09 25.39 43.83
N LYS A 310 32.76 26.55 43.85
CA LYS A 310 32.21 27.67 44.61
C LYS A 310 30.95 28.20 43.94
N ARG A 311 30.98 28.38 42.62
CA ARG A 311 29.75 28.68 41.89
C ARG A 311 28.65 27.68 42.24
N PHE A 312 29.02 26.41 42.45
CA PHE A 312 28.02 25.40 42.75
C PHE A 312 27.37 25.66 44.11
N GLN A 313 28.14 26.00 45.13
CA GLN A 313 27.50 26.21 46.42
C GLN A 313 26.93 27.61 46.56
N ILE A 314 27.46 28.60 45.83
CA ILE A 314 26.76 29.88 45.69
C ILE A 314 25.35 29.62 45.17
N MET A 315 25.22 28.71 44.21
CA MET A 315 23.91 28.38 43.65
C MET A 315 22.95 27.91 44.73
N ASN A 316 23.37 26.91 45.52
CA ASN A 316 22.52 26.40 46.58
C ASN A 316 22.29 27.44 47.67
N GLU A 317 23.26 28.31 47.90
CA GLU A 317 23.05 29.39 48.87
C GLU A 317 21.94 30.31 48.39
N ILE A 318 22.01 30.75 47.13
CA ILE A 318 20.96 31.58 46.57
C ILE A 318 19.60 30.89 46.69
N VAL A 319 19.56 29.60 46.32
CA VAL A 319 18.29 28.87 46.35
C VAL A 319 17.70 28.86 47.76
N TYR A 320 18.52 28.48 48.75
CA TYR A 320 18.04 28.41 50.13
C TYR A 320 17.54 29.78 50.62
N GLU A 321 18.36 30.82 50.43
CA GLU A 321 17.95 32.15 50.84
C GLU A 321 16.63 32.55 50.20
N LYS A 322 16.45 32.19 48.93
CA LYS A 322 15.20 32.52 48.25
C LYS A 322 14.05 31.66 48.78
N ILE A 323 14.29 30.36 49.00
CA ILE A 323 13.25 29.49 49.57
C ILE A 323 12.77 30.02 50.92
N MET A 324 13.69 30.50 51.77
CA MET A 324 13.26 30.94 53.10
C MET A 324 12.35 32.16 53.04
N GLU A 325 12.51 33.03 52.03
CA GLU A 325 11.64 34.19 51.89
C GLU A 325 10.21 33.74 51.58
N HIS A 326 10.01 32.42 51.48
CA HIS A 326 8.70 31.89 51.15
C HIS A 326 8.28 30.70 52.02
N ALA A 327 9.17 30.15 52.85
CA ALA A 327 8.83 28.99 53.66
C ALA A 327 7.62 29.30 54.53
N GLY A 328 6.58 28.48 54.42
CA GLY A 328 5.36 28.69 55.17
C GLY A 328 4.41 29.73 54.61
N LYS A 329 4.95 30.70 53.87
CA LYS A 329 4.13 31.75 53.26
C LYS A 329 3.57 31.33 51.89
N ASN A 330 4.46 30.93 50.98
CA ASN A 330 4.07 30.62 49.61
C ASN A 330 4.62 29.26 49.18
N GLN A 331 3.78 28.51 48.48
CA GLN A 331 4.23 27.31 47.79
C GLN A 331 5.33 27.67 46.79
N VAL A 332 6.39 26.85 46.77
CA VAL A 332 7.51 27.06 45.85
C VAL A 332 7.62 25.89 44.88
N LEU A 333 7.65 26.22 43.60
CA LEU A 333 7.95 25.25 42.55
C LEU A 333 9.35 25.53 42.04
N VAL A 334 10.24 24.56 42.18
CA VAL A 334 11.62 24.68 41.74
C VAL A 334 11.82 23.82 40.51
N PHE A 335 12.53 24.36 39.52
CA PHE A 335 12.78 23.67 38.26
C PHE A 335 14.28 23.37 38.11
N VAL A 336 14.61 22.11 37.82
CA VAL A 336 15.95 21.69 37.44
C VAL A 336 15.84 20.79 36.21
N HIS A 337 16.98 20.42 35.64
CA HIS A 337 16.97 19.85 34.30
C HIS A 337 17.58 18.46 34.19
N SER A 338 17.14 17.56 35.05
CA SER A 338 17.50 16.15 35.04
C SER A 338 16.46 15.45 35.86
N ARG A 339 16.22 14.17 35.56
CA ARG A 339 15.50 13.35 36.52
C ARG A 339 16.25 13.28 37.84
N LYS A 340 17.58 13.35 37.80
CA LYS A 340 18.44 13.06 38.93
C LYS A 340 18.61 14.24 39.89
N GLU A 341 18.88 15.44 39.34
CA GLU A 341 19.02 16.59 40.23
C GLU A 341 17.70 17.00 40.87
N THR A 342 16.57 16.48 40.37
CA THR A 342 15.29 16.63 41.05
C THR A 342 15.39 16.22 42.52
N GLY A 343 15.71 14.94 42.77
CA GLY A 343 15.88 14.49 44.14
C GLY A 343 17.04 15.16 44.84
N LYS A 344 18.17 15.33 44.14
CA LYS A 344 19.35 15.87 44.80
C LYS A 344 19.13 17.31 45.25
N THR A 345 18.37 18.08 44.48
CA THR A 345 18.03 19.43 44.91
C THR A 345 16.97 19.42 46.00
N ALA A 346 15.89 18.65 45.81
CA ALA A 346 14.88 18.53 46.85
C ALA A 346 15.49 18.09 48.18
N ARG A 347 16.43 17.14 48.12
CA ARG A 347 17.11 16.73 49.35
C ARG A 347 18.05 17.82 49.86
N ALA A 348 18.81 18.46 48.97
CA ALA A 348 19.72 19.51 49.40
C ALA A 348 18.98 20.63 50.15
N ILE A 349 17.80 20.98 49.67
CA ILE A 349 17.01 22.03 50.33
C ILE A 349 16.47 21.51 51.65
N ARG A 350 15.74 20.39 51.62
CA ARG A 350 15.19 19.81 52.84
C ARG A 350 16.26 19.56 53.89
N ASP A 351 17.51 19.35 53.46
CA ASP A 351 18.55 18.97 54.41
C ASP A 351 19.17 20.17 55.09
N MET A 352 19.42 21.25 54.35
CA MET A 352 20.03 22.36 55.06
C MET A 352 19.02 23.21 55.81
N CYS A 353 17.72 22.96 55.60
CA CYS A 353 16.72 23.42 56.54
C CYS A 353 16.86 22.66 57.86
N LEU A 354 17.08 21.35 57.77
CA LEU A 354 17.32 20.53 58.96
C LEU A 354 18.53 21.05 59.73
N GLU A 355 19.64 21.25 59.02
CA GLU A 355 20.87 21.73 59.65
C GLU A 355 20.63 23.03 60.40
N LYS A 356 19.78 23.91 59.85
CA LYS A 356 19.49 25.19 60.48
C LYS A 356 18.11 25.21 61.13
N ASP A 357 17.49 24.04 61.33
CA ASP A 357 16.24 23.90 62.07
C ASP A 357 15.16 24.87 61.57
N THR A 358 14.82 24.74 60.28
CA THR A 358 13.83 25.62 59.68
C THR A 358 12.68 24.87 59.01
N LEU A 359 12.58 23.55 59.17
CA LEU A 359 11.47 22.81 58.58
C LEU A 359 10.14 23.16 59.24
N GLY A 360 10.18 23.64 60.47
CA GLY A 360 8.97 24.03 61.15
C GLY A 360 8.23 25.18 60.48
N LEU A 361 8.94 25.99 59.69
CA LEU A 361 8.25 27.05 58.98
C LEU A 361 7.40 26.47 57.84
N PHE A 362 7.79 25.33 57.30
CA PHE A 362 7.04 24.75 56.19
C PHE A 362 5.72 24.14 56.66
N LEU A 363 5.71 23.48 57.81
CA LEU A 363 4.54 22.75 58.29
C LEU A 363 4.07 23.27 59.64
N ARG A 364 2.81 22.97 59.94
CA ARG A 364 1.97 23.74 60.86
C ARG A 364 1.90 23.12 62.26
N GLU A 365 2.98 22.48 62.71
CA GLU A 365 3.10 21.90 64.05
C GLU A 365 1.96 20.94 64.39
N GLY A 366 1.17 20.54 63.41
CA GLY A 366 -0.10 19.92 63.67
C GLY A 366 -1.17 20.57 62.81
N SER A 367 -1.09 20.37 61.51
CA SER A 367 -2.08 20.89 60.59
C SER A 367 -3.08 19.80 60.23
N ALA A 368 -4.10 20.19 59.47
CA ALA A 368 -4.83 19.19 58.71
C ALA A 368 -3.91 18.56 57.69
N SER A 369 -2.99 19.35 57.13
CA SER A 369 -2.13 18.89 56.05
C SER A 369 -1.01 17.99 56.54
N THR A 370 -0.35 18.33 57.66
CA THR A 370 0.80 17.55 58.11
C THR A 370 0.49 16.07 58.21
N GLU A 371 -0.74 15.71 58.55
CA GLU A 371 -1.07 14.29 58.53
C GLU A 371 -1.56 13.83 57.18
N VAL A 372 -2.22 14.70 56.38
CA VAL A 372 -2.63 14.29 55.03
C VAL A 372 -1.42 13.81 54.23
N LEU A 373 -0.25 14.38 54.48
CA LEU A 373 0.92 13.89 53.79
C LEU A 373 1.65 12.78 54.55
N ARG A 374 1.57 12.73 55.88
CA ARG A 374 2.02 11.53 56.58
C ARG A 374 1.24 10.30 56.09
N THR A 375 -0.09 10.45 56.00
CA THR A 375 -0.94 9.35 55.54
C THR A 375 -0.54 8.88 54.15
N GLU A 376 -0.49 9.80 53.19
CA GLU A 376 -0.22 9.46 51.80
C GLU A 376 1.24 9.07 51.56
N ALA A 377 2.17 9.52 52.43
CA ALA A 377 3.58 9.20 52.24
C ALA A 377 3.86 7.75 52.53
N GLU A 378 3.29 7.23 53.62
CA GLU A 378 3.49 5.84 53.98
C GLU A 378 2.86 4.88 52.98
N GLN A 379 1.93 5.37 52.16
CA GLN A 379 1.22 4.55 51.18
C GLN A 379 1.63 4.87 49.75
N CYS A 380 2.70 5.65 49.55
CA CYS A 380 3.02 6.24 48.27
C CYS A 380 3.92 5.36 47.40
N LYS A 381 4.67 4.45 48.01
CA LYS A 381 5.32 3.27 47.43
C LYS A 381 6.71 3.51 46.84
N ASN A 382 7.21 4.75 46.76
CA ASN A 382 8.52 4.94 46.14
C ASN A 382 9.48 5.71 47.04
N LEU A 383 10.77 5.49 46.80
CA LEU A 383 11.83 5.84 47.74
C LEU A 383 11.98 7.35 47.90
N GLU A 384 12.28 8.03 46.78
CA GLU A 384 12.56 9.45 46.85
C GLU A 384 11.39 10.22 47.43
N LEU A 385 10.16 9.82 47.08
CA LEU A 385 9.00 10.58 47.53
C LEU A 385 8.66 10.30 48.99
N LYS A 386 8.63 9.02 49.39
CA LYS A 386 8.32 8.67 50.77
C LYS A 386 9.20 9.43 51.76
N ASP A 387 10.45 9.68 51.38
CA ASP A 387 11.39 10.40 52.25
C ASP A 387 10.99 11.86 52.44
N LEU A 388 10.55 12.53 51.37
CA LEU A 388 10.34 13.98 51.43
C LEU A 388 8.91 14.39 51.79
N LEU A 389 7.93 13.54 51.49
CA LEU A 389 6.55 13.97 51.55
C LEU A 389 6.05 14.36 52.94
N PRO A 390 6.53 13.80 54.06
CA PRO A 390 6.10 14.31 55.37
C PRO A 390 6.64 15.70 55.68
N TYR A 391 7.68 16.15 54.99
CA TYR A 391 8.32 17.44 55.23
C TYR A 391 7.73 18.57 54.40
N GLY A 392 6.66 18.32 53.64
CA GLY A 392 6.11 19.29 52.72
C GLY A 392 6.80 19.36 51.38
N PHE A 393 7.74 18.45 51.11
CA PHE A 393 8.54 18.43 49.89
C PHE A 393 8.07 17.33 48.95
N ALA A 394 8.40 17.48 47.68
CA ALA A 394 8.03 16.47 46.70
C ALA A 394 8.87 16.66 45.45
N ILE A 395 8.87 15.62 44.60
CA ILE A 395 9.51 15.68 43.29
C ILE A 395 8.52 15.21 42.24
N HIS A 396 8.87 15.46 40.99
CA HIS A 396 8.00 15.15 39.86
C HIS A 396 8.84 15.12 38.60
N HIS A 397 8.83 13.99 37.88
CA HIS A 397 9.54 13.84 36.63
C HIS A 397 9.01 12.58 35.95
N ALA A 398 9.41 12.38 34.69
CA ALA A 398 8.87 11.31 33.87
C ALA A 398 9.55 9.96 34.12
N GLY A 399 10.54 9.89 35.02
CA GLY A 399 11.16 8.64 35.38
C GLY A 399 10.47 7.89 36.51
N MET A 400 9.42 8.49 37.08
CA MET A 400 8.61 7.86 38.12
C MET A 400 7.23 7.51 37.56
N THR A 401 6.35 7.01 38.43
CA THR A 401 5.00 6.51 38.16
C THR A 401 4.13 7.44 37.33
N ARG A 402 2.87 7.07 37.11
CA ARG A 402 1.85 8.06 36.78
C ARG A 402 0.94 8.37 37.95
N VAL A 403 0.68 7.43 38.85
CA VAL A 403 -0.16 7.78 39.99
C VAL A 403 0.63 8.34 41.17
N ASP A 404 1.96 8.16 41.22
CA ASP A 404 2.76 8.98 42.13
C ASP A 404 2.78 10.43 41.67
N ARG A 405 2.91 10.62 40.36
CA ARG A 405 2.81 11.96 39.79
C ARG A 405 1.40 12.53 39.98
N THR A 406 0.38 11.71 39.74
CA THR A 406 -0.99 12.07 40.14
C THR A 406 -1.07 12.36 41.64
N LEU A 407 -0.26 11.66 42.45
CA LEU A 407 -0.21 11.96 43.88
C LEU A 407 0.39 13.34 44.11
N VAL A 408 1.52 13.62 43.46
CA VAL A 408 2.21 14.88 43.69
C VAL A 408 1.36 16.04 43.20
N GLU A 409 0.75 15.90 42.01
CA GLU A 409 -0.10 16.97 41.48
C GLU A 409 -1.33 17.19 42.36
N ASP A 410 -1.93 16.11 42.85
CA ASP A 410 -3.12 16.24 43.71
C ASP A 410 -2.76 16.91 45.02
N LEU A 411 -1.70 16.44 45.68
CA LEU A 411 -1.33 17.03 46.96
C LEU A 411 -0.95 18.49 46.81
N PHE A 412 -0.14 18.81 45.79
CA PHE A 412 0.16 20.22 45.50
C PHE A 412 -1.13 21.00 45.24
N ALA A 413 -2.04 20.44 44.46
CA ALA A 413 -3.26 21.15 44.08
C ALA A 413 -4.04 21.61 45.30
N ASP A 414 -4.23 20.72 46.27
CA ASP A 414 -4.90 21.10 47.50
C ASP A 414 -3.97 21.79 48.49
N LYS A 415 -2.92 22.44 47.99
CA LYS A 415 -2.04 23.32 48.79
C LYS A 415 -1.30 22.54 49.87
N HIS A 416 -1.01 21.26 49.64
CA HIS A 416 -0.44 20.43 50.69
C HIS A 416 1.09 20.36 50.67
N ILE A 417 1.69 20.17 49.50
CA ILE A 417 3.15 20.22 49.35
C ILE A 417 3.60 21.69 49.38
N GLN A 418 4.73 21.96 50.03
CA GLN A 418 5.25 23.33 50.15
C GLN A 418 6.34 23.64 49.15
N VAL A 419 7.23 22.68 48.90
CA VAL A 419 8.31 22.83 47.94
C VAL A 419 8.25 21.63 47.00
N LEU A 420 8.19 21.88 45.70
CA LEU A 420 8.15 20.83 44.70
C LEU A 420 9.25 21.07 43.69
N VAL A 421 10.21 20.16 43.61
CA VAL A 421 11.28 20.22 42.61
C VAL A 421 10.87 19.36 41.43
N SER A 422 11.00 19.90 40.22
CA SER A 422 10.56 19.18 39.04
C SER A 422 11.34 19.68 37.84
N THR A 423 10.99 19.21 36.67
N THR A 423 10.97 19.20 36.66
CA THR A 423 11.67 19.60 35.44
CA THR A 423 11.62 19.46 35.39
C THR A 423 10.67 20.22 34.46
C THR A 423 10.66 20.18 34.45
N ALA A 424 11.15 20.49 33.24
CA ALA A 424 10.34 21.22 32.26
C ALA A 424 9.10 20.45 31.85
N THR A 425 9.13 19.12 31.95
CA THR A 425 8.01 18.31 31.50
C THR A 425 6.74 18.65 32.27
N LEU A 426 6.86 18.86 33.58
CA LEU A 426 5.71 19.28 34.37
C LEU A 426 5.12 20.59 33.84
N ALA A 427 5.99 21.53 33.48
CA ALA A 427 5.51 22.82 33.00
C ALA A 427 4.68 22.68 31.73
N TRP A 428 5.05 21.75 30.86
CA TRP A 428 4.39 21.59 29.57
C TRP A 428 3.15 20.71 29.64
N GLY A 429 3.19 19.65 30.45
CA GLY A 429 2.20 18.60 30.38
C GLY A 429 1.09 18.62 31.41
N VAL A 430 1.30 19.32 32.52
CA VAL A 430 0.29 19.43 33.60
C VAL A 430 -0.04 20.90 33.81
N ASN A 431 -1.31 21.17 34.14
CA ASN A 431 -1.76 22.51 34.49
C ASN A 431 -1.59 22.67 35.99
N LEU A 432 -0.41 23.13 36.40
CA LEU A 432 0.01 23.13 37.80
C LEU A 432 0.73 24.43 38.13
N PRO A 433 -0.01 25.49 38.44
CA PRO A 433 0.63 26.74 38.85
C PRO A 433 1.12 26.72 40.29
N ALA A 434 2.11 27.58 40.56
CA ALA A 434 2.64 27.80 41.90
C ALA A 434 2.86 29.30 42.10
N HIS A 435 2.67 29.74 43.34
CA HIS A 435 2.85 31.17 43.62
C HIS A 435 4.27 31.59 43.28
N THR A 436 5.26 30.78 43.66
CA THR A 436 6.66 31.09 43.48
C THR A 436 7.31 30.03 42.62
N VAL A 437 8.05 30.46 41.60
CA VAL A 437 8.78 29.57 40.71
C VAL A 437 10.26 29.95 40.77
N ILE A 438 11.11 28.93 40.92
CA ILE A 438 12.55 29.10 40.88
C ILE A 438 13.11 28.19 39.80
N ILE A 439 13.87 28.79 38.89
CA ILE A 439 14.61 28.08 37.87
C ILE A 439 16.05 28.00 38.35
N LYS A 440 16.43 26.86 38.92
CA LYS A 440 17.78 26.67 39.48
C LYS A 440 18.74 26.40 38.34
N GLY A 441 19.44 27.45 37.88
CA GLY A 441 20.37 27.28 36.77
C GLY A 441 19.66 27.14 35.44
N THR A 442 20.28 27.64 34.36
CA THR A 442 19.68 27.60 33.03
C THR A 442 20.53 26.79 32.05
N GLN A 443 21.37 25.91 32.54
CA GLN A 443 22.23 25.11 31.69
C GLN A 443 21.76 23.67 31.68
N VAL A 444 21.77 23.07 30.49
CA VAL A 444 21.26 21.72 30.28
C VAL A 444 22.24 20.99 29.38
N TYR A 445 22.32 19.67 29.54
CA TYR A 445 23.22 18.90 28.70
C TYR A 445 22.52 18.55 27.39
N SER A 446 23.16 18.86 26.26
CA SER A 446 22.61 18.55 24.96
C SER A 446 23.43 17.47 24.25
N PRO A 447 22.94 16.24 24.15
CA PRO A 447 23.66 15.24 23.32
C PRO A 447 23.75 15.67 21.87
N GLU A 448 22.73 16.34 21.34
CA GLU A 448 22.78 16.82 19.96
C GLU A 448 24.01 17.69 19.73
N LYS A 449 24.27 18.62 20.63
CA LYS A 449 25.39 19.51 20.43
C LYS A 449 26.66 18.95 21.05
N GLY A 450 26.55 17.87 21.82
CA GLY A 450 27.71 17.26 22.44
C GLY A 450 28.28 18.08 23.56
N ARG A 451 27.45 18.87 24.24
CA ARG A 451 27.95 19.75 25.28
C ARG A 451 26.78 20.34 26.06
N TRP A 452 27.14 21.02 27.15
CA TRP A 452 26.17 21.82 27.88
C TRP A 452 25.81 23.05 27.07
N THR A 453 24.53 23.42 27.12
CA THR A 453 24.06 24.70 26.57
C THR A 453 22.99 25.27 27.49
N GLU A 454 22.49 26.42 27.05
CA GLU A 454 21.40 27.08 27.74
C GLU A 454 20.07 26.40 27.41
N LEU A 455 19.12 26.49 28.34
CA LEU A 455 17.76 26.08 28.02
C LEU A 455 17.22 26.88 26.84
N GLY A 456 16.36 26.24 26.03
CA GLY A 456 15.68 26.96 24.98
C GLY A 456 14.71 28.00 25.53
N ALA A 457 14.45 29.00 24.68
CA ALA A 457 13.46 30.03 25.02
C ALA A 457 12.13 29.42 25.47
N LEU A 458 11.57 28.51 24.66
CA LEU A 458 10.24 27.95 24.96
C LEU A 458 10.17 27.36 26.36
N ASP A 459 11.17 26.55 26.72
CA ASP A 459 11.23 26.02 28.07
C ASP A 459 11.19 27.13 29.13
N ILE A 460 12.08 28.13 29.01
CA ILE A 460 12.13 29.17 30.04
C ILE A 460 10.77 29.86 30.15
N LEU A 461 10.19 30.25 29.01
CA LEU A 461 8.89 30.90 29.01
C LEU A 461 7.85 30.03 29.71
N GLN A 462 7.84 28.74 29.39
CA GLN A 462 6.81 27.87 29.93
C GLN A 462 6.93 27.75 31.45
N MET A 463 8.16 27.65 31.96
CA MET A 463 8.34 27.50 33.40
C MET A 463 7.91 28.75 34.14
N LEU A 464 8.44 29.91 33.75
CA LEU A 464 8.07 31.13 34.46
C LEU A 464 6.61 31.49 34.24
N GLY A 465 6.02 31.05 33.10
CA GLY A 465 4.59 31.18 32.93
C GLY A 465 3.80 30.56 34.08
N ARG A 466 4.33 29.52 34.69
CA ARG A 466 3.66 28.80 35.76
C ARG A 466 3.67 29.52 37.11
N ALA A 467 4.26 30.72 37.21
CA ALA A 467 4.28 31.49 38.43
C ALA A 467 3.03 32.38 38.51
N GLY A 468 2.33 32.31 39.65
CA GLY A 468 1.10 33.04 39.87
C GLY A 468 -0.12 32.19 39.56
N ARG A 469 -0.77 31.65 40.61
CA ARG A 469 -1.95 30.82 40.40
C ARG A 469 -3.15 31.68 40.03
N PRO A 470 -3.92 31.31 39.00
CA PRO A 470 -4.88 32.26 38.42
C PRO A 470 -5.94 32.78 39.38
N GLN A 471 -6.37 32.00 40.36
CA GLN A 471 -7.43 32.47 41.26
C GLN A 471 -6.91 32.90 42.63
N TYR A 472 -5.97 32.13 43.19
CA TYR A 472 -5.44 32.34 44.53
C TYR A 472 -4.56 33.56 44.72
N ASP A 473 -3.82 33.95 43.70
CA ASP A 473 -2.68 34.81 43.92
C ASP A 473 -2.97 36.19 43.38
N THR A 474 -2.48 37.20 44.09
CA THR A 474 -2.51 38.57 43.62
C THR A 474 -1.35 38.84 42.66
N LYS A 475 -0.22 38.14 42.86
CA LYS A 475 0.91 38.19 41.94
C LYS A 475 1.68 36.88 42.01
N GLY A 476 2.50 36.64 40.99
CA GLY A 476 3.42 35.51 41.00
C GLY A 476 4.85 35.99 41.15
N GLU A 477 5.77 35.12 41.55
CA GLU A 477 7.16 35.52 41.76
C GLU A 477 8.08 34.51 41.08
N GLY A 478 8.57 34.87 39.89
CA GLY A 478 9.51 34.04 39.17
C GLY A 478 10.94 34.44 39.49
N ILE A 479 11.74 33.45 39.85
CA ILE A 479 13.15 33.64 40.18
C ILE A 479 13.96 32.76 39.25
N LEU A 480 14.84 33.39 38.47
CA LEU A 480 15.68 32.72 37.48
C LEU A 480 17.13 32.92 37.90
N ILE A 481 17.83 31.82 38.21
CA ILE A 481 19.23 31.86 38.56
C ILE A 481 20.03 31.37 37.37
N THR A 482 21.00 32.19 36.92
CA THR A 482 21.78 31.86 35.74
C THR A 482 23.19 32.39 35.91
N SER A 483 23.98 32.35 34.84
CA SER A 483 25.29 32.97 34.80
C SER A 483 25.11 34.44 34.45
N HIS A 484 25.97 35.29 35.05
CA HIS A 484 25.79 36.74 34.94
C HIS A 484 25.86 37.23 33.49
N GLY A 485 26.63 36.56 32.65
CA GLY A 485 26.67 36.99 31.25
C GLY A 485 25.42 36.64 30.48
N GLU A 486 24.49 35.90 31.08
CA GLU A 486 23.24 35.54 30.44
C GLU A 486 22.09 36.46 30.85
N LEU A 487 22.36 37.45 31.70
CA LEU A 487 21.29 38.27 32.25
C LEU A 487 20.54 39.04 31.17
N GLN A 488 21.27 39.72 30.28
CA GLN A 488 20.59 40.48 29.23
C GLN A 488 19.68 39.58 28.39
N TYR A 489 20.14 38.36 28.06
CA TYR A 489 19.30 37.45 27.31
C TYR A 489 18.00 37.13 28.05
N TYR A 490 18.10 36.78 29.34
CA TYR A 490 16.84 36.33 29.95
C TYR A 490 15.94 37.51 30.24
N LEU A 491 16.55 38.67 30.53
CA LEU A 491 15.79 39.91 30.65
C LEU A 491 15.05 40.24 29.36
N SER A 492 15.66 39.97 28.20
CA SER A 492 15.00 40.31 26.94
C SER A 492 13.89 39.34 26.61
N LEU A 493 14.15 38.04 26.83
CA LEU A 493 13.16 37.02 26.54
C LEU A 493 11.87 37.26 27.30
N LEU A 494 11.97 37.67 28.56
CA LEU A 494 10.78 37.79 29.40
C LEU A 494 10.19 39.19 29.47
N ASN A 495 10.75 40.15 28.76
CA ASN A 495 10.23 41.52 28.70
C ASN A 495 10.11 41.97 27.26
N GLN A 496 9.60 41.07 26.41
CA GLN A 496 9.05 41.43 25.11
C GLN A 496 10.09 41.89 24.13
N GLN A 497 11.38 41.57 24.35
CA GLN A 497 12.39 42.19 23.52
C GLN A 497 13.38 41.23 22.88
N LEU A 498 13.19 39.92 22.98
CA LEU A 498 14.08 38.99 22.29
C LEU A 498 13.53 38.69 20.89
N PRO A 499 14.10 39.23 19.82
CA PRO A 499 13.47 39.13 18.49
C PRO A 499 13.48 37.70 17.95
N ILE A 500 12.41 37.36 17.25
CA ILE A 500 12.24 36.05 16.63
C ILE A 500 12.93 36.09 15.28
N GLU A 501 13.97 35.28 15.12
CA GLU A 501 14.76 35.21 13.90
C GLU A 501 14.51 33.88 13.22
N SER A 502 15.03 33.74 12.00
CA SER A 502 14.92 32.49 11.25
C SER A 502 16.20 31.68 11.43
N GLN A 503 16.05 30.38 11.72
CA GLN A 503 17.21 29.49 11.85
C GLN A 503 17.38 28.57 10.65
N MET A 504 16.91 28.95 9.45
CA MET A 504 16.76 27.87 8.49
C MET A 504 17.87 27.75 7.45
N VAL A 505 18.85 28.67 7.40
CA VAL A 505 19.89 28.59 6.37
C VAL A 505 20.63 27.26 6.43
N SER A 506 20.86 26.74 7.64
CA SER A 506 21.57 25.46 7.75
C SER A 506 20.68 24.32 7.26
N LYS A 507 19.42 24.30 7.71
CA LYS A 507 18.51 23.26 7.28
C LYS A 507 18.13 23.39 5.82
N LEU A 508 18.53 24.45 5.13
CA LEU A 508 18.06 24.66 3.76
C LEU A 508 18.25 23.43 2.85
N PRO A 509 19.43 22.79 2.78
CA PRO A 509 19.56 21.60 1.91
C PRO A 509 18.56 20.51 2.19
N ASP A 510 18.36 20.13 3.46
CA ASP A 510 17.43 19.03 3.72
C ASP A 510 15.99 19.41 3.37
N MET A 511 15.57 20.64 3.66
CA MET A 511 14.16 20.97 3.39
C MET A 511 13.91 21.22 1.92
N LEU A 512 14.93 21.67 1.18
CA LEU A 512 14.80 21.80 -0.26
C LEU A 512 14.64 20.42 -0.91
N ASN A 513 15.37 19.42 -0.40
CA ASN A 513 15.28 18.08 -0.94
C ASN A 513 13.91 17.51 -0.69
N ALA A 514 13.34 17.79 0.48
CA ALA A 514 12.00 17.36 0.80
C ALA A 514 11.00 17.90 -0.24
N GLU A 515 11.14 19.17 -0.62
CA GLU A 515 10.26 19.75 -1.63
C GLU A 515 10.52 19.16 -3.01
N ILE A 516 11.80 18.86 -3.32
CA ILE A 516 12.11 18.22 -4.58
C ILE A 516 11.50 16.83 -4.62
N VAL A 517 11.62 16.08 -3.51
CA VAL A 517 11.13 14.72 -3.48
C VAL A 517 9.62 14.70 -3.71
N LEU A 518 8.93 15.70 -3.16
CA LEU A 518 7.49 15.81 -3.26
C LEU A 518 7.03 16.19 -4.66
N GLY A 519 7.93 16.64 -5.52
CA GLY A 519 7.55 17.22 -6.77
C GLY A 519 7.11 18.67 -6.69
N ASN A 520 7.07 19.27 -5.49
CA ASN A 520 6.63 20.66 -5.41
C ASN A 520 7.64 21.61 -6.04
N VAL A 521 8.90 21.22 -6.05
CA VAL A 521 10.00 22.01 -6.57
C VAL A 521 10.73 21.14 -7.58
N GLN A 522 10.64 21.50 -8.86
CA GLN A 522 11.26 20.74 -9.93
C GLN A 522 12.45 21.44 -10.55
N ASN A 523 12.70 22.70 -10.18
CA ASN A 523 13.86 23.42 -10.70
C ASN A 523 14.18 24.57 -9.77
N ALA A 524 15.28 25.25 -10.07
CA ALA A 524 15.76 26.33 -9.22
C ALA A 524 14.77 27.49 -9.14
N LYS A 525 13.98 27.75 -10.20
CA LYS A 525 12.96 28.79 -10.14
C LYS A 525 11.85 28.43 -9.14
N ASP A 526 11.35 27.18 -9.21
CA ASP A 526 10.39 26.72 -8.21
C ASP A 526 10.94 26.94 -6.81
N ALA A 527 12.22 26.63 -6.60
CA ALA A 527 12.78 26.71 -5.27
C ALA A 527 12.92 28.16 -4.81
N VAL A 528 13.22 29.08 -5.74
CA VAL A 528 13.23 30.50 -5.42
C VAL A 528 11.83 30.93 -4.99
N ASN A 529 10.81 30.42 -5.70
CA ASN A 529 9.44 30.68 -5.33
C ASN A 529 9.12 30.11 -3.95
N TRP A 530 9.56 28.89 -3.71
CA TRP A 530 9.29 28.26 -2.44
C TRP A 530 9.97 29.02 -1.31
N LEU A 531 11.25 29.36 -1.52
CA LEU A 531 11.98 30.13 -0.52
C LEU A 531 11.31 31.47 -0.21
N GLY A 532 10.59 32.05 -1.18
CA GLY A 532 9.83 33.25 -0.91
C GLY A 532 8.73 33.07 0.13
N TYR A 533 8.40 31.84 0.48
CA TYR A 533 7.36 31.62 1.48
C TYR A 533 7.93 31.41 2.86
N ALA A 534 9.24 31.29 2.97
CA ALA A 534 9.92 31.02 4.22
C ALA A 534 9.95 32.27 5.11
N TYR A 535 9.91 32.03 6.41
CA TYR A 535 10.15 33.10 7.36
C TYR A 535 11.55 33.71 7.18
N LEU A 536 12.53 32.89 6.80
CA LEU A 536 13.86 33.38 6.45
C LEU A 536 13.79 34.51 5.43
N TYR A 537 12.95 34.35 4.42
CA TYR A 537 12.90 35.32 3.34
C TYR A 537 12.41 36.65 3.86
N ILE A 538 11.34 36.62 4.66
CA ILE A 538 10.77 37.84 5.22
C ILE A 538 11.79 38.58 6.06
N ARG A 539 12.50 37.86 6.93
CA ARG A 539 13.51 38.48 7.79
C ARG A 539 14.67 39.05 6.96
N MET A 540 15.02 38.38 5.85
CA MET A 540 16.07 38.88 4.97
C MET A 540 15.68 40.22 4.36
N LEU A 541 14.44 40.34 3.89
CA LEU A 541 13.96 41.60 3.33
C LEU A 541 13.93 42.71 4.37
N ARG A 542 13.64 42.37 5.63
N ARG A 542 13.61 42.36 5.62
CA ARG A 542 13.41 43.43 6.60
CA ARG A 542 13.41 43.38 6.64
C ARG A 542 14.62 43.71 7.48
C ARG A 542 14.71 43.75 7.33
N SER A 543 15.58 42.78 7.57
CA SER A 543 16.84 42.99 8.28
C SER A 543 17.96 42.31 7.51
N PRO A 544 18.25 42.81 6.30
CA PRO A 544 19.27 42.17 5.45
C PRO A 544 20.60 41.97 6.14
N THR A 545 21.00 42.96 6.92
CA THR A 545 22.31 42.98 7.54
C THR A 545 22.49 41.81 8.50
N LEU A 546 21.44 41.49 9.26
CA LEU A 546 21.45 40.35 10.16
C LEU A 546 21.67 39.04 9.41
N TYR A 547 21.26 38.97 8.15
CA TYR A 547 21.32 37.74 7.39
C TYR A 547 22.45 37.70 6.38
N GLY A 548 23.40 38.64 6.46
CA GLY A 548 24.60 38.59 5.64
C GLY A 548 24.50 39.29 4.31
N ILE A 549 23.57 40.23 4.18
CA ILE A 549 23.29 40.96 2.93
C ILE A 549 23.57 42.43 3.19
N SER A 550 24.40 43.04 2.32
CA SER A 550 24.61 44.48 2.41
C SER A 550 23.30 45.23 2.16
N HIS A 551 23.24 46.49 2.60
N HIS A 551 23.23 46.49 2.60
CA HIS A 551 22.15 47.35 2.19
CA HIS A 551 22.11 47.32 2.16
C HIS A 551 22.32 47.80 0.74
C HIS A 551 22.32 47.79 0.73
N ASP A 552 23.58 47.90 0.29
CA ASP A 552 23.85 48.12 -1.14
C ASP A 552 23.33 46.94 -1.95
N ASP A 553 23.56 45.71 -1.48
CA ASP A 553 23.18 44.53 -2.23
C ASP A 553 21.68 44.31 -2.22
N LEU A 554 21.01 44.57 -1.08
CA LEU A 554 19.55 44.42 -1.02
C LEU A 554 18.90 45.25 -2.10
N LYS A 555 19.59 46.24 -2.57
CA LYS A 555 18.94 47.32 -3.23
C LYS A 555 19.19 47.31 -4.73
N GLY A 556 20.25 46.62 -5.13
CA GLY A 556 20.43 46.15 -6.46
C GLY A 556 19.72 44.85 -6.73
N ASP A 557 18.86 44.45 -5.79
CA ASP A 557 18.24 43.14 -5.72
C ASP A 557 17.08 43.21 -4.73
N PRO A 558 16.10 44.09 -4.96
CA PRO A 558 15.15 44.43 -3.87
C PRO A 558 14.16 43.33 -3.53
N LEU A 559 13.90 42.37 -4.41
CA LEU A 559 13.13 41.19 -3.99
C LEU A 559 14.02 40.05 -3.52
N LEU A 560 15.33 40.28 -3.44
CA LEU A 560 16.31 39.26 -3.08
C LEU A 560 16.21 38.07 -4.03
N ASP A 561 15.95 38.41 -5.30
CA ASP A 561 15.90 37.41 -6.37
C ASP A 561 17.23 36.71 -6.52
N GLN A 562 18.30 37.48 -6.71
CA GLN A 562 19.64 36.94 -6.87
C GLN A 562 20.06 36.15 -5.64
N ARG A 563 19.82 36.72 -4.46
CA ARG A 563 20.24 36.08 -3.22
C ARG A 563 19.58 34.71 -3.07
N ARG A 564 18.29 34.64 -3.37
CA ARG A 564 17.61 33.36 -3.25
C ARG A 564 18.16 32.35 -4.25
N LEU A 565 18.43 32.79 -5.49
CA LEU A 565 19.05 31.88 -6.46
C LEU A 565 20.39 31.37 -5.97
N ASP A 566 21.20 32.24 -5.37
CA ASP A 566 22.49 31.83 -4.84
C ASP A 566 22.33 30.79 -3.74
N LEU A 567 21.42 31.05 -2.80
CA LEU A 567 21.16 30.11 -1.71
C LEU A 567 20.75 28.77 -2.26
N VAL A 568 19.81 28.80 -3.22
CA VAL A 568 19.27 27.59 -3.82
C VAL A 568 20.35 26.88 -4.60
N HIS A 569 21.09 27.64 -5.40
CA HIS A 569 22.28 27.13 -6.08
C HIS A 569 23.19 26.39 -5.09
N THR A 570 23.58 27.08 -4.02
CA THR A 570 24.45 26.49 -3.02
C THR A 570 23.86 25.20 -2.46
N ALA A 571 22.59 25.24 -2.01
CA ALA A 571 21.99 24.02 -1.47
C ALA A 571 21.92 22.90 -2.52
N ALA A 572 21.54 23.24 -3.75
CA ALA A 572 21.40 22.21 -4.77
C ALA A 572 22.73 21.53 -5.04
N LEU A 573 23.81 22.32 -5.06
CA LEU A 573 25.14 21.74 -5.25
C LEU A 573 25.48 20.78 -4.12
N MET A 574 25.09 21.11 -2.88
CA MET A 574 25.34 20.19 -1.78
C MET A 574 24.55 18.92 -1.96
N LEU A 575 23.29 19.04 -2.37
CA LEU A 575 22.46 17.85 -2.58
C LEU A 575 23.02 16.99 -3.71
N ASP A 576 23.51 17.63 -4.77
CA ASP A 576 24.04 16.91 -5.91
C ASP A 576 25.35 16.21 -5.58
N LYS A 577 26.24 16.89 -4.84
CA LYS A 577 27.50 16.28 -4.43
C LYS A 577 27.27 15.04 -3.57
N ASN A 578 26.23 15.06 -2.74
CA ASN A 578 25.85 13.92 -1.91
C ASN A 578 24.87 12.93 -2.59
N ASN A 579 24.58 13.11 -3.89
CA ASN A 579 23.79 12.15 -4.70
C ASN A 579 22.33 12.05 -4.26
N LEU A 580 21.79 13.05 -3.58
CA LEU A 580 20.37 13.03 -3.31
C LEU A 580 19.58 13.52 -4.51
N VAL A 581 20.16 14.44 -5.26
CA VAL A 581 19.54 15.12 -6.38
C VAL A 581 20.58 15.14 -7.51
N LYS A 582 20.10 15.08 -8.73
CA LYS A 582 20.96 15.42 -9.87
C LYS A 582 20.58 16.82 -10.34
N TYR A 583 21.54 17.72 -10.33
CA TYR A 583 21.31 19.14 -10.56
C TYR A 583 22.04 19.56 -11.82
N ASP A 584 21.26 19.97 -12.82
CA ASP A 584 21.77 20.57 -14.06
C ASP A 584 21.87 22.08 -13.87
N LYS A 585 23.10 22.60 -13.76
CA LYS A 585 23.27 24.03 -13.49
C LYS A 585 22.79 24.89 -14.67
N LYS A 586 22.88 24.37 -15.89
CA LYS A 586 22.51 25.13 -17.07
C LYS A 586 21.01 25.46 -17.05
N THR A 587 20.17 24.44 -16.90
CA THR A 587 18.72 24.60 -16.90
C THR A 587 18.13 24.86 -15.52
N GLY A 588 18.90 24.65 -14.45
CA GLY A 588 18.34 24.71 -13.13
C GLY A 588 17.42 23.56 -12.76
N ASN A 589 17.34 22.51 -13.59
CA ASN A 589 16.42 21.43 -13.29
C ASN A 589 17.00 20.53 -12.20
N PHE A 590 16.09 20.05 -11.35
CA PHE A 590 16.34 19.08 -10.29
C PHE A 590 15.74 17.75 -10.68
N GLN A 591 16.49 16.67 -10.47
CA GLN A 591 15.99 15.32 -10.69
C GLN A 591 16.02 14.55 -9.38
N VAL A 592 14.91 13.95 -9.03
CA VAL A 592 14.80 13.22 -7.78
C VAL A 592 15.53 11.88 -7.92
N THR A 593 16.01 11.36 -6.80
CA THR A 593 16.61 10.05 -6.71
C THR A 593 15.99 9.31 -5.54
N GLU A 594 16.30 8.01 -5.49
CA GLU A 594 15.78 7.17 -4.43
C GLU A 594 16.49 7.43 -3.11
N LEU A 595 17.81 7.62 -3.15
CA LEU A 595 18.57 8.12 -2.01
C LEU A 595 17.93 9.39 -1.46
N GLY A 596 17.66 10.36 -2.35
CA GLY A 596 16.99 11.58 -1.91
C GLY A 596 15.65 11.29 -1.24
N ARG A 597 14.81 10.48 -1.88
CA ARG A 597 13.51 10.18 -1.31
C ARG A 597 13.64 9.51 0.04
N ILE A 598 14.64 8.64 0.20
CA ILE A 598 14.81 7.96 1.47
C ILE A 598 15.25 8.97 2.54
N ALA A 599 16.15 9.87 2.18
CA ALA A 599 16.57 10.90 3.13
C ALA A 599 15.39 11.75 3.57
N SER A 600 14.51 12.14 2.64
CA SER A 600 13.39 12.97 3.03
C SER A 600 12.39 12.19 3.86
N HIS A 601 11.96 11.02 3.35
CA HIS A 601 10.91 10.24 3.97
C HIS A 601 11.32 9.67 5.30
N TYR A 602 12.60 9.49 5.56
CA TYR A 602 13.01 8.96 6.84
C TYR A 602 13.57 10.02 7.73
N TYR A 603 13.60 11.27 7.26
CA TYR A 603 14.03 12.40 8.08
C TYR A 603 15.52 12.29 8.39
N ILE A 604 16.32 11.99 7.35
CA ILE A 604 17.75 11.83 7.47
C ILE A 604 18.43 13.04 6.84
N THR A 605 19.49 13.52 7.48
CA THR A 605 20.21 14.62 6.90
C THR A 605 21.04 14.15 5.68
N ASN A 606 21.29 15.08 4.76
CA ASN A 606 21.81 14.66 3.45
C ASN A 606 23.25 14.16 3.52
N ASP A 607 24.03 14.58 4.52
CA ASP A 607 25.39 14.04 4.66
C ASP A 607 25.37 12.60 5.13
N THR A 608 24.34 12.21 5.90
CA THR A 608 24.27 10.84 6.37
C THR A 608 24.01 9.88 5.21
N VAL A 609 23.03 10.20 4.35
CA VAL A 609 22.74 9.25 3.26
C VAL A 609 23.88 9.21 2.25
N GLN A 610 24.72 10.24 2.19
CA GLN A 610 25.93 10.11 1.35
C GLN A 610 26.91 9.11 1.95
N THR A 611 27.18 9.22 3.25
CA THR A 611 27.95 8.18 3.94
C THR A 611 27.35 6.79 3.69
N TYR A 612 26.03 6.67 3.82
CA TYR A 612 25.41 5.37 3.60
C TYR A 612 25.64 4.89 2.17
N ASN A 613 25.53 5.77 1.18
CA ASN A 613 25.78 5.40 -0.21
C ASN A 613 27.23 4.99 -0.42
N GLN A 614 28.16 5.67 0.24
CA GLN A 614 29.57 5.37 0.05
C GLN A 614 29.94 4.01 0.62
N LEU A 615 29.42 3.70 1.81
CA LEU A 615 29.94 2.64 2.65
C LEU A 615 29.16 1.36 2.55
N LEU A 616 27.85 1.45 2.29
CA LEU A 616 27.07 0.23 2.21
C LEU A 616 27.46 -0.58 0.98
N LYS A 617 27.76 -1.85 1.20
CA LYS A 617 28.13 -2.82 0.20
C LYS A 617 27.44 -4.11 0.61
N PRO A 618 27.02 -4.95 -0.35
CA PRO A 618 26.29 -6.16 0.02
C PRO A 618 27.11 -7.16 0.84
N THR A 619 28.43 -7.09 0.77
CA THR A 619 29.27 -7.98 1.56
C THR A 619 29.45 -7.51 2.99
N LEU A 620 28.78 -6.43 3.40
CA LEU A 620 29.05 -5.82 4.70
C LEU A 620 28.77 -6.78 5.83
N SER A 621 29.67 -6.79 6.82
CA SER A 621 29.52 -7.55 8.07
C SER A 621 28.66 -6.77 9.08
N GLU A 622 28.18 -7.46 10.13
CA GLU A 622 27.61 -6.74 11.26
C GLU A 622 28.60 -5.76 11.86
N ILE A 623 29.87 -6.15 11.91
CA ILE A 623 30.90 -5.25 12.42
C ILE A 623 30.87 -3.92 11.66
N GLU A 624 30.92 -4.00 10.33
N GLU A 624 30.92 -3.98 10.33
CA GLU A 624 30.93 -2.79 9.51
CA GLU A 624 30.94 -2.74 9.57
C GLU A 624 29.58 -2.09 9.50
C GLU A 624 29.58 -2.06 9.54
N LEU A 625 28.49 -2.83 9.68
CA LEU A 625 27.17 -2.20 9.73
C LEU A 625 27.03 -1.31 10.96
N PHE A 626 27.43 -1.81 12.13
CA PHE A 626 27.44 -0.95 13.29
C PHE A 626 28.34 0.25 13.08
N ARG A 627 29.40 0.08 12.29
CA ARG A 627 30.29 1.20 12.09
C ARG A 627 29.60 2.26 11.23
N VAL A 628 29.00 1.82 10.12
CA VAL A 628 28.28 2.72 9.24
C VAL A 628 27.28 3.55 10.04
N PHE A 629 26.49 2.88 10.89
CA PHE A 629 25.51 3.59 11.71
C PHE A 629 26.19 4.65 12.56
N SER A 630 27.31 4.30 13.18
CA SER A 630 28.03 5.19 14.07
C SER A 630 28.61 6.40 13.35
N LEU A 631 28.64 6.40 12.03
CA LEU A 631 29.20 7.52 11.28
C LEU A 631 28.14 8.49 10.81
N SER A 632 26.89 8.29 11.24
CA SER A 632 25.79 9.15 10.82
C SER A 632 26.05 10.57 11.29
N SER A 633 25.85 11.55 10.39
CA SER A 633 26.13 12.95 10.72
C SER A 633 25.27 13.48 11.85
N GLU A 634 24.12 12.88 12.11
CA GLU A 634 23.35 13.24 13.30
C GLU A 634 24.18 13.14 14.57
N PHE A 635 25.22 12.34 14.57
CA PHE A 635 26.10 12.17 15.72
C PHE A 635 27.37 13.00 15.62
N LYS A 636 27.46 13.92 14.65
CA LYS A 636 28.73 14.58 14.33
C LYS A 636 29.29 15.43 15.50
N ASN A 637 28.46 15.78 16.49
CA ASN A 637 28.93 16.57 17.62
C ASN A 637 29.34 15.74 18.82
N ILE A 638 29.12 14.42 18.76
CA ILE A 638 29.53 13.55 19.87
C ILE A 638 31.05 13.46 19.90
N THR A 639 31.61 13.52 21.12
CA THR A 639 33.03 13.33 21.37
C THR A 639 33.26 12.27 22.45
N VAL A 640 34.49 11.80 22.55
CA VAL A 640 34.88 10.90 23.63
C VAL A 640 35.55 11.75 24.70
N ARG A 641 34.93 11.86 25.87
CA ARG A 641 35.53 12.59 26.98
C ARG A 641 36.48 11.70 27.77
N GLU A 642 37.53 12.32 28.33
CA GLU A 642 38.47 11.56 29.14
C GLU A 642 37.78 10.95 30.35
N GLU A 643 36.82 11.66 30.96
CA GLU A 643 36.12 11.07 32.09
C GLU A 643 35.18 9.92 31.68
N GLU A 644 35.01 9.64 30.40
CA GLU A 644 34.20 8.52 29.95
C GLU A 644 35.02 7.31 29.53
N LYS A 645 36.34 7.48 29.35
CA LYS A 645 37.13 6.51 28.61
C LYS A 645 37.33 5.22 29.38
N LEU A 646 37.30 5.27 30.71
CA LEU A 646 37.52 4.02 31.41
C LEU A 646 36.26 3.16 31.40
N GLU A 647 35.08 3.76 31.51
CA GLU A 647 33.85 2.98 31.39
C GLU A 647 33.61 2.53 29.95
N LEU A 648 34.01 3.34 28.96
CA LEU A 648 33.88 2.92 27.56
C LEU A 648 34.80 1.75 27.24
N GLN A 649 36.02 1.75 27.78
CA GLN A 649 36.93 0.67 27.43
C GLN A 649 36.54 -0.63 28.13
N LYS A 650 35.93 -0.57 29.33
CA LYS A 650 35.44 -1.79 29.95
C LYS A 650 34.34 -2.44 29.10
N LEU A 651 33.52 -1.64 28.45
CA LEU A 651 32.46 -2.18 27.59
C LEU A 651 33.00 -2.58 26.23
N LEU A 652 33.93 -1.79 25.69
CA LEU A 652 34.58 -2.16 24.43
C LEU A 652 35.28 -3.51 24.54
N GLU A 653 35.72 -3.87 25.74
CA GLU A 653 36.39 -5.15 25.96
C GLU A 653 35.45 -6.32 25.78
N ARG A 654 34.16 -6.14 26.09
CA ARG A 654 33.20 -7.23 26.06
C ARG A 654 32.08 -7.04 25.03
N VAL A 655 32.22 -6.10 24.09
CA VAL A 655 31.14 -5.92 23.09
C VAL A 655 30.97 -7.18 22.27
N PRO A 656 29.75 -7.69 22.09
CA PRO A 656 29.57 -8.86 21.20
C PRO A 656 29.93 -8.59 19.76
N ILE A 657 29.70 -7.37 19.27
CA ILE A 657 30.09 -7.00 17.91
C ILE A 657 31.44 -6.28 18.01
N PRO A 658 32.53 -6.86 17.52
CA PRO A 658 33.82 -6.21 17.69
C PRO A 658 33.82 -4.85 17.04
N VAL A 659 34.67 -3.97 17.56
CA VAL A 659 34.81 -2.60 17.10
C VAL A 659 36.24 -2.41 16.64
N LYS A 660 36.42 -2.12 15.34
CA LYS A 660 37.77 -1.98 14.82
C LYS A 660 38.47 -0.74 15.38
N GLU A 661 37.78 0.38 15.47
CA GLU A 661 38.43 1.65 15.74
C GLU A 661 38.71 1.85 17.22
N SER A 662 39.73 2.67 17.49
CA SER A 662 40.12 3.05 18.83
C SER A 662 39.00 3.78 19.58
N ILE A 663 39.00 3.63 20.90
CA ILE A 663 38.07 4.31 21.78
C ILE A 663 38.25 5.82 21.75
N GLU A 664 39.36 6.33 21.22
CA GLU A 664 39.52 7.78 21.09
C GLU A 664 38.62 8.36 19.99
N GLU A 665 38.29 7.55 18.99
CA GLU A 665 37.36 7.95 17.94
C GLU A 665 35.93 7.92 18.46
N PRO A 666 35.15 8.99 18.30
CA PRO A 666 33.73 8.95 18.73
C PRO A 666 32.90 7.87 18.03
N SER A 667 33.27 7.48 16.80
CA SER A 667 32.67 6.33 16.14
C SER A 667 32.58 5.13 17.08
N ALA A 668 33.68 4.84 17.77
CA ALA A 668 33.70 3.69 18.65
C ALA A 668 32.73 3.88 19.82
N LYS A 669 32.59 5.11 20.31
CA LYS A 669 31.74 5.33 21.47
C LYS A 669 30.27 5.18 21.11
N ILE A 670 29.88 5.72 19.95
CA ILE A 670 28.51 5.58 19.49
C ILE A 670 28.17 4.12 19.29
N ASN A 671 29.09 3.41 18.63
CA ASN A 671 28.95 1.97 18.41
C ASN A 671 28.68 1.25 19.71
N VAL A 672 29.52 1.53 20.73
CA VAL A 672 29.42 0.85 22.03
C VAL A 672 28.12 1.23 22.74
N LEU A 673 27.72 2.51 22.66
CA LEU A 673 26.44 2.94 23.24
C LEU A 673 25.26 2.16 22.65
N LEU A 674 25.24 1.97 21.33
CA LEU A 674 24.15 1.19 20.73
C LEU A 674 24.13 -0.24 21.26
N GLN A 675 25.27 -0.92 21.22
CA GLN A 675 25.34 -2.30 21.71
C GLN A 675 24.95 -2.39 23.17
N ALA A 676 25.46 -1.44 23.97
CA ALA A 676 25.09 -1.39 25.38
C ALA A 676 23.59 -1.19 25.54
N PHE A 677 22.98 -0.30 24.75
CA PHE A 677 21.53 -0.15 24.77
C PHE A 677 20.84 -1.48 24.47
N ILE A 678 21.27 -2.17 23.42
CA ILE A 678 20.64 -3.43 23.05
C ILE A 678 20.80 -4.45 24.16
N SER A 679 22.01 -4.57 24.72
CA SER A 679 22.17 -5.45 25.87
C SER A 679 21.58 -4.89 27.16
N GLN A 680 21.02 -3.68 27.15
CA GLN A 680 20.31 -3.15 28.30
C GLN A 680 21.25 -2.98 29.50
N LEU A 681 22.45 -2.49 29.26
CA LEU A 681 23.39 -2.20 30.32
C LEU A 681 23.07 -0.88 31.04
N LYS A 682 23.25 -0.87 32.35
CA LYS A 682 23.28 0.37 33.13
C LYS A 682 24.66 0.99 33.04
N LEU A 683 24.72 2.30 32.80
CA LEU A 683 25.99 2.99 32.82
C LEU A 683 25.99 4.12 33.84
N GLU A 684 27.17 4.40 34.40
CA GLU A 684 27.28 5.32 35.53
C GLU A 684 27.50 6.76 35.12
N GLY A 685 28.25 7.01 34.06
CA GLY A 685 28.41 8.38 33.59
C GLY A 685 27.09 9.01 33.19
N PHE A 686 26.88 10.26 33.63
CA PHE A 686 25.62 10.95 33.33
C PHE A 686 25.55 11.36 31.87
N ALA A 687 26.63 11.98 31.37
CA ALA A 687 26.71 12.31 29.96
C ALA A 687 26.53 11.06 29.08
N LEU A 688 27.16 9.95 29.45
CA LEU A 688 27.15 8.77 28.59
C LEU A 688 25.74 8.25 28.39
N MET A 689 24.93 8.27 29.45
CA MET A 689 23.56 7.78 29.32
C MET A 689 22.70 8.72 28.51
N ALA A 690 22.89 10.05 28.66
CA ALA A 690 22.17 10.97 27.79
C ALA A 690 22.58 10.79 26.33
N ASP A 691 23.87 10.53 26.10
CA ASP A 691 24.35 10.20 24.77
C ASP A 691 23.75 8.90 24.26
N MET A 692 23.69 7.89 25.12
CA MET A 692 23.05 6.64 24.71
C MET A 692 21.63 6.90 24.24
N VAL A 693 20.88 7.67 25.02
CA VAL A 693 19.47 7.89 24.70
C VAL A 693 19.34 8.56 23.35
N TYR A 694 20.23 9.52 23.07
CA TYR A 694 20.18 10.26 21.82
C TYR A 694 20.63 9.40 20.64
N VAL A 695 21.66 8.58 20.83
CA VAL A 695 22.13 7.68 19.78
C VAL A 695 21.05 6.69 19.40
N THR A 696 20.30 6.20 20.37
CA THR A 696 19.38 5.10 20.10
C THR A 696 17.98 5.56 19.71
N GLN A 697 17.50 6.70 20.23
CA GLN A 697 16.28 7.28 19.69
C GLN A 697 16.42 7.51 18.19
N SER A 698 17.62 7.91 17.77
CA SER A 698 17.90 8.14 16.36
C SER A 698 18.05 6.84 15.59
N ALA A 699 18.61 5.82 16.24
CA ALA A 699 18.93 4.57 15.55
C ALA A 699 17.70 4.02 14.83
N GLY A 700 16.53 4.18 15.44
CA GLY A 700 15.30 3.64 14.89
C GLY A 700 15.04 4.02 13.46
N ARG A 701 14.94 5.31 13.17
CA ARG A 701 14.67 5.76 11.80
C ARG A 701 15.91 5.65 10.92
N LEU A 702 17.11 5.86 11.49
CA LEU A 702 18.34 5.69 10.71
C LEU A 702 18.48 4.26 10.19
N MET A 703 18.34 3.27 11.08
CA MET A 703 18.53 1.88 10.65
C MET A 703 17.42 1.42 9.71
N ARG A 704 16.22 1.92 9.91
CA ARG A 704 15.16 1.64 8.96
C ARG A 704 15.43 2.28 7.61
N ALA A 705 16.26 3.33 7.57
CA ALA A 705 16.65 3.90 6.30
C ALA A 705 17.66 3.00 5.60
N ILE A 706 18.68 2.55 6.34
CA ILE A 706 19.64 1.61 5.78
C ILE A 706 18.91 0.39 5.24
N PHE A 707 17.93 -0.09 5.99
CA PHE A 707 17.21 -1.28 5.57
C PHE A 707 16.51 -1.04 4.23
N GLU A 708 15.78 0.07 4.11
CA GLU A 708 15.10 0.32 2.86
C GLU A 708 16.08 0.47 1.70
N ILE A 709 17.24 1.11 1.94
CA ILE A 709 18.26 1.22 0.90
C ILE A 709 18.70 -0.16 0.39
N VAL A 710 19.02 -1.07 1.31
CA VAL A 710 19.63 -2.33 0.87
C VAL A 710 18.56 -3.30 0.36
N LEU A 711 17.35 -3.27 0.95
CA LEU A 711 16.27 -4.13 0.46
C LEU A 711 15.98 -3.83 -1.00
N ASN A 712 15.88 -2.54 -1.35
CA ASN A 712 15.55 -2.20 -2.73
C ASN A 712 16.73 -2.41 -3.67
N ARG A 713 17.93 -2.52 -3.14
CA ARG A 713 19.04 -2.90 -3.99
C ARG A 713 19.14 -4.41 -4.19
N GLY A 714 18.30 -5.20 -3.52
CA GLY A 714 18.32 -6.63 -3.67
C GLY A 714 19.36 -7.37 -2.87
N TRP A 715 19.97 -6.73 -1.86
CA TRP A 715 21.12 -7.29 -1.15
C TRP A 715 20.62 -8.18 -0.02
N ALA A 716 20.51 -9.48 -0.31
CA ALA A 716 19.81 -10.40 0.58
C ALA A 716 20.44 -10.44 1.96
N GLN A 717 21.75 -10.68 2.03
CA GLN A 717 22.41 -10.88 3.31
C GLN A 717 22.30 -9.64 4.18
N LEU A 718 22.55 -8.46 3.57
CA LEU A 718 22.55 -7.23 4.35
C LEU A 718 21.14 -6.84 4.73
N THR A 719 20.18 -7.15 3.87
CA THR A 719 18.78 -6.92 4.22
C THR A 719 18.42 -7.68 5.49
N ASP A 720 18.81 -8.95 5.58
CA ASP A 720 18.57 -9.71 6.79
C ASP A 720 19.21 -9.03 8.01
N LYS A 721 20.51 -8.74 7.94
CA LYS A 721 21.20 -8.08 9.04
C LYS A 721 20.53 -6.76 9.46
N THR A 722 20.21 -5.89 8.50
CA THR A 722 19.70 -4.59 8.90
C THR A 722 18.27 -4.70 9.47
N LEU A 723 17.43 -5.54 8.88
CA LEU A 723 16.10 -5.69 9.44
C LEU A 723 16.20 -6.25 10.85
N ASN A 724 17.15 -7.14 11.09
CA ASN A 724 17.33 -7.67 12.42
C ASN A 724 17.84 -6.61 13.39
N LEU A 725 18.72 -5.72 12.93
CA LEU A 725 19.22 -4.71 13.84
C LEU A 725 18.11 -3.73 14.21
N CYS A 726 17.26 -3.37 13.23
CA CYS A 726 16.06 -2.60 13.53
C CYS A 726 15.29 -3.21 14.69
N LYS A 727 15.08 -4.54 14.63
CA LYS A 727 14.26 -5.18 15.66
C LYS A 727 15.01 -5.28 16.98
N MET A 728 16.33 -5.51 16.92
CA MET A 728 17.10 -5.57 18.15
C MET A 728 17.08 -4.24 18.86
N ILE A 729 17.10 -3.15 18.09
CA ILE A 729 17.04 -1.82 18.68
C ILE A 729 15.66 -1.59 19.29
N ASP A 730 14.61 -1.97 18.57
CA ASP A 730 13.25 -1.73 19.04
C ASP A 730 12.91 -2.61 20.26
N LYS A 731 13.41 -3.84 20.31
CA LYS A 731 13.01 -4.80 21.33
C LYS A 731 14.00 -4.88 22.48
N ARG A 732 15.21 -4.34 22.31
CA ARG A 732 16.23 -4.30 23.38
C ARG A 732 16.69 -5.70 23.78
N MET A 733 17.08 -6.50 22.77
CA MET A 733 17.62 -7.84 22.99
C MET A 733 18.31 -8.32 21.72
N TRP A 734 19.25 -9.25 21.89
CA TRP A 734 19.86 -9.84 20.72
C TRP A 734 19.08 -11.08 20.29
N GLN A 735 19.36 -11.54 19.05
CA GLN A 735 18.75 -12.78 18.54
C GLN A 735 18.89 -13.90 19.53
N SER A 736 20.11 -14.06 20.06
CA SER A 736 20.48 -15.22 20.86
C SER A 736 19.57 -15.39 22.07
N MET A 737 18.80 -14.37 22.41
CA MET A 737 17.90 -14.45 23.55
C MET A 737 16.59 -15.11 23.15
N CYS A 738 15.98 -15.77 24.14
CA CYS A 738 14.78 -16.53 23.89
C CYS A 738 13.72 -15.57 23.36
N PRO A 739 13.17 -15.80 22.17
CA PRO A 739 12.20 -14.84 21.62
C PRO A 739 11.01 -14.56 22.52
N LEU A 740 10.75 -15.41 23.52
CA LEU A 740 9.59 -15.17 24.37
C LEU A 740 9.77 -13.99 25.31
N ARG A 741 10.97 -13.42 25.42
CA ARG A 741 11.13 -12.16 26.14
C ARG A 741 10.30 -11.04 25.52
N GLN A 742 9.92 -11.19 24.25
CA GLN A 742 9.14 -10.16 23.60
C GLN A 742 7.72 -10.14 24.11
N PHE A 743 7.32 -11.17 24.82
CA PHE A 743 6.12 -11.10 25.65
C PHE A 743 6.55 -10.48 26.97
N ARG A 744 6.43 -9.16 27.06
CA ARG A 744 6.83 -8.43 28.25
C ARG A 744 6.11 -8.91 29.51
N LYS A 745 4.89 -9.43 29.35
CA LYS A 745 4.15 -9.99 30.49
C LYS A 745 4.58 -11.44 30.73
N LEU A 746 5.85 -11.58 31.09
CA LEU A 746 6.41 -12.87 31.43
C LEU A 746 7.58 -12.56 32.35
N PRO A 747 7.76 -13.29 33.42
CA PRO A 747 8.93 -13.05 34.27
C PRO A 747 10.20 -13.29 33.49
N GLU A 748 11.00 -12.24 33.28
CA GLU A 748 12.30 -12.36 32.61
C GLU A 748 13.11 -13.44 33.30
N GLU A 749 12.58 -13.89 34.43
CA GLU A 749 12.99 -15.13 35.06
C GLU A 749 12.97 -16.33 34.15
N VAL A 750 11.77 -16.83 33.88
CA VAL A 750 11.63 -18.11 33.21
C VAL A 750 12.26 -18.12 31.83
N VAL A 751 12.42 -16.95 31.23
CA VAL A 751 13.10 -16.90 29.94
C VAL A 751 14.58 -17.19 30.11
N LYS A 752 15.19 -16.63 31.17
CA LYS A 752 16.60 -16.92 31.45
C LYS A 752 16.77 -18.40 31.79
N LYS A 753 15.81 -18.96 32.52
CA LYS A 753 15.69 -20.41 32.69
C LYS A 753 15.88 -21.12 31.35
N ILE A 754 15.06 -20.72 30.37
CA ILE A 754 15.04 -21.40 29.08
C ILE A 754 16.34 -21.17 28.32
N GLU A 755 16.89 -19.95 28.38
CA GLU A 755 18.13 -19.67 27.67
C GLU A 755 19.29 -20.45 28.26
N LYS A 756 19.29 -20.65 29.58
CA LYS A 756 20.28 -21.49 30.24
C LYS A 756 20.40 -22.84 29.55
N LYS A 757 19.27 -23.50 29.30
CA LYS A 757 19.24 -24.71 28.49
C LYS A 757 19.36 -24.31 27.02
N ASN A 758 20.52 -24.53 26.43
CA ASN A 758 20.74 -24.23 25.02
C ASN A 758 20.03 -25.31 24.20
N PHE A 759 18.71 -25.20 24.10
CA PHE A 759 17.96 -26.08 23.22
C PHE A 759 17.11 -25.25 22.25
N PRO A 760 16.97 -25.72 20.99
CA PRO A 760 16.31 -24.90 19.97
C PRO A 760 14.87 -24.54 20.33
N PHE A 761 14.50 -23.30 20.03
CA PHE A 761 13.20 -22.77 20.45
C PHE A 761 12.04 -23.57 19.87
N GLU A 762 12.14 -24.02 18.63
CA GLU A 762 10.94 -24.47 17.94
C GLU A 762 10.54 -25.92 18.22
N ARG A 763 11.31 -26.70 18.97
CA ARG A 763 10.76 -27.96 19.42
C ARG A 763 10.05 -27.83 20.75
N LEU A 764 9.79 -26.61 21.19
CA LEU A 764 8.75 -26.36 22.18
C LEU A 764 7.36 -26.42 21.59
N TYR A 765 7.24 -26.37 20.26
CA TYR A 765 5.96 -26.06 19.63
C TYR A 765 4.92 -27.17 19.83
N ASP A 766 5.09 -28.32 19.20
CA ASP A 766 4.08 -29.35 19.33
C ASP A 766 4.32 -30.26 20.53
N LEU A 767 5.38 -30.00 21.29
CA LEU A 767 5.51 -30.57 22.62
C LEU A 767 4.37 -30.02 23.51
N ASN A 768 4.02 -30.77 24.56
CA ASN A 768 2.79 -30.48 25.30
C ASN A 768 3.04 -29.61 26.54
N HIS A 769 1.97 -29.31 27.27
CA HIS A 769 2.05 -28.45 28.45
C HIS A 769 2.92 -29.09 29.53
N ASN A 770 2.82 -30.41 29.67
CA ASN A 770 3.58 -31.13 30.70
C ASN A 770 5.08 -31.05 30.45
N GLU A 771 5.53 -31.57 29.29
CA GLU A 771 6.97 -31.70 29.03
C GLU A 771 7.67 -30.35 28.96
N ILE A 772 6.93 -29.27 28.72
CA ILE A 772 7.53 -27.94 28.84
C ILE A 772 7.98 -27.71 30.27
N GLY A 773 7.06 -27.88 31.22
CA GLY A 773 7.40 -27.67 32.62
C GLY A 773 8.53 -28.54 33.09
N GLU A 774 8.69 -29.73 32.50
CA GLU A 774 9.76 -30.63 32.92
C GLU A 774 11.10 -30.24 32.32
N LEU A 775 11.15 -29.99 31.01
CA LEU A 775 12.40 -29.62 30.35
C LEU A 775 13.01 -28.37 30.98
N ILE A 776 12.16 -27.43 31.39
CA ILE A 776 12.63 -26.21 32.04
C ILE A 776 12.83 -26.41 33.53
N ARG A 777 12.20 -27.45 34.08
CA ARG A 777 12.23 -27.77 35.49
C ARG A 777 11.46 -26.77 36.32
N MET A 778 10.41 -26.24 35.70
CA MET A 778 9.43 -25.40 36.38
C MET A 778 8.06 -25.83 35.89
N PRO A 779 7.63 -27.06 36.22
CA PRO A 779 6.26 -27.47 35.89
C PRO A 779 5.22 -26.60 36.55
N LYS A 780 5.62 -25.83 37.56
CA LYS A 780 4.78 -24.77 38.13
C LYS A 780 4.01 -23.99 37.07
N MET A 781 4.61 -23.77 35.89
CA MET A 781 3.93 -23.03 34.84
C MET A 781 4.41 -23.59 33.50
N GLY A 782 3.82 -24.71 33.12
CA GLY A 782 4.09 -25.30 31.82
C GLY A 782 2.97 -24.93 30.88
N LYS A 783 1.79 -24.68 31.42
CA LYS A 783 0.68 -24.26 30.58
C LYS A 783 0.88 -22.82 30.11
N THR A 784 1.52 -21.98 30.93
CA THR A 784 1.70 -20.58 30.55
C THR A 784 2.77 -20.44 29.47
N ILE A 785 3.92 -21.08 29.65
CA ILE A 785 4.92 -21.14 28.56
C ILE A 785 4.29 -21.70 27.30
N HIS A 786 3.46 -22.74 27.45
CA HIS A 786 2.74 -23.33 26.32
C HIS A 786 1.88 -22.29 25.63
N LYS A 787 1.11 -21.54 26.42
CA LYS A 787 0.30 -20.43 25.93
C LYS A 787 1.14 -19.51 25.05
N TYR A 788 2.16 -18.86 25.64
CA TYR A 788 2.92 -17.88 24.90
C TYR A 788 3.63 -18.49 23.70
N VAL A 789 4.02 -19.77 23.78
CA VAL A 789 4.64 -20.44 22.63
C VAL A 789 3.71 -20.38 21.42
N HIS A 790 2.40 -20.48 21.66
CA HIS A 790 1.48 -20.49 20.53
C HIS A 790 0.86 -19.14 20.25
N LEU A 791 1.09 -18.15 21.11
CA LEU A 791 0.86 -16.77 20.72
C LEU A 791 1.91 -16.29 19.75
N PHE A 792 3.10 -16.87 19.78
CA PHE A 792 4.22 -16.35 18.99
C PHE A 792 3.91 -16.53 17.52
N PRO A 793 4.05 -15.48 16.70
CA PRO A 793 3.53 -15.54 15.32
C PRO A 793 4.32 -16.53 14.47
N LYS A 794 3.60 -17.34 13.72
CA LYS A 794 4.17 -18.45 12.97
C LYS A 794 3.33 -18.66 11.73
N LEU A 795 3.98 -18.67 10.56
CA LEU A 795 3.33 -18.91 9.29
C LEU A 795 3.84 -20.18 8.63
N GLU A 796 2.94 -20.97 8.07
CA GLU A 796 3.34 -22.09 7.22
C GLU A 796 3.19 -21.72 5.74
N LEU A 797 4.18 -22.14 4.96
CA LEU A 797 4.27 -21.76 3.56
C LEU A 797 4.14 -23.00 2.69
N SER A 798 3.39 -22.89 1.62
CA SER A 798 3.38 -23.92 0.59
C SER A 798 3.27 -23.21 -0.74
N VAL A 799 3.69 -23.90 -1.79
CA VAL A 799 3.92 -23.25 -3.06
C VAL A 799 3.37 -24.12 -4.20
N HIS A 800 2.76 -23.47 -5.17
CA HIS A 800 2.42 -24.09 -6.44
C HIS A 800 3.25 -23.40 -7.52
N LEU A 801 4.21 -24.12 -8.08
CA LEU A 801 5.07 -23.60 -9.14
C LEU A 801 4.37 -23.64 -10.50
N GLN A 802 4.38 -22.53 -11.24
CA GLN A 802 3.61 -22.44 -12.49
C GLN A 802 4.47 -21.92 -13.61
N PRO A 803 5.19 -22.80 -14.31
CA PRO A 803 6.08 -22.35 -15.39
C PRO A 803 5.30 -21.56 -16.42
N ILE A 804 5.78 -20.35 -16.73
CA ILE A 804 5.18 -19.61 -17.83
C ILE A 804 5.87 -19.94 -19.14
N THR A 805 7.20 -19.82 -19.13
CA THR A 805 8.04 -20.17 -20.27
C THR A 805 9.15 -21.05 -19.70
N ARG A 806 10.25 -21.16 -20.45
CA ARG A 806 11.45 -21.80 -19.94
C ARG A 806 12.31 -20.85 -19.14
N SER A 807 11.97 -19.55 -19.12
CA SER A 807 12.78 -18.58 -18.40
C SER A 807 11.96 -17.71 -17.47
N THR A 808 10.64 -17.87 -17.42
CA THR A 808 9.81 -17.16 -16.44
C THR A 808 8.95 -18.15 -15.70
N LEU A 809 8.96 -18.04 -14.37
CA LEU A 809 8.20 -18.89 -13.49
C LEU A 809 7.17 -18.06 -12.71
N LYS A 810 5.91 -18.47 -12.78
CA LYS A 810 4.87 -17.91 -11.93
C LYS A 810 4.80 -18.73 -10.66
N VAL A 811 4.77 -18.05 -9.51
CA VAL A 811 4.74 -18.72 -8.23
C VAL A 811 3.50 -18.27 -7.49
N GLU A 812 2.71 -19.23 -7.03
CA GLU A 812 1.57 -18.94 -6.18
C GLU A 812 1.94 -19.41 -4.77
N LEU A 813 2.15 -18.47 -3.87
CA LEU A 813 2.54 -18.77 -2.49
C LEU A 813 1.31 -18.75 -1.60
N THR A 814 1.11 -19.82 -0.83
CA THR A 814 0.00 -19.91 0.11
C THR A 814 0.57 -19.70 1.50
N ILE A 815 0.04 -18.71 2.22
CA ILE A 815 0.45 -18.41 3.59
C ILE A 815 -0.66 -18.88 4.50
N THR A 816 -0.31 -19.75 5.45
CA THR A 816 -1.27 -20.29 6.42
C THR A 816 -0.82 -19.90 7.81
N PRO A 817 -1.52 -18.99 8.49
CA PRO A 817 -1.16 -18.65 9.87
C PRO A 817 -1.25 -19.87 10.77
N ASP A 818 -0.18 -20.12 11.52
CA ASP A 818 -0.13 -21.26 12.43
C ASP A 818 0.08 -20.80 13.86
N PHE A 819 -0.73 -19.84 14.30
CA PHE A 819 -0.58 -19.33 15.65
C PHE A 819 -1.92 -18.75 16.08
N GLN A 820 -2.08 -18.61 17.39
CA GLN A 820 -3.33 -18.07 17.92
C GLN A 820 -3.19 -16.57 18.07
N TRP A 821 -4.20 -15.84 17.60
CA TRP A 821 -4.20 -14.39 17.65
C TRP A 821 -4.71 -13.89 19.00
N ASP A 822 -4.31 -12.67 19.34
CA ASP A 822 -4.75 -12.02 20.58
C ASP A 822 -4.43 -10.53 20.45
N GLU A 823 -5.47 -9.73 20.18
CA GLU A 823 -5.33 -8.27 20.04
C GLU A 823 -4.57 -7.63 21.20
N LYS A 824 -4.56 -8.26 22.37
CA LYS A 824 -3.75 -7.75 23.46
C LYS A 824 -2.27 -7.74 23.10
N VAL A 825 -1.85 -8.65 22.22
CA VAL A 825 -0.45 -8.86 21.91
C VAL A 825 -0.13 -8.56 20.45
N HIS A 826 -1.05 -8.90 19.55
CA HIS A 826 -0.81 -8.67 18.13
C HIS A 826 -1.41 -7.37 17.61
N GLY A 827 -2.38 -6.81 18.31
CA GLY A 827 -3.02 -5.65 17.77
C GLY A 827 -4.01 -6.05 16.69
N SER A 828 -4.31 -5.09 15.81
CA SER A 828 -5.20 -5.31 14.70
C SER A 828 -4.53 -5.90 13.47
N SER A 829 -3.21 -5.89 13.39
CA SER A 829 -2.55 -6.47 12.24
C SER A 829 -1.11 -6.83 12.62
N GLU A 830 -0.46 -7.51 11.69
CA GLU A 830 0.87 -8.08 11.86
C GLU A 830 1.53 -8.05 10.49
N ALA A 831 2.72 -7.47 10.39
CA ALA A 831 3.35 -7.23 9.10
C ALA A 831 4.52 -8.19 8.87
N PHE A 832 4.75 -8.51 7.60
CA PHE A 832 5.80 -9.43 7.21
C PHE A 832 6.41 -8.94 5.92
N TRP A 833 7.62 -9.42 5.65
CA TRP A 833 8.29 -9.24 4.37
C TRP A 833 8.42 -10.60 3.70
N ILE A 834 7.97 -10.67 2.46
CA ILE A 834 8.11 -11.87 1.65
C ILE A 834 9.34 -11.67 0.77
N LEU A 835 10.31 -12.56 0.89
CA LEU A 835 11.60 -12.37 0.22
C LEU A 835 11.93 -13.65 -0.55
N VAL A 836 11.93 -13.54 -1.87
CA VAL A 836 12.35 -14.61 -2.76
C VAL A 836 13.83 -14.39 -3.07
N GLU A 837 14.67 -15.29 -2.57
CA GLU A 837 16.10 -15.21 -2.73
C GLU A 837 16.60 -16.33 -3.62
N ASP A 838 17.78 -16.12 -4.21
CA ASP A 838 18.34 -17.02 -5.23
C ASP A 838 19.08 -18.19 -4.58
N VAL A 839 19.77 -18.98 -5.41
CA VAL A 839 20.47 -20.17 -4.94
C VAL A 839 21.35 -19.88 -3.73
N ASP A 840 22.08 -18.77 -3.78
CA ASP A 840 23.13 -18.49 -2.81
C ASP A 840 22.67 -17.59 -1.67
N SER A 841 21.37 -17.33 -1.55
CA SER A 841 20.85 -16.35 -0.59
C SER A 841 21.62 -15.04 -0.71
N GLU A 842 21.89 -14.67 -1.94
CA GLU A 842 22.69 -13.49 -2.28
C GLU A 842 21.84 -12.35 -2.83
N VAL A 843 20.88 -12.65 -3.71
CA VAL A 843 20.11 -11.65 -4.43
C VAL A 843 18.63 -11.86 -4.12
N ILE A 844 17.92 -10.79 -3.80
CA ILE A 844 16.47 -10.84 -3.61
C ILE A 844 15.86 -10.69 -4.99
N LEU A 845 15.29 -11.79 -5.51
CA LEU A 845 14.71 -11.75 -6.84
C LEU A 845 13.38 -11.05 -6.83
N HIS A 846 12.72 -11.02 -5.68
CA HIS A 846 11.39 -10.45 -5.56
C HIS A 846 11.08 -10.28 -4.09
N HIS A 847 10.42 -9.18 -3.75
CA HIS A 847 9.99 -8.95 -2.38
C HIS A 847 8.72 -8.11 -2.40
N GLU A 848 7.89 -8.34 -1.39
CA GLU A 848 6.73 -7.49 -1.15
C GLU A 848 6.40 -7.47 0.34
N TYR A 849 5.75 -6.40 0.75
CA TYR A 849 5.21 -6.27 2.10
C TYR A 849 3.93 -7.11 2.22
N PHE A 850 3.77 -7.76 3.37
CA PHE A 850 2.62 -8.62 3.59
C PHE A 850 1.99 -8.28 4.95
N LEU A 851 0.71 -7.93 4.94
CA LEU A 851 -0.01 -7.47 6.13
C LEU A 851 -1.09 -8.50 6.48
N LEU A 852 -0.93 -9.19 7.60
CA LEU A 852 -1.95 -10.13 8.08
C LEU A 852 -2.90 -9.37 9.02
N LYS A 853 -4.14 -9.16 8.56
CA LYS A 853 -5.11 -8.42 9.37
C LYS A 853 -5.80 -9.35 10.36
N ALA A 854 -6.13 -8.79 11.52
CA ALA A 854 -6.80 -9.56 12.57
C ALA A 854 -8.08 -10.22 12.05
N LYS A 855 -8.82 -9.57 11.14
CA LYS A 855 -10.05 -10.17 10.64
C LYS A 855 -9.77 -11.40 9.78
N TYR A 856 -8.54 -11.55 9.27
CA TYR A 856 -8.17 -12.67 8.41
C TYR A 856 -7.12 -13.57 9.06
N ALA A 857 -6.90 -13.41 10.38
CA ALA A 857 -5.86 -14.13 11.13
C ALA A 857 -5.94 -15.66 11.02
N GLN A 858 -7.01 -16.21 10.47
CA GLN A 858 -7.19 -17.66 10.42
C GLN A 858 -7.34 -18.16 8.99
N ASP A 859 -7.35 -17.28 8.01
CA ASP A 859 -7.53 -17.67 6.63
C ASP A 859 -6.19 -17.92 5.96
N GLU A 860 -6.23 -18.70 4.89
CA GLU A 860 -5.10 -18.79 3.99
C GLU A 860 -5.05 -17.55 3.10
N HIS A 861 -3.85 -17.02 2.91
CA HIS A 861 -3.62 -15.90 2.01
C HIS A 861 -2.82 -16.38 0.81
N LEU A 862 -3.24 -15.97 -0.39
CA LEU A 862 -2.55 -16.31 -1.62
C LEU A 862 -1.71 -15.15 -2.12
N ILE A 863 -0.48 -15.44 -2.53
CA ILE A 863 0.38 -14.45 -3.14
C ILE A 863 0.91 -15.01 -4.45
N THR A 864 0.83 -14.21 -5.51
CA THR A 864 1.37 -14.57 -6.81
C THR A 864 2.45 -13.57 -7.21
N PHE A 865 3.51 -14.07 -7.81
CA PHE A 865 4.56 -13.23 -8.36
C PHE A 865 5.34 -14.05 -9.39
N PHE A 866 6.13 -13.33 -10.19
CA PHE A 866 7.01 -13.91 -11.20
C PHE A 866 8.44 -13.82 -10.70
N VAL A 867 9.24 -14.82 -11.08
CA VAL A 867 10.69 -14.78 -10.90
C VAL A 867 11.31 -15.24 -12.20
N PRO A 868 12.52 -14.81 -12.51
CA PRO A 868 13.23 -15.37 -13.65
C PRO A 868 13.82 -16.71 -13.29
N VAL A 869 13.89 -17.57 -14.30
CA VAL A 869 14.59 -18.83 -14.20
C VAL A 869 15.40 -19.02 -15.49
N PHE A 870 16.34 -19.95 -15.46
CA PHE A 870 17.30 -20.11 -16.55
C PHE A 870 17.70 -21.58 -16.63
N GLU A 871 18.51 -21.92 -17.65
CA GLU A 871 18.95 -23.29 -17.88
C GLU A 871 20.46 -23.34 -18.03
N PRO A 872 21.11 -24.39 -17.45
CA PRO A 872 20.49 -25.45 -16.66
C PRO A 872 19.86 -24.94 -15.37
N LEU A 873 18.70 -25.49 -15.01
CA LEU A 873 17.94 -25.00 -13.87
C LEU A 873 18.81 -24.96 -12.61
N PRO A 874 18.79 -23.87 -11.87
CA PRO A 874 19.50 -23.79 -10.61
C PRO A 874 18.86 -24.70 -9.58
N PRO A 875 19.62 -25.13 -8.57
CA PRO A 875 19.06 -26.11 -7.61
C PRO A 875 17.76 -25.66 -6.95
N GLN A 876 17.73 -24.47 -6.37
CA GLN A 876 16.53 -24.03 -5.69
C GLN A 876 16.57 -22.51 -5.56
N TYR A 877 15.38 -21.94 -5.32
CA TYR A 877 15.26 -20.63 -4.72
C TYR A 877 14.85 -20.81 -3.26
N PHE A 878 14.69 -19.70 -2.54
CA PHE A 878 14.19 -19.75 -1.18
C PHE A 878 13.14 -18.66 -1.05
N ILE A 879 12.04 -18.98 -0.38
CA ILE A 879 11.06 -17.98 0.04
C ILE A 879 11.15 -17.88 1.55
N ARG A 880 11.44 -16.67 2.04
CA ARG A 880 11.47 -16.38 3.46
C ARG A 880 10.30 -15.44 3.74
N VAL A 881 9.56 -15.71 4.80
CA VAL A 881 8.56 -14.78 5.28
C VAL A 881 8.96 -14.41 6.70
N VAL A 882 9.31 -13.15 6.88
CA VAL A 882 9.99 -12.67 8.07
C VAL A 882 9.14 -11.56 8.66
N SER A 883 8.96 -11.59 9.98
CA SER A 883 8.19 -10.55 10.66
C SER A 883 8.87 -9.20 10.53
N ASP A 884 8.06 -8.16 10.32
CA ASP A 884 8.56 -6.79 10.35
C ASP A 884 8.93 -6.31 11.74
N ARG A 885 8.44 -6.96 12.79
CA ARG A 885 8.68 -6.44 14.14
C ARG A 885 9.10 -7.50 15.14
N TRP A 886 8.68 -8.74 15.00
CA TRP A 886 9.05 -9.79 15.94
C TRP A 886 10.44 -10.33 15.65
N LEU A 887 11.28 -10.37 16.66
CA LEU A 887 12.60 -10.99 16.51
C LEU A 887 12.46 -12.50 16.43
N SER A 888 13.38 -13.15 15.71
CA SER A 888 13.45 -14.60 15.60
C SER A 888 12.12 -15.17 15.12
N CYS A 889 11.56 -14.52 14.10
CA CYS A 889 10.18 -14.80 13.66
C CYS A 889 10.20 -14.88 12.13
N GLU A 890 10.43 -16.08 11.62
CA GLU A 890 10.71 -16.29 10.21
C GLU A 890 10.27 -17.70 9.81
N THR A 891 9.88 -17.85 8.56
CA THR A 891 9.76 -19.18 7.95
C THR A 891 10.42 -19.13 6.58
N GLN A 892 11.39 -20.02 6.34
CA GLN A 892 12.04 -20.15 5.04
C GLN A 892 11.58 -21.46 4.40
N LEU A 893 10.96 -21.35 3.23
CA LEU A 893 10.54 -22.49 2.43
C LEU A 893 11.51 -22.65 1.28
N PRO A 894 12.34 -23.68 1.26
CA PRO A 894 13.12 -23.94 0.04
C PRO A 894 12.16 -24.27 -1.10
N VAL A 895 12.51 -23.82 -2.28
CA VAL A 895 11.70 -24.08 -3.47
C VAL A 895 12.62 -24.80 -4.46
N SER A 896 12.70 -26.13 -4.34
CA SER A 896 13.57 -26.90 -5.21
C SER A 896 12.94 -27.08 -6.58
N PHE A 897 13.82 -27.16 -7.60
CA PHE A 897 13.41 -27.32 -8.98
C PHE A 897 13.73 -28.72 -9.52
N ARG A 898 13.95 -29.69 -8.63
CA ARG A 898 14.35 -31.01 -9.11
C ARG A 898 13.25 -31.66 -9.94
N HIS A 899 12.00 -31.27 -9.72
CA HIS A 899 10.87 -31.85 -10.43
C HIS A 899 10.10 -30.82 -11.25
N LEU A 900 10.69 -29.66 -11.49
CA LEU A 900 10.03 -28.65 -12.30
C LEU A 900 10.03 -29.08 -13.76
N ILE A 901 8.82 -29.18 -14.33
CA ILE A 901 8.61 -29.55 -15.72
C ILE A 901 8.44 -28.27 -16.53
N LEU A 902 9.48 -27.89 -17.26
CA LEU A 902 9.42 -26.73 -18.14
C LEU A 902 8.57 -27.03 -19.38
N PRO A 903 7.77 -26.07 -19.85
CA PRO A 903 7.11 -26.25 -21.14
C PRO A 903 8.16 -26.31 -22.23
N GLU A 904 7.80 -26.98 -23.32
CA GLU A 904 8.69 -27.00 -24.47
C GLU A 904 8.94 -25.58 -24.98
N LYS A 905 10.17 -25.31 -25.42
CA LYS A 905 10.42 -24.04 -26.12
C LYS A 905 9.48 -23.95 -27.31
N TYR A 906 9.13 -22.72 -27.69
CA TYR A 906 8.05 -22.60 -28.66
C TYR A 906 8.55 -22.77 -30.10
N PRO A 907 7.65 -23.18 -30.99
CA PRO A 907 8.03 -23.38 -32.39
C PRO A 907 8.40 -22.08 -33.07
N PRO A 908 9.11 -22.14 -34.20
CA PRO A 908 9.34 -20.93 -34.98
C PRO A 908 8.03 -20.42 -35.56
N PRO A 909 7.93 -19.12 -35.83
CA PRO A 909 6.74 -18.59 -36.51
C PRO A 909 6.62 -19.08 -37.94
N THR A 910 5.37 -19.10 -38.43
CA THR A 910 5.11 -19.15 -39.86
C THR A 910 5.89 -18.03 -40.55
N GLU A 911 6.67 -18.42 -41.56
N GLU A 911 6.66 -18.38 -41.57
CA GLU A 911 7.37 -17.46 -42.41
CA GLU A 911 7.48 -17.36 -42.23
C GLU A 911 6.39 -16.44 -42.98
C GLU A 911 6.63 -16.50 -43.16
N LEU A 912 6.83 -15.18 -43.04
CA LEU A 912 6.13 -14.20 -43.87
C LEU A 912 6.71 -14.26 -45.28
N LEU A 913 5.90 -14.68 -46.24
CA LEU A 913 6.36 -14.87 -47.61
C LEU A 913 6.32 -13.55 -48.38
N ASP A 914 7.42 -13.27 -49.09
CA ASP A 914 7.52 -12.09 -49.94
C ASP A 914 6.64 -12.34 -51.16
N LEU A 915 5.33 -12.19 -50.96
CA LEU A 915 4.35 -12.36 -52.00
C LEU A 915 4.09 -11.03 -52.69
N GLN A 916 3.59 -11.11 -53.91
CA GLN A 916 3.14 -9.91 -54.58
C GLN A 916 2.00 -9.31 -53.76
N PRO A 917 2.08 -8.03 -53.39
CA PRO A 917 0.97 -7.41 -52.66
C PRO A 917 -0.33 -7.57 -53.43
N LEU A 918 -1.42 -7.76 -52.68
CA LEU A 918 -2.67 -8.20 -53.26
C LEU A 918 -3.57 -7.02 -53.56
N PRO A 919 -3.95 -6.77 -54.81
CA PRO A 919 -4.86 -5.66 -55.10
C PRO A 919 -6.23 -5.98 -54.56
N VAL A 920 -7.02 -4.93 -54.34
CA VAL A 920 -8.41 -5.13 -53.95
C VAL A 920 -9.19 -5.82 -55.08
N SER A 921 -8.68 -5.73 -56.31
CA SER A 921 -9.33 -6.39 -57.43
C SER A 921 -9.42 -7.89 -57.22
N ALA A 922 -8.50 -8.46 -56.42
CA ALA A 922 -8.48 -9.89 -56.20
C ALA A 922 -9.80 -10.41 -55.62
N LEU A 923 -10.61 -9.54 -55.02
CA LEU A 923 -11.93 -9.92 -54.54
C LEU A 923 -12.87 -10.32 -55.67
N ARG A 924 -12.54 -9.96 -56.91
CA ARG A 924 -13.36 -10.21 -58.11
C ARG A 924 -14.84 -10.00 -57.84
N ASN A 925 -15.15 -8.85 -57.26
CA ASN A 925 -16.53 -8.50 -56.98
C ASN A 925 -16.59 -7.01 -56.74
N SER A 926 -17.35 -6.30 -57.57
CA SER A 926 -17.30 -4.85 -57.57
C SER A 926 -17.92 -4.26 -56.31
N ALA A 927 -19.07 -4.79 -55.89
CA ALA A 927 -19.65 -4.39 -54.63
C ALA A 927 -18.68 -4.63 -53.48
N PHE A 928 -18.04 -5.80 -53.44
CA PHE A 928 -17.06 -6.06 -52.39
C PHE A 928 -15.89 -5.09 -52.46
N GLU A 929 -15.45 -4.75 -53.67
CA GLU A 929 -14.30 -3.88 -53.78
C GLU A 929 -14.62 -2.46 -53.34
N SER A 930 -15.88 -2.06 -53.39
CA SER A 930 -16.27 -0.73 -52.95
C SER A 930 -16.12 -0.53 -51.44
N LEU A 931 -15.95 -1.60 -50.67
CA LEU A 931 -15.71 -1.47 -49.24
C LEU A 931 -14.29 -1.01 -48.93
N TYR A 932 -13.37 -1.09 -49.90
CA TYR A 932 -11.95 -0.92 -49.63
C TYR A 932 -11.24 0.00 -50.62
N GLN A 933 -11.69 0.03 -51.88
CA GLN A 933 -10.77 0.42 -52.97
C GLN A 933 -10.26 1.86 -52.85
N ASP A 934 -10.95 2.74 -52.13
CA ASP A 934 -10.42 4.09 -51.96
C ASP A 934 -9.71 4.30 -50.62
N LYS A 935 -9.68 3.29 -49.75
CA LYS A 935 -8.86 3.35 -48.54
C LYS A 935 -7.38 3.05 -48.83
N PHE A 936 -7.11 2.13 -49.75
CA PHE A 936 -5.75 1.72 -50.07
C PHE A 936 -5.77 0.93 -51.38
N PRO A 937 -4.61 0.75 -52.02
CA PRO A 937 -4.59 -0.04 -53.26
C PRO A 937 -4.31 -1.53 -53.04
N PHE A 938 -3.56 -1.87 -51.99
CA PHE A 938 -3.17 -3.26 -51.76
C PHE A 938 -3.30 -3.63 -50.29
N PHE A 939 -3.61 -4.90 -50.04
CA PHE A 939 -3.60 -5.46 -48.70
C PHE A 939 -2.16 -5.70 -48.24
N ASN A 940 -1.96 -5.70 -46.92
CA ASN A 940 -0.62 -5.79 -46.35
C ASN A 940 -0.09 -7.22 -46.53
N PRO A 941 1.17 -7.47 -46.17
CA PRO A 941 1.70 -8.84 -46.34
C PRO A 941 0.89 -9.92 -45.64
N ILE A 942 0.37 -9.63 -44.44
CA ILE A 942 -0.36 -10.67 -43.71
C ILE A 942 -1.68 -10.99 -44.40
N GLN A 943 -2.44 -9.97 -44.76
CA GLN A 943 -3.67 -10.20 -45.50
C GLN A 943 -3.41 -10.87 -46.84
N THR A 944 -2.23 -10.62 -47.44
CA THR A 944 -1.88 -11.25 -48.70
C THR A 944 -1.61 -12.74 -48.53
N GLN A 945 -0.99 -13.11 -47.40
CA GLN A 945 -0.65 -14.51 -47.16
C GLN A 945 -1.87 -15.35 -46.79
N VAL A 946 -2.83 -14.77 -46.07
CA VAL A 946 -3.97 -15.57 -45.60
C VAL A 946 -5.16 -15.47 -46.54
N PHE A 947 -5.13 -14.55 -47.50
CA PHE A 947 -6.27 -14.29 -48.38
C PHE A 947 -6.82 -15.57 -49.00
N ASN A 948 -5.96 -16.34 -49.67
CA ASN A 948 -6.42 -17.53 -50.38
C ASN A 948 -7.15 -18.49 -49.44
N THR A 949 -6.53 -18.83 -48.31
CA THR A 949 -7.13 -19.74 -47.35
C THR A 949 -8.43 -19.19 -46.78
N VAL A 950 -8.50 -17.88 -46.56
CA VAL A 950 -9.71 -17.35 -45.93
C VAL A 950 -10.81 -17.16 -46.96
N TYR A 951 -10.44 -16.70 -48.14
CA TYR A 951 -11.42 -16.31 -49.16
C TYR A 951 -11.81 -17.47 -50.08
N ASN A 952 -10.95 -18.49 -50.24
CA ASN A 952 -11.17 -19.54 -51.23
C ASN A 952 -11.26 -20.91 -50.59
N SER A 953 -11.47 -20.97 -49.28
CA SER A 953 -11.50 -22.21 -48.54
C SER A 953 -12.50 -22.06 -47.42
N ASP A 954 -13.03 -23.20 -46.98
CA ASP A 954 -13.86 -23.22 -45.80
C ASP A 954 -13.13 -23.73 -44.57
N ASP A 955 -11.81 -23.94 -44.65
CA ASP A 955 -11.08 -24.41 -43.49
C ASP A 955 -11.19 -23.43 -42.33
N ASN A 956 -11.26 -23.99 -41.12
CA ASN A 956 -10.99 -23.20 -39.93
C ASN A 956 -9.58 -22.66 -39.99
N VAL A 957 -9.44 -21.37 -39.70
CA VAL A 957 -8.18 -20.67 -39.87
C VAL A 957 -7.88 -19.89 -38.61
N PHE A 958 -6.61 -19.89 -38.22
CA PHE A 958 -6.08 -19.08 -37.13
C PHE A 958 -5.10 -18.09 -37.73
N VAL A 959 -5.21 -16.83 -37.32
CA VAL A 959 -4.26 -15.78 -37.69
C VAL A 959 -3.76 -15.14 -36.41
N GLY A 960 -2.45 -15.26 -36.16
CA GLY A 960 -1.79 -14.62 -35.05
C GLY A 960 -0.78 -13.60 -35.54
N ALA A 961 -0.92 -12.36 -35.10
CA ALA A 961 -0.02 -11.29 -35.51
C ALA A 961 -0.20 -10.13 -34.53
N PRO A 962 0.79 -9.22 -34.43
CA PRO A 962 0.67 -8.11 -33.46
C PRO A 962 -0.54 -7.25 -33.77
N THR A 963 -1.16 -6.75 -32.70
CA THR A 963 -2.15 -5.67 -32.83
C THR A 963 -1.63 -4.62 -33.80
N GLY A 964 -2.51 -4.18 -34.69
CA GLY A 964 -2.08 -3.26 -35.73
C GLY A 964 -1.68 -3.89 -37.05
N SER A 965 -1.97 -5.17 -37.26
CA SER A 965 -1.64 -5.86 -38.49
C SER A 965 -2.84 -6.07 -39.40
N GLY A 966 -3.98 -5.44 -39.09
CA GLY A 966 -5.15 -5.58 -39.95
C GLY A 966 -5.77 -6.95 -39.89
N LYS A 967 -5.76 -7.57 -38.71
N LYS A 967 -5.78 -7.57 -38.70
CA LYS A 967 -6.32 -8.92 -38.57
CA LYS A 967 -6.31 -8.92 -38.56
C LYS A 967 -7.81 -8.93 -38.86
C LYS A 967 -7.81 -8.94 -38.84
N THR A 968 -8.54 -7.90 -38.44
CA THR A 968 -10.00 -7.95 -38.57
C THR A 968 -10.44 -7.87 -40.03
N ILE A 969 -9.61 -7.30 -40.91
CA ILE A 969 -9.90 -7.39 -42.34
C ILE A 969 -9.93 -8.84 -42.78
N CYS A 970 -9.00 -9.65 -42.26
CA CYS A 970 -8.96 -11.06 -42.62
C CYS A 970 -10.28 -11.74 -42.31
N ALA A 971 -10.91 -11.39 -41.19
CA ALA A 971 -12.21 -11.98 -40.89
C ALA A 971 -13.28 -11.38 -41.80
N GLU A 972 -13.12 -10.13 -42.22
CA GLU A 972 -13.98 -9.57 -43.24
C GLU A 972 -13.92 -10.40 -44.51
N PHE A 973 -12.72 -10.90 -44.85
CA PHE A 973 -12.59 -11.82 -45.99
C PHE A 973 -13.52 -13.00 -45.83
N ALA A 974 -13.65 -13.52 -44.62
CA ALA A 974 -14.44 -14.71 -44.39
C ALA A 974 -15.93 -14.39 -44.44
N ILE A 975 -16.33 -13.27 -43.85
CA ILE A 975 -17.70 -12.80 -43.98
C ILE A 975 -18.08 -12.66 -45.45
N LEU A 976 -17.15 -12.18 -46.27
CA LEU A 976 -17.47 -11.97 -47.68
C LEU A 976 -17.65 -13.29 -48.41
N ARG A 977 -16.79 -14.26 -48.11
CA ARG A 977 -16.97 -15.60 -48.66
C ARG A 977 -18.31 -16.19 -48.22
N MET A 978 -18.68 -15.95 -46.96
CA MET A 978 -19.97 -16.43 -46.48
C MET A 978 -21.11 -15.86 -47.31
N LEU A 979 -21.04 -14.58 -47.66
CA LEU A 979 -22.12 -13.94 -48.40
C LEU A 979 -22.21 -14.48 -49.82
N LEU A 980 -21.10 -14.96 -50.39
CA LEU A 980 -21.18 -15.59 -51.71
C LEU A 980 -21.86 -16.94 -51.63
N GLN A 981 -21.45 -17.78 -50.67
CA GLN A 981 -21.99 -19.11 -50.49
C GLN A 981 -23.45 -19.06 -50.04
N SER A 982 -23.78 -18.14 -49.15
CA SER A 982 -25.08 -18.09 -48.49
C SER A 982 -25.55 -16.64 -48.52
N SER A 983 -26.61 -16.38 -49.27
CA SER A 983 -27.07 -15.01 -49.35
C SER A 983 -27.71 -14.56 -48.04
N GLU A 984 -28.26 -15.50 -47.27
CA GLU A 984 -28.77 -15.23 -45.92
C GLU A 984 -28.03 -16.04 -44.86
N GLY A 985 -26.72 -16.20 -45.03
CA GLY A 985 -25.90 -16.84 -44.01
C GLY A 985 -25.64 -15.93 -42.83
N ARG A 986 -25.35 -16.54 -41.69
N ARG A 986 -25.36 -16.55 -41.70
CA ARG A 986 -25.25 -15.83 -40.43
CA ARG A 986 -25.22 -15.82 -40.46
C ARG A 986 -23.83 -15.90 -39.90
C ARG A 986 -23.79 -15.88 -39.97
N CYS A 987 -23.28 -14.74 -39.54
CA CYS A 987 -21.97 -14.63 -38.90
C CYS A 987 -22.14 -14.16 -37.46
N VAL A 988 -21.50 -14.86 -36.54
CA VAL A 988 -21.33 -14.40 -35.18
C VAL A 988 -19.86 -14.02 -35.03
N TYR A 989 -19.62 -12.79 -34.62
CA TYR A 989 -18.29 -12.28 -34.33
C TYR A 989 -18.22 -12.01 -32.84
N ILE A 990 -17.24 -12.59 -32.16
CA ILE A 990 -16.98 -12.30 -30.76
C ILE A 990 -15.74 -11.42 -30.63
N THR A 991 -15.83 -10.40 -29.78
CA THR A 991 -14.64 -9.73 -29.31
C THR A 991 -14.75 -9.60 -27.80
N PRO A 992 -13.62 -9.67 -27.09
CA PRO A 992 -13.69 -9.77 -25.61
C PRO A 992 -14.10 -8.48 -24.91
N MET A 993 -14.04 -7.31 -25.56
CA MET A 993 -14.24 -6.04 -24.86
C MET A 993 -15.40 -5.26 -25.46
N GLU A 994 -16.27 -4.74 -24.58
CA GLU A 994 -17.46 -4.06 -25.06
C GLU A 994 -17.09 -2.84 -25.91
N ALA A 995 -16.00 -2.15 -25.54
CA ALA A 995 -15.58 -0.99 -26.32
C ALA A 995 -15.15 -1.40 -27.73
N LEU A 996 -14.45 -2.54 -27.84
CA LEU A 996 -14.10 -3.07 -29.16
C LEU A 996 -15.35 -3.47 -29.96
N ALA A 997 -16.33 -4.11 -29.32
CA ALA A 997 -17.55 -4.47 -30.03
C ALA A 997 -18.23 -3.25 -30.63
N GLU A 998 -18.17 -2.10 -29.93
CA GLU A 998 -18.78 -0.88 -30.44
C GLU A 998 -17.99 -0.32 -31.63
N GLN A 999 -16.66 -0.30 -31.54
CA GLN A 999 -15.84 0.14 -32.68
C GLN A 999 -16.13 -0.69 -33.92
N VAL A 1000 -16.07 -2.02 -33.78
CA VAL A 1000 -16.29 -2.90 -34.93
C VAL A 1000 -17.70 -2.72 -35.46
N TYR A 1001 -18.66 -2.45 -34.57
CA TYR A 1001 -20.06 -2.37 -34.98
C TYR A 1001 -20.26 -1.27 -36.00
N MET A 1002 -19.73 -0.08 -35.71
CA MET A 1002 -19.95 1.04 -36.63
C MET A 1002 -19.17 0.87 -37.92
N ASP A 1003 -17.95 0.31 -37.86
CA ASP A 1003 -17.22 0.07 -39.10
C ASP A 1003 -17.87 -1.03 -39.93
N TRP A 1004 -18.37 -2.08 -39.28
CA TRP A 1004 -19.03 -3.14 -40.03
C TRP A 1004 -20.46 -2.79 -40.40
N TYR A 1005 -21.12 -1.92 -39.62
CA TYR A 1005 -22.43 -1.42 -40.02
C TYR A 1005 -22.36 -0.70 -41.36
N GLU A 1006 -21.38 0.20 -41.50
CA GLU A 1006 -21.20 0.89 -42.78
C GLU A 1006 -20.85 -0.08 -43.90
N LYS A 1007 -20.01 -1.08 -43.61
CA LYS A 1007 -19.49 -1.90 -44.69
C LYS A 1007 -20.55 -2.85 -45.21
N PHE A 1008 -21.20 -3.59 -44.31
CA PHE A 1008 -22.05 -4.70 -44.72
C PHE A 1008 -23.54 -4.36 -44.77
N GLN A 1009 -23.99 -3.40 -43.97
CA GLN A 1009 -25.38 -2.98 -44.07
C GLN A 1009 -25.55 -1.78 -45.01
N ASP A 1010 -24.79 -0.72 -44.77
CA ASP A 1010 -24.90 0.47 -45.62
C ASP A 1010 -24.49 0.15 -47.06
N ARG A 1011 -23.30 -0.43 -47.24
CA ARG A 1011 -22.73 -0.62 -48.57
C ARG A 1011 -22.94 -2.00 -49.15
N LEU A 1012 -23.52 -2.94 -48.40
CA LEU A 1012 -23.85 -4.26 -48.92
C LEU A 1012 -25.27 -4.70 -48.62
N ASN A 1013 -26.03 -3.91 -47.86
CA ASN A 1013 -27.45 -4.15 -47.65
C ASN A 1013 -27.71 -5.45 -46.90
N LYS A 1014 -26.75 -5.89 -46.08
CA LYS A 1014 -27.04 -6.98 -45.16
C LYS A 1014 -27.48 -6.36 -43.82
N LYS A 1015 -27.63 -7.18 -42.78
CA LYS A 1015 -28.00 -6.69 -41.46
C LYS A 1015 -26.85 -6.91 -40.49
N VAL A 1016 -26.33 -5.82 -39.93
CA VAL A 1016 -25.29 -5.84 -38.90
C VAL A 1016 -25.94 -5.47 -37.58
N VAL A 1017 -25.80 -6.32 -36.57
CA VAL A 1017 -26.46 -6.11 -35.29
C VAL A 1017 -25.47 -6.27 -34.14
N LEU A 1018 -25.70 -5.49 -33.09
CA LEU A 1018 -24.82 -5.44 -31.92
C LEU A 1018 -25.60 -5.93 -30.70
N LEU A 1019 -25.18 -7.06 -30.13
CA LEU A 1019 -25.96 -7.68 -29.05
C LEU A 1019 -25.91 -6.80 -27.80
N THR A 1020 -27.08 -6.59 -27.20
CA THR A 1020 -27.25 -5.65 -26.09
C THR A 1020 -27.03 -6.29 -24.74
N GLY A 1021 -27.37 -7.57 -24.60
CA GLY A 1021 -27.37 -8.21 -23.31
C GLY A 1021 -28.74 -8.33 -22.70
N GLU A 1022 -29.78 -7.92 -23.41
CA GLU A 1022 -31.17 -8.22 -23.10
C GLU A 1022 -31.64 -9.34 -24.02
N THR A 1023 -32.25 -10.37 -23.43
CA THR A 1023 -32.21 -11.71 -24.02
C THR A 1023 -33.04 -11.81 -25.30
N SER A 1024 -34.32 -11.43 -25.26
CA SER A 1024 -35.12 -11.59 -26.47
C SER A 1024 -34.90 -10.43 -27.45
N THR A 1025 -34.45 -9.28 -26.96
CA THR A 1025 -33.86 -8.28 -27.85
C THR A 1025 -32.76 -8.92 -28.68
N ASP A 1026 -31.80 -9.56 -27.99
CA ASP A 1026 -30.69 -10.21 -28.70
C ASP A 1026 -31.17 -11.35 -29.59
N LEU A 1027 -32.17 -12.10 -29.14
CA LEU A 1027 -32.66 -13.24 -29.92
C LEU A 1027 -33.29 -12.78 -31.24
N LYS A 1028 -34.04 -11.66 -31.22
CA LYS A 1028 -34.54 -11.11 -32.48
C LYS A 1028 -33.40 -10.69 -33.40
N LEU A 1029 -32.28 -10.25 -32.83
CA LEU A 1029 -31.20 -9.72 -33.63
C LEU A 1029 -30.50 -10.83 -34.43
N LEU A 1030 -30.21 -11.97 -33.79
CA LEU A 1030 -29.52 -13.01 -34.54
C LEU A 1030 -30.44 -13.73 -35.50
N GLY A 1031 -31.76 -13.61 -35.34
CA GLY A 1031 -32.68 -14.12 -36.33
C GLY A 1031 -32.69 -13.35 -37.62
N LYS A 1032 -32.44 -12.03 -37.57
CA LYS A 1032 -32.41 -11.19 -38.76
C LYS A 1032 -31.00 -10.86 -39.23
N GLY A 1033 -30.07 -10.59 -38.31
CA GLY A 1033 -28.77 -10.10 -38.71
C GLY A 1033 -28.00 -11.12 -39.53
N ASN A 1034 -27.17 -10.62 -40.44
CA ASN A 1034 -26.16 -11.45 -41.09
C ASN A 1034 -24.79 -11.33 -40.42
N ILE A 1035 -24.54 -10.24 -39.73
CA ILE A 1035 -23.36 -10.09 -38.90
C ILE A 1035 -23.86 -9.72 -37.52
N ILE A 1036 -23.61 -10.60 -36.56
CA ILE A 1036 -24.01 -10.42 -35.17
C ILE A 1036 -22.74 -10.22 -34.36
N ILE A 1037 -22.57 -9.04 -33.80
CA ILE A 1037 -21.39 -8.70 -33.03
C ILE A 1037 -21.72 -8.88 -31.56
N SER A 1038 -20.82 -9.55 -30.83
CA SER A 1038 -21.08 -9.81 -29.42
C SER A 1038 -19.79 -9.92 -28.61
N THR A 1039 -19.89 -9.51 -27.35
CA THR A 1039 -18.95 -9.88 -26.29
C THR A 1039 -19.27 -11.28 -25.75
N PRO A 1040 -18.35 -11.88 -25.00
CA PRO A 1040 -18.50 -13.33 -24.70
C PRO A 1040 -19.73 -13.70 -23.86
N GLU A 1041 -19.93 -13.04 -22.72
N GLU A 1041 -19.95 -13.04 -22.72
CA GLU A 1041 -21.06 -13.36 -21.85
CA GLU A 1041 -21.08 -13.42 -21.86
C GLU A 1041 -22.39 -13.28 -22.59
C GLU A 1041 -22.41 -13.27 -22.58
N LYS A 1042 -22.52 -12.27 -23.47
CA LYS A 1042 -23.76 -12.08 -24.20
C LYS A 1042 -24.05 -13.23 -25.14
N TRP A 1043 -22.99 -13.86 -25.67
CA TRP A 1043 -23.17 -15.02 -26.52
C TRP A 1043 -23.32 -16.28 -25.69
N ASP A 1044 -22.69 -16.32 -24.53
CA ASP A 1044 -22.81 -17.47 -23.63
C ASP A 1044 -24.27 -17.70 -23.23
N ILE A 1045 -24.92 -16.68 -22.66
CA ILE A 1045 -26.33 -16.79 -22.24
C ILE A 1045 -27.18 -17.36 -23.37
N LEU A 1046 -26.96 -16.90 -24.60
CA LEU A 1046 -27.73 -17.38 -25.73
C LEU A 1046 -27.28 -18.77 -26.19
N SER A 1047 -25.97 -18.96 -26.37
CA SER A 1047 -25.48 -20.21 -26.94
C SER A 1047 -25.72 -21.40 -26.03
N ARG A 1048 -25.95 -21.18 -24.73
CA ARG A 1048 -26.31 -22.26 -23.83
C ARG A 1048 -27.57 -22.98 -24.32
N ARG A 1049 -28.49 -22.23 -24.92
CA ARG A 1049 -29.79 -22.74 -25.32
C ARG A 1049 -29.82 -23.24 -26.74
N TRP A 1050 -28.69 -23.76 -27.25
CA TRP A 1050 -28.59 -24.02 -28.68
C TRP A 1050 -29.49 -25.17 -29.13
N LYS A 1051 -29.72 -26.16 -28.26
CA LYS A 1051 -30.58 -27.27 -28.65
C LYS A 1051 -32.01 -26.85 -28.92
N GLN A 1052 -32.50 -25.81 -28.24
CA GLN A 1052 -33.84 -25.30 -28.45
C GLN A 1052 -33.86 -24.12 -29.39
N ARG A 1053 -32.71 -23.64 -29.85
CA ARG A 1053 -32.59 -22.39 -30.60
C ARG A 1053 -31.88 -22.68 -31.91
N LYS A 1054 -32.70 -22.82 -32.95
CA LYS A 1054 -32.20 -23.12 -34.29
C LYS A 1054 -31.22 -22.07 -34.75
N ASN A 1055 -31.49 -20.82 -34.41
CA ASN A 1055 -30.70 -19.71 -34.93
C ASN A 1055 -29.32 -19.63 -34.27
N VAL A 1056 -28.96 -20.63 -33.46
CA VAL A 1056 -27.62 -20.78 -32.91
C VAL A 1056 -26.85 -21.89 -33.63
N GLN A 1057 -27.47 -23.04 -33.83
CA GLN A 1057 -26.74 -24.10 -34.51
C GLN A 1057 -26.66 -23.87 -36.02
N ASN A 1058 -27.48 -22.96 -36.56
CA ASN A 1058 -27.48 -22.67 -37.99
C ASN A 1058 -26.49 -21.58 -38.35
N ILE A 1059 -25.50 -21.33 -37.51
CA ILE A 1059 -24.48 -20.32 -37.78
C ILE A 1059 -23.55 -20.83 -38.85
N ASN A 1060 -23.36 -20.04 -39.91
CA ASN A 1060 -22.38 -20.38 -40.95
C ASN A 1060 -20.95 -20.09 -40.52
N LEU A 1061 -20.74 -18.95 -39.87
CA LEU A 1061 -19.41 -18.42 -39.59
C LEU A 1061 -19.33 -17.90 -38.17
N PHE A 1062 -18.30 -18.32 -37.46
CA PHE A 1062 -18.05 -17.88 -36.09
C PHE A 1062 -16.63 -17.34 -36.03
N VAL A 1063 -16.50 -16.07 -35.72
CA VAL A 1063 -15.21 -15.38 -35.68
C VAL A 1063 -14.99 -14.95 -34.25
N VAL A 1064 -13.88 -15.37 -33.65
CA VAL A 1064 -13.46 -14.88 -32.36
C VAL A 1064 -12.20 -14.04 -32.55
N ASP A 1065 -12.23 -12.83 -31.99
CA ASP A 1065 -11.17 -11.85 -32.09
C ASP A 1065 -10.46 -11.73 -30.74
N GLU A 1066 -9.18 -11.32 -30.81
CA GLU A 1066 -8.32 -11.15 -29.63
C GLU A 1066 -8.39 -12.38 -28.72
N VAL A 1067 -8.37 -13.55 -29.35
CA VAL A 1067 -8.63 -14.80 -28.65
C VAL A 1067 -7.52 -15.13 -27.67
N HIS A 1068 -6.36 -14.49 -27.82
CA HIS A 1068 -5.35 -14.65 -26.78
C HIS A 1068 -5.87 -14.24 -25.41
N LEU A 1069 -6.96 -13.46 -25.34
CA LEU A 1069 -7.50 -13.10 -24.02
C LEU A 1069 -8.20 -14.27 -23.33
N ILE A 1070 -8.20 -15.47 -23.90
CA ILE A 1070 -8.58 -16.64 -23.10
C ILE A 1070 -7.67 -16.76 -21.88
N GLY A 1071 -6.42 -16.30 -21.98
CA GLY A 1071 -5.45 -16.40 -20.91
C GLY A 1071 -5.58 -15.36 -19.83
N GLY A 1072 -6.46 -14.37 -20.02
CA GLY A 1072 -6.64 -13.30 -19.07
C GLY A 1072 -7.82 -13.52 -18.15
N GLU A 1073 -8.14 -12.46 -17.38
CA GLU A 1073 -9.00 -12.62 -16.22
C GLU A 1073 -10.39 -13.16 -16.61
N ASN A 1074 -10.97 -12.69 -17.71
CA ASN A 1074 -12.27 -13.17 -18.17
C ASN A 1074 -12.16 -14.16 -19.33
N GLY A 1075 -11.02 -14.86 -19.43
CA GLY A 1075 -10.83 -15.86 -20.44
C GLY A 1075 -11.76 -17.06 -20.41
N PRO A 1076 -12.15 -17.56 -19.22
CA PRO A 1076 -12.90 -18.84 -19.22
C PRO A 1076 -14.22 -18.81 -20.00
N VAL A 1077 -14.97 -17.71 -19.96
CA VAL A 1077 -16.19 -17.61 -20.73
C VAL A 1077 -15.88 -17.58 -22.22
N LEU A 1078 -14.78 -16.92 -22.59
CA LEU A 1078 -14.38 -16.96 -24.00
C LEU A 1078 -13.97 -18.38 -24.41
N GLU A 1079 -13.20 -19.08 -23.57
CA GLU A 1079 -12.88 -20.48 -23.87
C GLU A 1079 -14.14 -21.32 -23.98
N VAL A 1080 -15.12 -21.08 -23.10
CA VAL A 1080 -16.29 -21.96 -23.05
C VAL A 1080 -17.13 -21.81 -24.32
N ILE A 1081 -17.32 -20.58 -24.79
CA ILE A 1081 -18.23 -20.41 -25.91
C ILE A 1081 -17.59 -20.88 -27.21
N CYS A 1082 -16.27 -20.74 -27.34
CA CYS A 1082 -15.56 -21.34 -28.46
C CYS A 1082 -15.62 -22.85 -28.42
N SER A 1083 -15.36 -23.42 -27.25
CA SER A 1083 -15.47 -24.86 -27.06
C SER A 1083 -16.87 -25.33 -27.43
N ARG A 1084 -17.88 -24.49 -27.19
CA ARG A 1084 -19.24 -24.90 -27.51
C ARG A 1084 -19.46 -24.88 -29.01
N MET A 1085 -19.03 -23.82 -29.70
CA MET A 1085 -19.21 -23.77 -31.14
C MET A 1085 -18.55 -24.95 -31.83
N ARG A 1086 -17.44 -25.43 -31.28
CA ARG A 1086 -16.83 -26.64 -31.82
C ARG A 1086 -17.69 -27.86 -31.56
N TYR A 1087 -18.15 -28.02 -30.31
CA TYR A 1087 -19.00 -29.14 -29.97
C TYR A 1087 -20.28 -29.13 -30.80
N ILE A 1088 -20.94 -27.96 -30.93
CA ILE A 1088 -22.18 -27.90 -31.70
C ILE A 1088 -21.94 -28.34 -33.13
N SER A 1089 -20.88 -27.83 -33.75
CA SER A 1089 -20.65 -28.13 -35.16
C SER A 1089 -20.41 -29.62 -35.37
N SER A 1090 -19.85 -30.31 -34.38
CA SER A 1090 -19.62 -31.74 -34.51
C SER A 1090 -20.92 -32.53 -34.43
N GLN A 1091 -21.86 -32.10 -33.59
CA GLN A 1091 -23.17 -32.76 -33.45
C GLN A 1091 -23.97 -32.66 -34.74
N ILE A 1092 -24.37 -31.43 -35.09
CA ILE A 1092 -25.25 -31.16 -36.21
C ILE A 1092 -24.70 -31.62 -37.56
N GLU A 1093 -23.39 -31.90 -37.66
CA GLU A 1093 -22.76 -32.40 -38.88
C GLU A 1093 -23.09 -31.53 -40.10
N ARG A 1094 -23.03 -30.21 -39.89
CA ARG A 1094 -23.01 -29.22 -40.98
C ARG A 1094 -22.01 -28.17 -40.56
N PRO A 1095 -20.71 -28.40 -40.79
CA PRO A 1095 -19.66 -27.71 -40.04
C PRO A 1095 -19.87 -26.20 -39.95
N ILE A 1096 -19.58 -25.65 -38.77
CA ILE A 1096 -19.57 -24.21 -38.57
C ILE A 1096 -18.14 -23.73 -38.75
N ARG A 1097 -17.92 -22.83 -39.71
CA ARG A 1097 -16.56 -22.34 -39.89
C ARG A 1097 -16.14 -21.46 -38.72
N ILE A 1098 -14.89 -21.61 -38.29
CA ILE A 1098 -14.33 -20.81 -37.22
C ILE A 1098 -13.07 -20.12 -37.72
N VAL A 1099 -12.99 -18.82 -37.49
CA VAL A 1099 -11.80 -18.02 -37.70
C VAL A 1099 -11.41 -17.39 -36.37
N ALA A 1100 -10.14 -17.53 -36.03
CA ALA A 1100 -9.61 -17.05 -34.76
C ALA A 1100 -8.52 -16.04 -35.04
N LEU A 1101 -8.64 -14.87 -34.41
CA LEU A 1101 -7.65 -13.81 -34.56
C LEU A 1101 -7.03 -13.53 -33.20
N SER A 1102 -5.71 -13.33 -33.19
CA SER A 1102 -4.98 -13.25 -31.93
C SER A 1102 -3.71 -12.42 -32.14
N SER A 1103 -3.24 -11.79 -31.05
CA SER A 1103 -1.86 -11.33 -30.98
C SER A 1103 -0.93 -12.53 -31.10
N SER A 1104 0.33 -12.26 -31.40
CA SER A 1104 1.29 -13.34 -31.59
C SER A 1104 1.36 -14.21 -30.36
N LEU A 1105 1.17 -15.52 -30.57
CA LEU A 1105 1.16 -16.51 -29.50
C LEU A 1105 2.31 -17.48 -29.70
N SER A 1106 3.02 -17.78 -28.63
CA SER A 1106 4.07 -18.80 -28.74
C SER A 1106 3.47 -20.19 -28.89
N ASN A 1107 2.35 -20.46 -28.22
CA ASN A 1107 1.64 -21.73 -28.32
C ASN A 1107 0.40 -21.59 -29.21
N ALA A 1108 0.61 -20.94 -30.35
CA ALA A 1108 -0.46 -20.77 -31.33
C ALA A 1108 -1.02 -22.11 -31.78
N LYS A 1109 -0.15 -23.12 -31.93
CA LYS A 1109 -0.60 -24.40 -32.46
C LYS A 1109 -1.61 -25.06 -31.54
N ASP A 1110 -1.49 -24.82 -30.23
CA ASP A 1110 -2.47 -25.34 -29.28
C ASP A 1110 -3.82 -24.69 -29.46
N VAL A 1111 -3.87 -23.37 -29.64
CA VAL A 1111 -5.14 -22.73 -29.92
C VAL A 1111 -5.73 -23.32 -31.19
N ALA A 1112 -4.88 -23.46 -32.20
CA ALA A 1112 -5.36 -23.88 -33.51
C ALA A 1112 -5.89 -25.31 -33.48
N HIS A 1113 -5.16 -26.23 -32.85
CA HIS A 1113 -5.63 -27.60 -32.70
C HIS A 1113 -6.99 -27.63 -32.01
N TRP A 1114 -7.08 -26.96 -30.86
CA TRP A 1114 -8.32 -26.78 -30.12
C TRP A 1114 -9.48 -26.33 -31.01
N LEU A 1115 -9.25 -25.35 -31.91
CA LEU A 1115 -10.30 -24.83 -32.76
C LEU A 1115 -10.39 -25.56 -34.11
N GLY A 1116 -9.67 -26.67 -34.27
CA GLY A 1116 -9.75 -27.45 -35.50
C GLY A 1116 -9.20 -26.73 -36.71
N CYS A 1117 -8.00 -26.15 -36.58
CA CYS A 1117 -7.33 -25.46 -37.67
C CYS A 1117 -6.18 -26.34 -38.16
N SER A 1118 -6.21 -26.71 -39.45
CA SER A 1118 -5.12 -27.50 -40.02
C SER A 1118 -3.82 -26.71 -39.96
N ALA A 1119 -2.69 -27.42 -40.00
CA ALA A 1119 -1.41 -26.74 -39.86
C ALA A 1119 -1.24 -25.66 -40.94
N THR A 1120 -1.60 -25.96 -42.19
CA THR A 1120 -1.49 -24.97 -43.26
C THR A 1120 -2.43 -23.79 -43.08
N SER A 1121 -3.48 -23.93 -42.28
CA SER A 1121 -4.44 -22.86 -42.02
C SER A 1121 -4.25 -22.21 -40.64
N THR A 1122 -3.04 -22.28 -40.09
CA THR A 1122 -2.71 -21.50 -38.91
C THR A 1122 -1.53 -20.61 -39.27
N PHE A 1123 -1.76 -19.31 -39.25
CA PHE A 1123 -0.72 -18.34 -39.55
C PHE A 1123 -0.30 -17.73 -38.21
N ASN A 1124 0.70 -18.35 -37.61
CA ASN A 1124 1.29 -17.96 -36.34
C ASN A 1124 2.48 -17.07 -36.67
N PHE A 1125 2.23 -15.76 -36.75
CA PHE A 1125 3.28 -14.78 -36.97
C PHE A 1125 3.73 -14.22 -35.63
N HIS A 1126 4.98 -13.86 -35.56
CA HIS A 1126 5.59 -13.29 -34.37
C HIS A 1126 5.74 -11.77 -34.55
N PRO A 1127 6.06 -11.03 -33.47
CA PRO A 1127 5.93 -9.56 -33.53
C PRO A 1127 6.80 -8.85 -34.57
N ASN A 1128 7.91 -9.43 -35.02
CA ASN A 1128 8.80 -8.71 -35.93
C ASN A 1128 8.18 -8.42 -37.30
N VAL A 1129 6.99 -8.94 -37.58
CA VAL A 1129 6.41 -8.84 -38.92
C VAL A 1129 5.33 -7.77 -39.02
N ARG A 1130 5.12 -6.98 -37.97
CA ARG A 1130 4.09 -5.95 -38.01
C ARG A 1130 4.30 -5.05 -39.22
N PRO A 1131 3.25 -4.75 -39.99
CA PRO A 1131 3.44 -3.96 -41.23
C PRO A 1131 4.14 -2.63 -41.02
N VAL A 1132 3.71 -1.82 -40.04
CA VAL A 1132 4.42 -0.62 -39.64
C VAL A 1132 5.46 -1.06 -38.58
N PRO A 1133 6.73 -1.05 -38.91
CA PRO A 1133 7.77 -1.43 -37.93
C PRO A 1133 7.56 -0.73 -36.58
N LEU A 1134 7.69 -1.52 -35.51
CA LEU A 1134 7.56 -1.04 -34.14
C LEU A 1134 8.94 -0.90 -33.51
N GLU A 1135 9.33 0.34 -33.19
CA GLU A 1135 10.55 0.61 -32.42
C GLU A 1135 10.17 0.72 -30.95
N LEU A 1136 10.57 -0.27 -30.15
CA LEU A 1136 10.13 -0.40 -28.77
C LEU A 1136 11.29 -0.09 -27.83
N HIS A 1137 11.04 0.80 -26.87
CA HIS A 1137 12.05 1.17 -25.90
C HIS A 1137 11.45 1.00 -24.51
N ILE A 1138 12.13 0.23 -23.67
CA ILE A 1138 11.71 -0.01 -22.31
C ILE A 1138 12.74 0.66 -21.42
N GLN A 1139 12.34 1.73 -20.72
CA GLN A 1139 13.22 2.43 -19.78
C GLN A 1139 12.88 2.03 -18.36
N GLY A 1140 13.88 1.58 -17.61
CA GLY A 1140 13.69 1.26 -16.22
C GLY A 1140 13.93 2.47 -15.31
N PHE A 1141 13.12 2.56 -14.23
CA PHE A 1141 13.24 3.59 -13.19
C PHE A 1141 13.43 2.98 -11.80
N ASN A 1142 14.38 3.55 -11.05
CA ASN A 1142 14.85 3.01 -9.78
C ASN A 1142 13.82 3.10 -8.66
N ILE A 1143 13.08 4.21 -8.58
CA ILE A 1143 12.35 4.57 -7.38
C ILE A 1143 11.21 3.58 -7.13
N SER A 1144 11.15 3.06 -5.91
CA SER A 1144 10.17 2.08 -5.46
C SER A 1144 8.85 2.68 -4.99
N HIS A 1145 8.85 3.95 -4.58
CA HIS A 1145 7.67 4.65 -4.12
C HIS A 1145 6.96 5.32 -5.32
N THR A 1146 5.71 4.90 -5.57
CA THR A 1146 5.07 5.17 -6.87
C THR A 1146 4.94 6.66 -7.17
N GLN A 1147 4.49 7.45 -6.20
CA GLN A 1147 4.40 8.88 -6.43
C GLN A 1147 5.74 9.49 -6.86
N THR A 1148 6.81 9.20 -6.12
CA THR A 1148 8.12 9.71 -6.51
C THR A 1148 8.55 9.15 -7.86
N ARG A 1149 8.26 7.88 -8.13
CA ARG A 1149 8.67 7.33 -9.43
C ARG A 1149 7.94 8.05 -10.57
N LEU A 1150 6.64 8.29 -10.40
CA LEU A 1150 5.91 9.02 -11.42
C LEU A 1150 6.57 10.36 -11.66
N LEU A 1151 6.97 11.02 -10.57
CA LEU A 1151 7.67 12.28 -10.70
C LEU A 1151 8.95 12.12 -11.51
N SER A 1152 9.78 11.13 -11.17
CA SER A 1152 11.00 10.89 -11.93
C SER A 1152 10.73 10.65 -13.43
N MET A 1153 9.49 10.29 -13.80
N MET A 1153 9.49 10.28 -13.80
CA MET A 1153 9.18 10.05 -15.19
CA MET A 1153 9.16 10.05 -15.20
C MET A 1153 8.61 11.26 -15.91
C MET A 1153 8.72 11.32 -15.92
N ALA A 1154 8.26 12.32 -15.18
CA ALA A 1154 7.56 13.47 -15.78
C ALA A 1154 8.37 14.12 -16.90
N LYS A 1155 9.59 14.56 -16.58
CA LYS A 1155 10.45 15.16 -17.61
C LYS A 1155 10.78 14.18 -18.72
N PRO A 1156 11.25 12.96 -18.45
CA PRO A 1156 11.50 12.01 -19.54
C PRO A 1156 10.34 11.80 -20.49
N VAL A 1157 9.09 11.94 -20.01
CA VAL A 1157 7.95 11.92 -20.93
C VAL A 1157 8.13 12.99 -21.99
N TYR A 1158 8.40 14.22 -21.56
CA TYR A 1158 8.62 15.31 -22.50
C TYR A 1158 9.79 15.01 -23.45
N HIS A 1159 10.95 14.63 -22.90
CA HIS A 1159 12.14 14.36 -23.71
C HIS A 1159 11.89 13.23 -24.71
N ALA A 1160 11.07 12.26 -24.33
CA ALA A 1160 10.74 11.18 -25.26
C ALA A 1160 9.98 11.72 -26.47
N ILE A 1161 9.12 12.71 -26.24
CA ILE A 1161 8.37 13.29 -27.34
C ILE A 1161 9.31 14.02 -28.30
N THR A 1162 10.19 14.87 -27.77
CA THR A 1162 11.11 15.60 -28.64
C THR A 1162 12.08 14.67 -29.32
N LYS A 1163 12.45 13.54 -28.70
CA LYS A 1163 13.42 12.65 -29.32
C LYS A 1163 12.78 11.70 -30.32
N HIS A 1164 11.56 11.24 -30.03
CA HIS A 1164 10.97 10.20 -30.84
C HIS A 1164 9.81 10.69 -31.71
N SER A 1165 9.17 11.81 -31.36
CA SER A 1165 8.10 12.25 -32.25
C SER A 1165 7.90 13.76 -32.07
N PRO A 1166 8.85 14.60 -32.52
CA PRO A 1166 8.70 16.07 -32.32
C PRO A 1166 7.50 16.67 -33.03
N LYS A 1167 7.16 16.16 -34.21
CA LYS A 1167 6.04 16.70 -34.95
C LYS A 1167 4.85 15.77 -35.04
N LYS A 1168 5.03 14.51 -34.78
CA LYS A 1168 3.97 13.56 -35.04
C LYS A 1168 3.21 13.19 -33.76
N PRO A 1169 1.96 12.76 -33.87
CA PRO A 1169 1.09 12.63 -32.69
C PRO A 1169 1.55 11.59 -31.67
N VAL A 1170 1.23 11.88 -30.41
CA VAL A 1170 1.70 11.14 -29.25
C VAL A 1170 0.52 10.83 -28.34
N ILE A 1171 0.41 9.58 -27.90
CA ILE A 1171 -0.47 9.21 -26.80
C ILE A 1171 0.38 8.88 -25.59
N VAL A 1172 0.08 9.52 -24.46
CA VAL A 1172 0.67 9.16 -23.18
C VAL A 1172 -0.40 8.44 -22.38
N PHE A 1173 -0.12 7.20 -22.03
CA PHE A 1173 -0.99 6.47 -21.13
C PHE A 1173 -0.52 6.63 -19.68
N VAL A 1174 -1.41 7.01 -18.79
CA VAL A 1174 -1.05 7.22 -17.39
C VAL A 1174 -1.94 6.34 -16.52
N PRO A 1175 -1.50 6.05 -15.29
CA PRO A 1175 -2.23 5.10 -14.43
C PRO A 1175 -3.61 5.55 -13.94
N SER A 1176 -4.00 6.80 -14.06
CA SER A 1176 -5.20 7.16 -13.32
C SER A 1176 -5.80 8.43 -13.89
N ARG A 1177 -7.10 8.60 -13.60
CA ARG A 1177 -7.84 9.79 -13.99
C ARG A 1177 -7.17 11.05 -13.47
N LYS A 1178 -6.87 11.10 -12.18
CA LYS A 1178 -6.16 12.25 -11.64
C LYS A 1178 -4.89 12.55 -12.46
N GLN A 1179 -4.15 11.49 -12.85
CA GLN A 1179 -2.84 11.69 -13.44
C GLN A 1179 -2.90 12.25 -14.87
N THR A 1180 -3.97 11.97 -15.62
CA THR A 1180 -4.08 12.53 -16.97
C THR A 1180 -3.97 14.05 -16.95
N ARG A 1181 -4.76 14.69 -16.07
CA ARG A 1181 -4.68 16.14 -15.93
C ARG A 1181 -3.29 16.57 -15.50
N LEU A 1182 -2.80 15.98 -14.41
CA LEU A 1182 -1.48 16.33 -13.87
C LEU A 1182 -0.39 16.28 -14.95
N THR A 1183 -0.45 15.31 -15.84
CA THR A 1183 0.65 15.10 -16.80
C THR A 1183 0.50 15.99 -18.04
N ALA A 1184 -0.73 16.23 -18.50
CA ALA A 1184 -0.94 17.23 -19.53
C ALA A 1184 -0.41 18.60 -19.10
N ILE A 1185 -0.71 19.02 -17.87
CA ILE A 1185 -0.17 20.27 -17.40
C ILE A 1185 1.34 20.19 -17.28
N ASP A 1186 1.86 19.06 -16.81
CA ASP A 1186 3.31 18.95 -16.67
C ASP A 1186 4.01 19.03 -18.02
N ILE A 1187 3.52 18.27 -19.01
CA ILE A 1187 4.06 18.36 -20.37
C ILE A 1187 4.09 19.81 -20.82
N LEU A 1188 3.01 20.55 -20.57
CA LEU A 1188 2.91 21.95 -20.95
C LEU A 1188 3.93 22.81 -20.21
N THR A 1189 4.03 22.62 -18.89
CA THR A 1189 4.97 23.44 -18.13
C THR A 1189 6.38 23.25 -18.65
N THR A 1190 6.70 22.03 -19.06
CA THR A 1190 8.01 21.76 -19.61
C THR A 1190 8.17 22.42 -20.96
N CYS A 1191 7.11 22.37 -21.78
CA CYS A 1191 7.14 23.04 -23.07
C CYS A 1191 7.37 24.54 -22.90
N ALA A 1192 6.80 25.13 -21.85
CA ALA A 1192 6.96 26.57 -21.62
C ALA A 1192 8.36 26.93 -21.16
N ALA A 1193 9.05 26.04 -20.43
CA ALA A 1193 10.42 26.28 -20.00
C ALA A 1193 11.45 25.83 -21.03
N ASP A 1194 11.02 25.08 -22.05
CA ASP A 1194 11.74 24.95 -23.31
C ASP A 1194 11.58 26.21 -24.17
N ILE A 1195 10.81 27.18 -23.67
CA ILE A 1195 10.31 28.38 -24.35
C ILE A 1195 9.75 27.97 -25.72
N GLN A 1196 9.22 26.75 -25.79
CA GLN A 1196 8.52 26.21 -26.95
C GLN A 1196 7.02 26.10 -26.71
N ARG A 1197 6.47 26.96 -25.85
CA ARG A 1197 5.03 27.00 -25.59
C ARG A 1197 4.25 26.92 -26.91
N GLN A 1198 3.16 26.17 -26.88
CA GLN A 1198 2.19 26.04 -27.98
C GLN A 1198 2.69 25.19 -29.16
N ARG A 1199 3.87 24.58 -29.08
CA ARG A 1199 4.39 23.88 -30.25
C ARG A 1199 3.72 22.54 -30.51
N PHE A 1200 2.78 22.13 -29.64
CA PHE A 1200 1.90 21.00 -29.88
C PHE A 1200 0.54 21.44 -30.44
N LEU A 1201 0.30 22.74 -30.57
CA LEU A 1201 -0.93 23.25 -31.18
C LEU A 1201 -0.66 23.46 -32.66
N HIS A 1202 -1.34 22.68 -33.51
CA HIS A 1202 -1.11 22.72 -34.95
C HIS A 1202 -2.30 23.28 -35.71
N CYS A 1203 -3.21 23.94 -35.03
CA CYS A 1203 -4.26 24.73 -35.65
C CYS A 1203 -4.19 26.15 -35.08
N THR A 1204 -5.04 27.04 -35.60
CA THR A 1204 -5.01 28.42 -35.11
C THR A 1204 -5.61 28.49 -33.71
N GLU A 1205 -5.23 29.53 -32.98
CA GLU A 1205 -5.85 29.74 -31.69
C GLU A 1205 -7.32 30.17 -31.81
N LYS A 1206 -7.87 29.96 -33.02
CA LYS A 1206 -9.16 30.44 -33.50
C LYS A 1206 -10.08 29.34 -33.98
N ASP A 1207 -9.64 28.56 -34.97
CA ASP A 1207 -10.39 27.37 -35.37
C ASP A 1207 -10.68 26.48 -34.17
N LEU A 1208 -10.00 26.72 -33.05
CA LEU A 1208 -10.05 25.83 -31.90
C LEU A 1208 -11.32 25.96 -31.09
N ILE A 1209 -12.05 27.07 -31.22
CA ILE A 1209 -12.94 27.51 -30.14
C ILE A 1209 -14.42 27.24 -30.43
N PRO A 1210 -14.88 27.19 -31.68
CA PRO A 1210 -16.12 26.45 -31.92
C PRO A 1210 -16.05 25.03 -31.38
N TYR A 1211 -14.86 24.43 -31.34
CA TYR A 1211 -14.66 23.18 -30.63
C TYR A 1211 -14.68 23.40 -29.11
N LEU A 1212 -14.09 24.50 -28.64
CA LEU A 1212 -13.70 24.61 -27.25
C LEU A 1212 -14.87 24.92 -26.32
N GLU A 1213 -15.69 25.92 -26.67
CA GLU A 1213 -16.72 26.40 -25.75
C GLU A 1213 -17.70 25.31 -25.35
N LYS A 1214 -17.81 24.25 -26.13
CA LYS A 1214 -18.69 23.13 -25.80
C LYS A 1214 -18.24 22.35 -24.58
N LEU A 1215 -17.14 22.72 -23.93
CA LEU A 1215 -16.58 21.91 -22.86
C LEU A 1215 -16.89 22.48 -21.48
N SER A 1216 -16.88 21.59 -20.49
CA SER A 1216 -17.23 21.93 -19.12
C SER A 1216 -16.01 22.11 -18.23
N ASP A 1217 -14.89 21.50 -18.59
CA ASP A 1217 -13.68 21.50 -17.77
C ASP A 1217 -12.79 22.66 -18.19
N SER A 1218 -12.55 23.59 -17.26
CA SER A 1218 -11.74 24.76 -17.59
C SER A 1218 -10.30 24.38 -17.89
N THR A 1219 -9.75 23.40 -17.15
CA THR A 1219 -8.36 22.97 -17.37
C THR A 1219 -8.17 22.31 -18.72
N LEU A 1220 -9.10 21.41 -19.10
CA LEU A 1220 -9.02 20.79 -20.42
C LEU A 1220 -8.99 21.85 -21.53
N LYS A 1221 -9.75 22.94 -21.35
CA LYS A 1221 -9.70 24.04 -22.32
C LYS A 1221 -8.32 24.68 -22.36
N GLU A 1222 -7.74 24.99 -21.19
CA GLU A 1222 -6.43 25.63 -21.17
C GLU A 1222 -5.38 24.76 -21.84
N THR A 1223 -5.34 23.47 -21.48
CA THR A 1223 -4.32 22.59 -22.04
C THR A 1223 -4.55 22.37 -23.54
N LEU A 1224 -5.83 22.23 -23.94
CA LEU A 1224 -6.13 22.10 -25.37
C LEU A 1224 -5.63 23.30 -26.15
N LEU A 1225 -5.79 24.50 -25.57
CA LEU A 1225 -5.29 25.73 -26.18
C LEU A 1225 -3.78 25.71 -26.42
N ASN A 1226 -3.05 24.80 -25.78
CA ASN A 1226 -1.61 24.70 -25.90
C ASN A 1226 -1.19 23.43 -26.60
N GLY A 1227 -2.15 22.69 -27.14
CA GLY A 1227 -1.88 21.55 -27.98
C GLY A 1227 -1.93 20.22 -27.29
N VAL A 1228 -2.53 20.13 -26.10
CA VAL A 1228 -2.51 18.90 -25.31
C VAL A 1228 -3.89 18.61 -24.75
N GLY A 1229 -4.46 17.48 -25.17
CA GLY A 1229 -5.69 17.01 -24.60
C GLY A 1229 -5.42 15.92 -23.57
N TYR A 1230 -6.48 15.58 -22.84
CA TYR A 1230 -6.42 14.38 -22.04
C TYR A 1230 -7.78 13.70 -22.09
N LEU A 1231 -7.76 12.39 -21.81
CA LEU A 1231 -8.93 11.52 -21.85
C LEU A 1231 -8.99 10.70 -20.57
N HIS A 1232 -10.17 10.70 -19.94
CA HIS A 1232 -10.44 9.86 -18.78
C HIS A 1232 -11.95 9.66 -18.69
N GLU A 1233 -12.36 8.64 -17.93
CA GLU A 1233 -13.76 8.24 -17.94
C GLU A 1233 -14.67 9.25 -17.25
N GLY A 1234 -14.12 10.25 -16.57
CA GLY A 1234 -14.93 11.27 -15.95
C GLY A 1234 -15.47 12.35 -16.88
N LEU A 1235 -14.98 12.40 -18.11
CA LEU A 1235 -15.42 13.43 -19.03
C LEU A 1235 -16.65 12.98 -19.80
N SER A 1236 -17.52 13.94 -20.10
CA SER A 1236 -18.72 13.70 -20.91
C SER A 1236 -18.35 12.94 -22.17
N PRO A 1237 -19.19 12.02 -22.64
CA PRO A 1237 -18.90 11.34 -23.91
C PRO A 1237 -18.66 12.32 -25.03
N MET A 1238 -19.26 13.50 -24.92
CA MET A 1238 -19.07 14.53 -25.93
C MET A 1238 -17.69 15.18 -25.78
N GLU A 1239 -17.23 15.39 -24.54
CA GLU A 1239 -15.88 15.93 -24.35
C GLU A 1239 -14.82 15.01 -24.97
N ARG A 1240 -14.96 13.70 -24.78
CA ARG A 1240 -13.99 12.75 -25.32
C ARG A 1240 -13.96 12.76 -26.85
N ARG A 1241 -15.14 12.78 -27.47
CA ARG A 1241 -15.21 12.79 -28.93
C ARG A 1241 -14.52 14.04 -29.49
N LEU A 1242 -14.76 15.20 -28.88
CA LEU A 1242 -14.14 16.43 -29.36
C LEU A 1242 -12.62 16.36 -29.29
N VAL A 1243 -12.11 15.87 -28.15
CA VAL A 1243 -10.67 15.70 -27.96
C VAL A 1243 -10.12 14.72 -28.99
N GLU A 1244 -10.88 13.67 -29.31
CA GLU A 1244 -10.43 12.69 -30.31
C GLU A 1244 -10.40 13.31 -31.70
N GLN A 1245 -11.47 14.02 -32.10
CA GLN A 1245 -11.47 14.68 -33.41
C GLN A 1245 -10.29 15.62 -33.54
N LEU A 1246 -10.08 16.45 -32.53
CA LEU A 1246 -8.97 17.40 -32.53
C LEU A 1246 -7.64 16.67 -32.63
N PHE A 1247 -7.54 15.50 -31.98
CA PHE A 1247 -6.31 14.72 -32.04
C PHE A 1247 -6.15 14.09 -33.42
N SER A 1248 -7.20 13.47 -33.96
CA SER A 1248 -7.08 12.84 -35.26
C SER A 1248 -7.03 13.86 -36.38
N SER A 1249 -7.52 15.08 -36.17
CA SER A 1249 -7.36 16.10 -37.20
C SER A 1249 -5.97 16.72 -37.20
N GLY A 1250 -5.07 16.27 -36.33
CA GLY A 1250 -3.77 16.88 -36.22
C GLY A 1250 -3.74 18.22 -35.53
N ALA A 1251 -4.89 18.72 -35.03
CA ALA A 1251 -4.91 20.03 -34.42
C ALA A 1251 -4.08 20.07 -33.13
N ILE A 1252 -4.20 19.03 -32.31
CA ILE A 1252 -3.40 18.88 -31.11
C ILE A 1252 -2.52 17.64 -31.25
N GLN A 1253 -1.29 17.73 -30.75
CA GLN A 1253 -0.30 16.69 -31.02
C GLN A 1253 -0.16 15.66 -29.91
N VAL A 1254 -0.61 15.97 -28.70
CA VAL A 1254 -0.48 15.08 -27.56
C VAL A 1254 -1.86 14.91 -26.91
N VAL A 1255 -2.18 13.67 -26.54
CA VAL A 1255 -3.32 13.41 -25.68
C VAL A 1255 -2.89 12.43 -24.60
N VAL A 1256 -3.19 12.76 -23.35
CA VAL A 1256 -2.82 11.95 -22.20
C VAL A 1256 -4.05 11.17 -21.80
N ALA A 1257 -4.02 9.86 -21.99
CA ALA A 1257 -5.18 9.02 -21.76
C ALA A 1257 -4.96 8.15 -20.53
N SER A 1258 -6.02 7.92 -19.76
CA SER A 1258 -5.86 6.99 -18.64
C SER A 1258 -5.81 5.53 -19.13
N ARG A 1259 -5.19 4.67 -18.33
CA ARG A 1259 -5.02 3.27 -18.73
C ARG A 1259 -6.36 2.58 -19.00
N SER A 1260 -7.39 2.88 -18.20
CA SER A 1260 -8.67 2.20 -18.37
C SER A 1260 -9.30 2.47 -19.74
N LEU A 1261 -8.85 3.48 -20.46
CA LEU A 1261 -9.39 3.77 -21.76
C LEU A 1261 -8.66 3.04 -22.89
N CYS A 1262 -7.72 2.15 -22.61
CA CYS A 1262 -6.89 1.75 -23.73
C CYS A 1262 -7.59 0.77 -24.68
N TRP A 1263 -8.79 0.32 -24.36
CA TRP A 1263 -9.60 -0.48 -25.29
C TRP A 1263 -10.65 0.32 -26.05
N GLY A 1264 -11.10 1.45 -25.52
CA GLY A 1264 -12.14 2.21 -26.20
C GLY A 1264 -11.62 3.48 -26.84
N MET A 1265 -10.40 3.46 -27.34
CA MET A 1265 -9.80 4.64 -27.92
C MET A 1265 -9.90 4.56 -29.44
N ASN A 1266 -10.52 5.58 -30.03
N ASN A 1266 -10.54 5.55 -30.04
CA ASN A 1266 -10.71 5.67 -31.48
CA ASN A 1266 -10.67 5.63 -31.50
C ASN A 1266 -9.67 6.57 -32.13
C ASN A 1266 -9.68 6.62 -32.07
N VAL A 1267 -8.44 6.55 -31.61
CA VAL A 1267 -7.35 7.35 -32.13
C VAL A 1267 -6.07 6.53 -32.10
N ALA A 1268 -5.12 6.91 -32.96
CA ALA A 1268 -3.83 6.25 -33.09
C ALA A 1268 -2.73 7.30 -33.14
N ALA A 1269 -1.48 6.89 -32.92
CA ALA A 1269 -0.42 7.87 -32.78
C ALA A 1269 0.86 7.34 -33.41
N HIS A 1270 1.82 8.26 -33.58
CA HIS A 1270 3.15 7.88 -34.06
C HIS A 1270 4.01 7.37 -32.92
N LEU A 1271 3.82 7.91 -31.73
CA LEU A 1271 4.56 7.50 -30.55
C LEU A 1271 3.55 7.25 -29.45
N VAL A 1272 3.68 6.12 -28.77
CA VAL A 1272 2.94 5.87 -27.55
C VAL A 1272 3.93 5.82 -26.40
N ILE A 1273 3.71 6.66 -25.39
CA ILE A 1273 4.44 6.55 -24.14
C ILE A 1273 3.55 5.92 -23.09
N ILE A 1274 4.06 4.91 -22.42
CA ILE A 1274 3.37 4.26 -21.32
C ILE A 1274 4.09 4.69 -20.05
N MET A 1275 3.53 5.70 -19.39
CA MET A 1275 4.12 6.29 -18.19
C MET A 1275 3.72 5.43 -16.99
N ASP A 1276 4.62 4.50 -16.61
CA ASP A 1276 4.48 3.53 -15.53
C ASP A 1276 3.48 2.43 -15.89
N THR A 1277 3.57 1.30 -15.20
CA THR A 1277 2.83 0.10 -15.56
C THR A 1277 2.07 -0.52 -14.40
N GLN A 1278 1.76 0.26 -13.36
CA GLN A 1278 0.89 -0.21 -12.31
C GLN A 1278 -0.18 0.83 -12.05
N TYR A 1279 -1.24 0.39 -11.38
CA TYR A 1279 -2.31 1.26 -10.94
C TYR A 1279 -2.75 0.83 -9.55
N TYR A 1280 -3.29 1.79 -8.82
CA TYR A 1280 -3.75 1.55 -7.46
C TYR A 1280 -5.17 0.98 -7.50
N ASN A 1281 -5.33 -0.23 -6.97
CA ASN A 1281 -6.64 -0.85 -6.82
C ASN A 1281 -7.17 -0.50 -5.44
N GLY A 1282 -8.29 0.22 -5.39
CA GLY A 1282 -8.77 0.74 -4.11
C GLY A 1282 -9.48 -0.27 -3.23
N LYS A 1283 -9.95 -1.39 -3.81
CA LYS A 1283 -10.57 -2.45 -3.01
C LYS A 1283 -9.53 -3.14 -2.13
N ILE A 1284 -8.39 -3.51 -2.72
CA ILE A 1284 -7.34 -4.22 -2.00
C ILE A 1284 -6.30 -3.29 -1.41
N HIS A 1285 -6.47 -1.98 -1.57
CA HIS A 1285 -5.55 -1.00 -1.01
C HIS A 1285 -4.11 -1.31 -1.42
N ALA A 1286 -3.93 -1.61 -2.71
CA ALA A 1286 -2.63 -2.04 -3.20
C ALA A 1286 -2.50 -1.75 -4.69
N TYR A 1287 -1.24 -1.58 -5.11
CA TYR A 1287 -0.89 -1.38 -6.51
C TYR A 1287 -0.87 -2.71 -7.26
N VAL A 1288 -1.40 -2.69 -8.48
CA VAL A 1288 -1.56 -3.88 -9.31
C VAL A 1288 -0.85 -3.65 -10.65
N ASP A 1289 -0.15 -4.68 -11.13
CA ASP A 1289 0.50 -4.57 -12.42
C ASP A 1289 -0.54 -4.53 -13.55
N TYR A 1290 -0.22 -3.76 -14.58
CA TYR A 1290 -1.02 -3.78 -15.78
C TYR A 1290 -1.04 -5.20 -16.33
N PRO A 1291 -2.18 -5.75 -16.72
CA PRO A 1291 -2.19 -7.03 -17.43
C PRO A 1291 -1.43 -6.89 -18.73
N ILE A 1292 -0.66 -7.94 -19.07
CA ILE A 1292 0.15 -7.88 -20.29
C ILE A 1292 -0.71 -7.53 -21.49
N TYR A 1293 -1.98 -7.98 -21.49
CA TYR A 1293 -2.92 -7.73 -22.58
C TYR A 1293 -3.20 -6.23 -22.76
N ASP A 1294 -3.33 -5.50 -21.66
CA ASP A 1294 -3.52 -4.06 -21.78
C ASP A 1294 -2.28 -3.40 -22.36
N VAL A 1295 -1.10 -3.90 -21.98
CA VAL A 1295 0.13 -3.30 -22.49
C VAL A 1295 0.23 -3.52 -23.99
N LEU A 1296 0.01 -4.75 -24.43
CA LEU A 1296 0.01 -5.05 -25.86
C LEU A 1296 -0.98 -4.17 -26.59
N GLN A 1297 -2.09 -3.83 -25.93
CA GLN A 1297 -3.12 -3.00 -26.55
C GLN A 1297 -2.71 -1.53 -26.62
N MET A 1298 -2.03 -1.02 -25.59
CA MET A 1298 -1.49 0.34 -25.66
C MET A 1298 -0.39 0.45 -26.70
N VAL A 1299 0.55 -0.51 -26.69
CA VAL A 1299 1.61 -0.50 -27.69
C VAL A 1299 1.02 -0.46 -29.09
N GLY A 1300 -0.10 -1.15 -29.30
CA GLY A 1300 -0.75 -1.18 -30.60
C GLY A 1300 -1.33 0.14 -31.05
N HIS A 1301 -1.38 1.13 -30.16
CA HIS A 1301 -1.87 2.43 -30.61
C HIS A 1301 -0.81 3.20 -31.39
N ALA A 1302 0.42 2.70 -31.45
CA ALA A 1302 1.52 3.34 -32.18
C ALA A 1302 1.63 2.68 -33.55
N ASN A 1303 0.72 3.08 -34.43
CA ASN A 1303 0.55 2.37 -35.69
C ASN A 1303 -0.34 3.19 -36.61
N ARG A 1304 0.26 3.92 -37.54
CA ARG A 1304 -0.45 4.77 -38.49
C ARG A 1304 -0.01 4.32 -39.88
N PRO A 1305 -0.60 3.24 -40.39
CA PRO A 1305 -0.15 2.69 -41.68
C PRO A 1305 -0.18 3.68 -42.82
N LEU A 1306 -1.17 4.56 -42.86
CA LEU A 1306 -1.29 5.51 -43.96
C LEU A 1306 -0.54 6.81 -43.69
N GLN A 1307 0.29 6.86 -42.65
CA GLN A 1307 0.93 8.14 -42.28
C GLN A 1307 2.39 8.03 -41.87
N ASP A 1308 2.85 6.89 -41.36
CA ASP A 1308 4.19 6.78 -40.77
C ASP A 1308 4.93 5.62 -41.40
N ASP A 1309 6.25 5.72 -41.41
CA ASP A 1309 7.08 4.59 -41.79
C ASP A 1309 7.42 3.68 -40.61
N GLU A 1310 7.21 4.15 -39.38
CA GLU A 1310 7.45 3.36 -38.19
C GLU A 1310 6.46 3.80 -37.11
N GLY A 1311 6.23 2.90 -36.15
CA GLY A 1311 5.56 3.24 -34.90
C GLY A 1311 6.59 3.16 -33.79
N ARG A 1312 6.49 4.07 -32.83
CA ARG A 1312 7.44 4.08 -31.72
C ARG A 1312 6.70 4.03 -30.39
N CYS A 1313 7.30 3.35 -29.44
CA CYS A 1313 6.70 3.27 -28.13
C CYS A 1313 7.80 3.28 -27.09
N VAL A 1314 7.59 4.06 -26.05
CA VAL A 1314 8.46 4.05 -24.90
C VAL A 1314 7.62 3.58 -23.73
N ILE A 1315 8.09 2.53 -23.07
CA ILE A 1315 7.49 2.04 -21.83
C ILE A 1315 8.42 2.41 -20.68
N MET A 1316 7.90 3.21 -19.76
CA MET A 1316 8.61 3.55 -18.54
C MET A 1316 8.04 2.71 -17.42
N CYS A 1317 8.87 1.91 -16.77
CA CYS A 1317 8.35 1.00 -15.78
C CYS A 1317 9.35 0.94 -14.67
N GLN A 1318 8.91 0.38 -13.53
CA GLN A 1318 9.85 0.12 -12.47
C GLN A 1318 10.89 -0.87 -12.99
N GLY A 1319 12.15 -0.60 -12.66
CA GLY A 1319 13.26 -1.42 -13.13
C GLY A 1319 13.09 -2.90 -12.91
N SER A 1320 12.45 -3.31 -11.79
CA SER A 1320 12.23 -4.73 -11.53
C SER A 1320 11.30 -5.38 -12.54
N LYS A 1321 10.65 -4.60 -13.40
CA LYS A 1321 9.70 -5.09 -14.38
C LYS A 1321 10.25 -5.05 -15.80
N LYS A 1322 11.45 -4.50 -15.99
CA LYS A 1322 12.00 -4.33 -17.33
C LYS A 1322 12.22 -5.68 -18.02
N ASP A 1323 12.88 -6.62 -17.33
CA ASP A 1323 13.16 -7.93 -17.93
C ASP A 1323 11.89 -8.62 -18.40
N PHE A 1324 10.84 -8.58 -17.57
CA PHE A 1324 9.56 -9.18 -17.90
C PHE A 1324 8.97 -8.60 -19.18
N PHE A 1325 8.98 -7.27 -19.32
CA PHE A 1325 8.42 -6.67 -20.53
C PHE A 1325 9.23 -7.00 -21.78
N LYS A 1326 10.56 -7.13 -21.66
CA LYS A 1326 11.32 -7.58 -22.81
C LYS A 1326 10.94 -9.01 -23.17
N LYS A 1327 10.78 -9.86 -22.16
CA LYS A 1327 10.50 -11.27 -22.42
C LYS A 1327 9.13 -11.42 -23.05
N PHE A 1328 8.18 -10.57 -22.68
CA PHE A 1328 6.82 -10.77 -23.16
C PHE A 1328 6.38 -9.74 -24.18
N LEU A 1329 7.26 -8.83 -24.61
CA LEU A 1329 6.90 -7.98 -25.77
C LEU A 1329 7.77 -8.24 -26.99
N TYR A 1330 9.07 -8.46 -26.84
CA TYR A 1330 9.89 -8.79 -28.01
C TYR A 1330 9.55 -10.17 -28.57
N GLU A 1331 9.04 -11.08 -27.74
CA GLU A 1331 8.68 -12.45 -28.11
C GLU A 1331 7.16 -12.64 -28.11
N PRO A 1332 6.66 -13.65 -28.80
CA PRO A 1332 5.21 -13.90 -28.77
C PRO A 1332 4.78 -14.51 -27.43
N LEU A 1333 3.52 -14.31 -27.12
CA LEU A 1333 2.93 -14.49 -25.80
C LEU A 1333 2.47 -15.91 -25.61
N PRO A 1334 2.76 -16.54 -24.47
CA PRO A 1334 2.10 -17.79 -24.09
C PRO A 1334 0.81 -17.54 -23.34
N VAL A 1335 -0.20 -18.35 -23.63
CA VAL A 1335 -1.45 -18.22 -22.90
C VAL A 1335 -1.89 -19.58 -22.38
N GLU A 1336 -2.52 -19.54 -21.22
CA GLU A 1336 -3.03 -20.68 -20.50
C GLU A 1336 -4.54 -20.52 -20.34
N SER A 1337 -5.17 -21.61 -19.93
CA SER A 1337 -6.57 -21.54 -19.54
C SER A 1337 -6.66 -21.28 -18.06
N HIS A 1338 -7.76 -20.67 -17.65
CA HIS A 1338 -8.07 -20.66 -16.21
C HIS A 1338 -9.48 -21.17 -15.95
N LEU A 1339 -10.00 -21.95 -16.90
CA LEU A 1339 -11.36 -22.48 -16.82
C LEU A 1339 -11.53 -23.40 -15.62
N ASP A 1340 -10.45 -24.09 -15.21
CA ASP A 1340 -10.48 -25.01 -14.07
C ASP A 1340 -10.74 -24.29 -12.75
N HIS A 1341 -10.63 -22.97 -12.71
CA HIS A 1341 -10.98 -22.17 -11.55
C HIS A 1341 -12.34 -21.56 -11.69
N CYS A 1342 -13.12 -22.01 -12.67
CA CYS A 1342 -14.28 -21.25 -13.11
C CYS A 1342 -15.39 -22.17 -13.62
N MET A 1343 -15.45 -23.39 -13.11
CA MET A 1343 -16.21 -24.45 -13.75
C MET A 1343 -17.69 -24.46 -13.39
N HIS A 1344 -18.03 -24.18 -12.14
CA HIS A 1344 -19.36 -24.45 -11.61
C HIS A 1344 -20.49 -23.94 -12.52
N ASP A 1345 -20.47 -22.64 -12.86
CA ASP A 1345 -21.61 -22.07 -13.59
C ASP A 1345 -21.80 -22.69 -14.97
N HIS A 1346 -20.70 -23.10 -15.61
CA HIS A 1346 -20.83 -23.74 -16.92
C HIS A 1346 -21.26 -25.20 -16.78
N PHE A 1347 -20.65 -25.97 -15.85
CA PHE A 1347 -21.11 -27.34 -15.63
C PHE A 1347 -22.62 -27.34 -15.40
N ASN A 1348 -23.08 -26.40 -14.55
CA ASN A 1348 -24.50 -26.29 -14.24
C ASN A 1348 -25.33 -26.02 -15.48
N ALA A 1349 -24.88 -25.10 -16.34
CA ALA A 1349 -25.58 -24.87 -17.58
C ALA A 1349 -25.63 -26.12 -18.46
N GLU A 1350 -24.54 -26.88 -18.51
CA GLU A 1350 -24.54 -28.04 -19.39
C GLU A 1350 -25.40 -29.18 -18.84
N ILE A 1351 -25.60 -29.23 -17.52
CA ILE A 1351 -26.49 -30.21 -16.91
C ILE A 1351 -27.95 -29.82 -17.14
N VAL A 1352 -28.23 -28.51 -17.05
CA VAL A 1352 -29.56 -28.02 -17.39
C VAL A 1352 -29.93 -28.41 -18.82
N THR A 1353 -28.98 -28.23 -19.75
CA THR A 1353 -29.18 -28.50 -21.17
C THR A 1353 -29.01 -29.98 -21.52
N LYS A 1354 -28.69 -30.83 -20.55
CA LYS A 1354 -28.58 -32.27 -20.74
C LYS A 1354 -27.42 -32.66 -21.67
N THR A 1355 -26.50 -31.73 -21.98
CA THR A 1355 -25.21 -32.10 -22.53
C THR A 1355 -24.39 -32.90 -21.52
N ILE A 1356 -24.53 -32.64 -20.23
CA ILE A 1356 -23.86 -33.42 -19.20
C ILE A 1356 -24.94 -34.13 -18.40
N GLU A 1357 -24.86 -35.46 -18.35
CA GLU A 1357 -25.86 -36.27 -17.65
C GLU A 1357 -25.28 -37.25 -16.66
N ASN A 1358 -23.97 -37.39 -16.59
CA ASN A 1358 -23.31 -38.29 -15.66
C ASN A 1358 -21.88 -37.79 -15.55
N LYS A 1359 -21.13 -38.37 -14.60
CA LYS A 1359 -19.79 -37.86 -14.38
C LYS A 1359 -18.88 -38.08 -15.59
N GLN A 1360 -19.15 -39.11 -16.40
CA GLN A 1360 -18.31 -39.37 -17.57
C GLN A 1360 -18.52 -38.31 -18.63
N ASP A 1361 -19.77 -37.86 -18.79
CA ASP A 1361 -20.06 -36.77 -19.71
C ASP A 1361 -19.25 -35.54 -19.36
N ALA A 1362 -19.19 -35.21 -18.07
CA ALA A 1362 -18.45 -34.03 -17.65
C ALA A 1362 -16.97 -34.17 -18.01
N VAL A 1363 -16.44 -35.39 -17.93
CA VAL A 1363 -15.04 -35.60 -18.31
C VAL A 1363 -14.86 -35.38 -19.80
N ASP A 1364 -15.73 -35.98 -20.63
CA ASP A 1364 -15.69 -35.76 -22.08
C ASP A 1364 -15.80 -34.28 -22.43
N TYR A 1365 -16.78 -33.60 -21.82
CA TYR A 1365 -16.96 -32.16 -22.03
C TYR A 1365 -15.65 -31.41 -21.92
N LEU A 1366 -14.89 -31.71 -20.86
CA LEU A 1366 -13.62 -31.07 -20.65
C LEU A 1366 -12.67 -31.32 -21.83
N THR A 1367 -12.80 -32.47 -22.51
CA THR A 1367 -11.87 -32.74 -23.61
C THR A 1367 -12.04 -31.80 -24.80
N TRP A 1368 -13.12 -31.03 -24.83
CA TRP A 1368 -13.29 -30.04 -25.89
C TRP A 1368 -12.58 -28.74 -25.60
N THR A 1369 -12.04 -28.57 -24.40
CA THR A 1369 -11.62 -27.24 -23.97
C THR A 1369 -10.15 -27.01 -24.27
N PHE A 1370 -9.75 -25.74 -24.25
CA PHE A 1370 -8.34 -25.40 -24.39
C PHE A 1370 -7.56 -25.81 -23.15
N LEU A 1371 -8.16 -25.63 -21.96
CA LEU A 1371 -7.65 -26.04 -20.66
C LEU A 1371 -7.02 -27.42 -20.76
N TYR A 1372 -7.64 -28.17 -21.60
CA TYR A 1372 -7.33 -29.57 -21.65
C TYR A 1372 -6.21 -29.91 -22.62
N ARG A 1373 -6.17 -29.25 -23.76
CA ARG A 1373 -4.98 -29.29 -24.60
C ARG A 1373 -3.75 -28.89 -23.78
N ARG A 1374 -3.90 -27.81 -23.00
CA ARG A 1374 -2.77 -27.22 -22.30
C ARG A 1374 -2.28 -28.09 -21.15
N MET A 1375 -3.11 -29.00 -20.65
CA MET A 1375 -2.73 -29.78 -19.48
C MET A 1375 -1.56 -30.70 -19.78
N THR A 1376 -1.41 -31.12 -21.03
CA THR A 1376 -0.30 -31.98 -21.39
C THR A 1376 0.91 -31.20 -21.83
N GLN A 1377 0.72 -29.96 -22.29
CA GLN A 1377 1.84 -29.13 -22.74
C GLN A 1377 2.56 -28.47 -21.58
N ASN A 1378 1.81 -28.01 -20.57
CA ASN A 1378 2.37 -27.33 -19.42
C ASN A 1378 1.75 -27.90 -18.14
N PRO A 1379 2.04 -29.18 -17.84
CA PRO A 1379 1.30 -29.83 -16.73
C PRO A 1379 1.42 -29.14 -15.38
N ASN A 1380 2.62 -28.69 -15.01
CA ASN A 1380 2.83 -28.09 -13.68
C ASN A 1380 1.95 -26.87 -13.47
N TYR A 1381 1.67 -26.11 -14.54
CA TYR A 1381 0.84 -24.92 -14.44
C TYR A 1381 -0.53 -25.26 -13.88
N TYR A 1382 -1.01 -26.47 -14.15
CA TYR A 1382 -2.33 -26.89 -13.71
C TYR A 1382 -2.26 -27.83 -12.52
N ASN A 1383 -1.09 -27.94 -11.89
CA ASN A 1383 -0.83 -28.86 -10.79
C ASN A 1383 -0.97 -30.32 -11.22
N LEU A 1384 -0.42 -30.65 -12.38
CA LEU A 1384 -0.20 -32.03 -12.80
C LEU A 1384 1.29 -32.32 -12.73
N GLN A 1385 1.62 -33.54 -12.29
CA GLN A 1385 3.02 -33.95 -12.27
C GLN A 1385 3.39 -34.90 -13.40
N GLY A 1386 2.41 -35.50 -14.07
CA GLY A 1386 2.69 -36.31 -15.24
C GLY A 1386 1.65 -36.05 -16.31
N ILE A 1387 2.09 -36.18 -17.57
CA ILE A 1387 1.17 -36.04 -18.70
C ILE A 1387 0.56 -37.36 -19.12
N SER A 1388 0.88 -38.45 -18.42
CA SER A 1388 0.35 -39.79 -18.71
C SER A 1388 -1.17 -39.78 -18.72
N HIS A 1389 -1.80 -40.77 -19.35
CA HIS A 1389 -3.24 -40.65 -19.53
C HIS A 1389 -4.03 -41.04 -18.30
N ARG A 1390 -3.49 -41.90 -17.43
CA ARG A 1390 -4.11 -42.02 -16.13
C ARG A 1390 -3.93 -40.73 -15.33
N HIS A 1391 -2.82 -40.03 -15.55
CA HIS A 1391 -2.61 -38.77 -14.86
C HIS A 1391 -3.73 -37.79 -15.15
N LEU A 1392 -3.99 -37.49 -16.42
CA LEU A 1392 -4.97 -36.44 -16.68
C LEU A 1392 -6.39 -36.94 -16.55
N SER A 1393 -6.63 -38.24 -16.76
CA SER A 1393 -7.95 -38.81 -16.45
C SER A 1393 -8.23 -38.84 -14.96
N ASP A 1394 -7.20 -38.95 -14.12
CA ASP A 1394 -7.42 -38.72 -12.69
C ASP A 1394 -7.68 -37.24 -12.42
N HIS A 1395 -6.85 -36.38 -13.00
CA HIS A 1395 -6.96 -34.97 -12.75
C HIS A 1395 -8.32 -34.44 -13.21
N LEU A 1396 -8.77 -34.89 -14.40
CA LEU A 1396 -10.07 -34.50 -14.91
C LEU A 1396 -11.19 -34.89 -13.96
N SER A 1397 -11.14 -36.12 -13.42
CA SER A 1397 -12.16 -36.62 -12.49
C SER A 1397 -12.18 -35.84 -11.19
N GLU A 1398 -11.02 -35.41 -10.71
CA GLU A 1398 -11.03 -34.60 -9.49
C GLU A 1398 -11.75 -33.29 -9.72
N LEU A 1399 -11.41 -32.62 -10.83
CA LEU A 1399 -12.10 -31.38 -11.16
C LEU A 1399 -13.59 -31.62 -11.31
N VAL A 1400 -13.97 -32.76 -11.87
CA VAL A 1400 -15.38 -33.10 -12.03
C VAL A 1400 -16.05 -33.34 -10.68
N GLU A 1401 -15.47 -34.21 -9.85
CA GLU A 1401 -16.08 -34.54 -8.55
C GLU A 1401 -16.22 -33.32 -7.66
N GLN A 1402 -15.19 -32.46 -7.64
N GLN A 1402 -15.20 -32.47 -7.64
CA GLN A 1402 -15.24 -31.27 -6.79
CA GLN A 1402 -15.26 -31.28 -6.80
C GLN A 1402 -16.28 -30.29 -7.29
C GLN A 1402 -16.30 -30.30 -7.29
N THR A 1403 -16.43 -30.14 -8.62
CA THR A 1403 -17.41 -29.22 -9.18
C THR A 1403 -18.83 -29.72 -8.96
N LEU A 1404 -19.07 -31.00 -9.23
CA LEU A 1404 -20.42 -31.52 -9.09
C LEU A 1404 -20.83 -31.53 -7.62
N SER A 1405 -19.89 -31.84 -6.73
CA SER A 1405 -20.23 -31.89 -5.31
C SER A 1405 -20.69 -30.52 -4.80
N ASP A 1406 -20.03 -29.45 -5.24
CA ASP A 1406 -20.45 -28.11 -4.85
C ASP A 1406 -21.83 -27.77 -5.41
N LEU A 1407 -22.08 -28.16 -6.66
CA LEU A 1407 -23.38 -27.87 -7.26
C LEU A 1407 -24.48 -28.66 -6.56
N GLU A 1408 -24.23 -29.93 -6.25
CA GLU A 1408 -25.24 -30.71 -5.56
C GLU A 1408 -25.47 -30.16 -4.16
N GLN A 1409 -24.41 -29.65 -3.51
CA GLN A 1409 -24.60 -29.17 -2.16
C GLN A 1409 -25.31 -27.82 -2.15
N SER A 1410 -25.18 -27.06 -3.22
CA SER A 1410 -25.98 -25.85 -3.42
C SER A 1410 -27.36 -26.15 -3.98
N LYS A 1411 -27.74 -27.43 -4.07
CA LYS A 1411 -29.05 -27.85 -4.56
C LYS A 1411 -29.37 -27.29 -5.95
N CYS A 1412 -28.34 -27.13 -6.80
CA CYS A 1412 -28.54 -26.81 -8.21
C CYS A 1412 -28.73 -28.05 -9.06
N ILE A 1413 -28.20 -29.18 -8.60
CA ILE A 1413 -28.26 -30.44 -9.33
C ILE A 1413 -28.50 -31.56 -8.32
N SER A 1414 -29.00 -32.68 -8.83
CA SER A 1414 -29.09 -33.90 -8.06
C SER A 1414 -28.05 -34.88 -8.59
N ILE A 1415 -27.46 -35.66 -7.69
CA ILE A 1415 -26.53 -36.72 -8.04
C ILE A 1415 -27.12 -38.02 -7.52
N GLU A 1416 -27.28 -39.00 -8.40
CA GLU A 1416 -27.80 -40.28 -8.00
C GLU A 1416 -26.82 -41.37 -8.39
N ASP A 1417 -26.55 -42.27 -7.44
CA ASP A 1417 -25.58 -43.36 -7.56
C ASP A 1417 -24.16 -42.84 -7.69
N GLU A 1418 -23.93 -41.65 -7.14
CA GLU A 1418 -22.64 -40.98 -7.28
C GLU A 1418 -22.18 -40.97 -8.75
N MET A 1419 -23.13 -41.06 -9.69
CA MET A 1419 -22.80 -41.14 -11.10
C MET A 1419 -23.66 -40.21 -11.96
N ASP A 1420 -24.97 -40.27 -11.80
CA ASP A 1420 -25.91 -39.58 -12.67
C ASP A 1420 -26.30 -38.23 -12.09
N VAL A 1421 -26.23 -37.20 -12.89
CA VAL A 1421 -26.54 -35.84 -12.45
C VAL A 1421 -27.74 -35.34 -13.25
N ALA A 1422 -28.56 -34.53 -12.59
CA ALA A 1422 -29.73 -33.95 -13.24
C ALA A 1422 -29.93 -32.54 -12.72
N PRO A 1423 -30.47 -31.64 -13.54
CA PRO A 1423 -30.69 -30.26 -13.07
C PRO A 1423 -31.86 -30.18 -12.11
N LEU A 1424 -31.75 -29.29 -11.13
CA LEU A 1424 -32.87 -28.90 -10.28
C LEU A 1424 -33.31 -27.51 -10.66
N ASN A 1425 -34.49 -27.14 -10.16
CA ASN A 1425 -35.11 -25.88 -10.56
C ASN A 1425 -34.17 -24.70 -10.32
N LEU A 1426 -33.56 -24.66 -9.13
CA LEU A 1426 -32.55 -23.63 -8.84
C LEU A 1426 -31.54 -23.56 -9.96
N GLY A 1427 -30.94 -24.71 -10.30
CA GLY A 1427 -29.92 -24.73 -11.33
C GLY A 1427 -30.45 -24.22 -12.66
N MET A 1428 -31.66 -24.66 -13.03
CA MET A 1428 -32.29 -24.15 -14.25
C MET A 1428 -32.45 -22.62 -14.20
N ILE A 1429 -32.84 -22.09 -13.05
CA ILE A 1429 -32.98 -20.64 -12.93
C ILE A 1429 -31.62 -19.96 -13.13
N ALA A 1430 -30.60 -20.45 -12.42
CA ALA A 1430 -29.25 -19.90 -12.52
C ALA A 1430 -28.74 -19.91 -13.95
N ALA A 1431 -28.95 -21.02 -14.66
CA ALA A 1431 -28.48 -21.14 -16.02
C ALA A 1431 -29.25 -20.20 -16.94
N TYR A 1432 -30.57 -20.20 -16.80
CA TYR A 1432 -31.45 -19.47 -17.70
C TYR A 1432 -31.16 -17.97 -17.67
N TYR A 1433 -30.99 -17.41 -16.47
CA TYR A 1433 -30.81 -15.98 -16.34
C TYR A 1433 -29.36 -15.56 -16.29
N TYR A 1434 -28.42 -16.50 -16.36
CA TYR A 1434 -26.99 -16.21 -16.36
C TYR A 1434 -26.62 -15.55 -15.04
N ILE A 1435 -26.88 -16.29 -13.98
CA ILE A 1435 -26.72 -15.83 -12.61
C ILE A 1435 -25.86 -16.86 -11.91
N ASN A 1436 -24.84 -16.36 -11.22
CA ASN A 1436 -23.97 -17.18 -10.41
C ASN A 1436 -24.76 -18.16 -9.55
N TYR A 1437 -24.35 -19.42 -9.55
CA TYR A 1437 -25.03 -20.41 -8.72
C TYR A 1437 -24.90 -20.06 -7.24
N THR A 1438 -23.83 -19.35 -6.83
CA THR A 1438 -23.73 -18.89 -5.44
C THR A 1438 -24.87 -17.93 -5.11
N THR A 1439 -25.14 -17.01 -6.04
CA THR A 1439 -26.20 -16.03 -5.85
C THR A 1439 -27.55 -16.73 -5.71
N ILE A 1440 -27.86 -17.63 -6.64
CA ILE A 1440 -29.15 -18.31 -6.63
C ILE A 1440 -29.30 -19.14 -5.37
N GLU A 1441 -28.19 -19.63 -4.81
CA GLU A 1441 -28.28 -20.37 -3.55
C GLU A 1441 -28.74 -19.46 -2.42
N LEU A 1442 -28.09 -18.30 -2.25
CA LEU A 1442 -28.52 -17.35 -1.24
C LEU A 1442 -29.95 -16.88 -1.50
N PHE A 1443 -30.31 -16.66 -2.77
CA PHE A 1443 -31.68 -16.31 -3.13
C PHE A 1443 -32.67 -17.35 -2.61
N SER A 1444 -32.27 -18.63 -2.56
CA SER A 1444 -33.14 -19.71 -2.11
C SER A 1444 -33.22 -19.79 -0.59
N MET A 1445 -32.24 -19.25 0.14
CA MET A 1445 -32.30 -19.24 1.60
C MET A 1445 -33.14 -18.09 2.13
N SER A 1446 -33.07 -16.93 1.47
CA SER A 1446 -33.59 -15.71 2.08
C SER A 1446 -35.05 -15.45 1.75
N LEU A 1447 -35.49 -15.75 0.52
CA LEU A 1447 -36.87 -15.48 0.11
C LEU A 1447 -37.85 -16.42 0.82
N ASN A 1448 -38.91 -15.84 1.39
CA ASN A 1448 -39.93 -16.60 2.12
C ASN A 1448 -41.34 -16.19 1.63
N ALA A 1449 -42.35 -16.77 2.27
CA ALA A 1449 -43.73 -16.59 1.83
C ALA A 1449 -44.29 -15.21 2.09
N LYS A 1450 -43.65 -14.41 2.94
CA LYS A 1450 -44.12 -13.06 3.20
C LYS A 1450 -43.04 -12.02 2.91
N THR A 1451 -42.15 -12.35 1.99
CA THR A 1451 -41.22 -11.37 1.44
C THR A 1451 -41.97 -10.25 0.72
N LYS A 1452 -41.54 -9.01 0.95
CA LYS A 1452 -42.15 -7.81 0.39
C LYS A 1452 -41.11 -7.05 -0.42
N VAL A 1453 -41.49 -5.87 -0.91
CA VAL A 1453 -40.56 -4.97 -1.60
C VAL A 1453 -39.36 -4.68 -0.72
N ARG A 1454 -39.58 -4.58 0.60
CA ARG A 1454 -38.53 -4.55 1.61
C ARG A 1454 -37.41 -5.53 1.27
N GLY A 1455 -37.66 -6.82 1.51
CA GLY A 1455 -36.60 -7.82 1.47
C GLY A 1455 -36.12 -8.14 0.07
N LEU A 1456 -37.01 -8.06 -0.92
CA LEU A 1456 -36.61 -8.28 -2.31
C LEU A 1456 -35.39 -7.45 -2.67
N ILE A 1457 -35.39 -6.16 -2.29
CA ILE A 1457 -34.24 -5.31 -2.59
C ILE A 1457 -33.03 -5.73 -1.74
N GLU A 1458 -33.27 -6.05 -0.47
CA GLU A 1458 -32.21 -6.54 0.40
C GLU A 1458 -31.55 -7.79 -0.17
N ILE A 1459 -32.36 -8.81 -0.47
CA ILE A 1459 -31.84 -10.08 -0.98
C ILE A 1459 -31.07 -9.87 -2.27
N ILE A 1460 -31.57 -8.99 -3.14
CA ILE A 1460 -30.99 -8.80 -4.46
C ILE A 1460 -29.64 -8.11 -4.39
N SER A 1461 -29.51 -7.14 -3.48
CA SER A 1461 -28.22 -6.44 -3.33
C SER A 1461 -27.13 -7.41 -2.91
N ASN A 1462 -27.48 -8.39 -2.09
CA ASN A 1462 -26.63 -9.43 -1.55
C ASN A 1462 -26.18 -10.44 -2.61
N ALA A 1463 -26.43 -10.23 -3.91
CA ALA A 1463 -25.95 -11.16 -4.91
C ALA A 1463 -24.45 -11.03 -5.08
N ALA A 1464 -23.82 -12.14 -5.47
CA ALA A 1464 -22.39 -12.14 -5.78
C ALA A 1464 -22.05 -11.25 -6.94
N GLU A 1465 -23.01 -10.99 -7.83
CA GLU A 1465 -22.76 -10.09 -8.95
C GLU A 1465 -22.41 -8.67 -8.50
N TYR A 1466 -22.82 -8.28 -7.29
CA TYR A 1466 -22.55 -6.96 -6.74
C TYR A 1466 -21.48 -6.98 -5.64
N GLU A 1467 -20.66 -8.02 -5.58
N GLU A 1467 -20.65 -8.01 -5.59
CA GLU A 1467 -19.60 -8.06 -4.59
CA GLU A 1467 -19.61 -8.08 -4.57
C GLU A 1467 -18.51 -7.04 -4.86
C GLU A 1467 -18.31 -7.38 -4.97
N ASN A 1468 -18.29 -6.72 -6.14
CA ASN A 1468 -17.17 -5.87 -6.56
C ASN A 1468 -17.57 -4.41 -6.73
N ILE A 1469 -18.74 -4.01 -6.27
CA ILE A 1469 -19.16 -2.61 -6.25
C ILE A 1469 -18.23 -1.88 -5.29
N PRO A 1470 -17.47 -0.88 -5.76
CA PRO A 1470 -16.38 -0.33 -4.92
C PRO A 1470 -16.88 0.49 -3.75
N ILE A 1471 -16.20 0.33 -2.60
CA ILE A 1471 -16.35 1.23 -1.46
C ILE A 1471 -15.33 2.35 -1.62
N ARG A 1472 -15.80 3.59 -1.61
CA ARG A 1472 -14.93 4.76 -1.67
C ARG A 1472 -14.94 5.43 -0.30
N HIS A 1473 -13.77 5.57 0.30
CA HIS A 1473 -13.69 6.15 1.63
C HIS A 1473 -14.43 7.48 1.70
N HIS A 1474 -14.40 8.26 0.62
CA HIS A 1474 -14.98 9.60 0.62
C HIS A 1474 -16.51 9.61 0.51
N GLU A 1475 -17.14 8.46 0.37
CA GLU A 1475 -18.58 8.36 0.25
C GLU A 1475 -19.24 7.86 1.52
N ASP A 1476 -18.46 7.65 2.58
CA ASP A 1476 -18.97 6.98 3.79
C ASP A 1476 -20.10 7.78 4.43
N ASN A 1477 -19.88 9.06 4.75
CA ASN A 1477 -20.96 9.89 5.28
C ASN A 1477 -22.02 10.16 4.23
N LEU A 1478 -21.64 10.18 2.95
CA LEU A 1478 -22.63 10.41 1.90
C LEU A 1478 -23.65 9.27 1.89
N LEU A 1479 -23.16 8.03 2.02
CA LEU A 1479 -24.04 6.88 2.11
C LEU A 1479 -24.77 6.83 3.45
N ARG A 1480 -24.15 7.35 4.51
CA ARG A 1480 -24.83 7.45 5.79
C ARG A 1480 -26.03 8.39 5.70
N GLN A 1481 -25.81 9.57 5.12
CA GLN A 1481 -26.92 10.51 4.97
C GLN A 1481 -27.93 10.01 3.96
N LEU A 1482 -27.49 9.24 2.94
CA LEU A 1482 -28.43 8.71 1.97
C LEU A 1482 -29.35 7.68 2.62
N ALA A 1483 -28.84 6.90 3.59
CA ALA A 1483 -29.69 5.93 4.24
C ALA A 1483 -30.80 6.58 5.09
N GLN A 1484 -30.70 7.89 5.36
CA GLN A 1484 -31.77 8.66 6.00
C GLN A 1484 -32.72 9.33 4.99
N LYS A 1485 -32.23 9.66 3.79
CA LYS A 1485 -33.07 10.17 2.71
C LYS A 1485 -33.93 9.09 2.06
N VAL A 1486 -33.74 7.83 2.45
CA VAL A 1486 -34.18 6.65 1.70
C VAL A 1486 -35.40 5.99 2.36
N PRO A 1487 -36.38 5.48 1.59
CA PRO A 1487 -37.64 4.99 2.21
C PRO A 1487 -37.46 3.83 3.18
N HIS A 1488 -36.83 2.74 2.77
CA HIS A 1488 -36.69 1.56 3.62
C HIS A 1488 -35.39 1.64 4.40
N LYS A 1489 -35.50 1.61 5.73
CA LYS A 1489 -34.34 1.65 6.63
C LYS A 1489 -33.78 0.26 6.83
N LEU A 1490 -32.47 0.16 6.76
CA LEU A 1490 -31.80 -1.12 6.87
C LEU A 1490 -31.68 -1.52 8.34
N ASN A 1491 -31.11 -2.71 8.53
CA ASN A 1491 -30.89 -3.29 9.84
C ASN A 1491 -29.39 -3.21 10.15
N ASN A 1492 -29.03 -2.36 11.12
CA ASN A 1492 -27.65 -2.13 11.55
C ASN A 1492 -26.69 -2.15 10.37
N PRO A 1493 -26.61 -1.09 9.58
CA PRO A 1493 -25.86 -1.14 8.32
C PRO A 1493 -24.37 -0.89 8.54
N LYS A 1494 -23.55 -1.81 8.07
CA LYS A 1494 -22.12 -1.56 7.91
C LYS A 1494 -21.92 -0.90 6.54
N PHE A 1495 -21.39 0.32 6.55
CA PHE A 1495 -21.26 1.10 5.32
C PHE A 1495 -19.99 0.79 4.53
N ASN A 1496 -19.30 -0.28 4.92
N ASN A 1496 -19.27 -0.27 4.90
CA ASN A 1496 -18.12 -0.78 4.23
CA ASN A 1496 -18.12 -0.71 4.13
C ASN A 1496 -18.45 -1.94 3.30
C ASN A 1496 -18.43 -1.97 3.32
N ASP A 1497 -19.70 -2.40 3.28
CA ASP A 1497 -20.18 -3.59 2.57
C ASP A 1497 -20.73 -3.19 1.20
N PRO A 1498 -20.27 -3.81 0.10
CA PRO A 1498 -20.86 -3.47 -1.21
C PRO A 1498 -22.35 -3.78 -1.32
N HIS A 1499 -22.84 -4.82 -0.64
CA HIS A 1499 -24.25 -5.19 -0.78
C HIS A 1499 -25.16 -4.18 -0.07
N VAL A 1500 -24.71 -3.61 1.05
CA VAL A 1500 -25.41 -2.47 1.63
C VAL A 1500 -25.37 -1.28 0.68
N LYS A 1501 -24.19 -0.99 0.11
CA LYS A 1501 -24.03 0.14 -0.81
C LYS A 1501 -25.01 0.07 -1.97
N THR A 1502 -25.06 -1.05 -2.69
CA THR A 1502 -25.97 -1.18 -3.82
C THR A 1502 -27.42 -1.17 -3.36
N ASN A 1503 -27.71 -1.69 -2.16
CA ASN A 1503 -29.06 -1.56 -1.60
C ASN A 1503 -29.50 -0.10 -1.59
N LEU A 1504 -28.59 0.82 -1.24
CA LEU A 1504 -28.95 2.24 -1.20
C LEU A 1504 -28.91 2.90 -2.57
N LEU A 1505 -27.94 2.53 -3.42
CA LEU A 1505 -27.97 2.99 -4.81
C LEU A 1505 -29.27 2.58 -5.47
N LEU A 1506 -29.79 1.41 -5.13
CA LEU A 1506 -31.04 0.95 -5.72
C LEU A 1506 -32.21 1.80 -5.23
N GLN A 1507 -32.25 2.10 -3.93
CA GLN A 1507 -33.31 2.95 -3.39
C GLN A 1507 -33.17 4.39 -3.88
N ALA A 1508 -31.93 4.85 -4.05
CA ALA A 1508 -31.70 6.15 -4.69
C ALA A 1508 -32.34 6.20 -6.07
N HIS A 1509 -32.29 5.09 -6.80
CA HIS A 1509 -32.71 5.08 -8.18
C HIS A 1509 -34.23 5.05 -8.31
N LEU A 1510 -34.88 4.18 -7.52
CA LEU A 1510 -36.33 4.19 -7.43
C LEU A 1510 -36.87 5.54 -6.99
N SER A 1511 -36.05 6.36 -6.31
CA SER A 1511 -36.43 7.68 -5.85
C SER A 1511 -35.98 8.80 -6.76
N ARG A 1512 -35.19 8.49 -7.80
CA ARG A 1512 -34.74 9.47 -8.79
C ARG A 1512 -33.87 10.56 -8.15
N MET A 1513 -33.07 10.17 -7.16
CA MET A 1513 -32.10 11.09 -6.57
C MET A 1513 -30.89 11.21 -7.49
N GLN A 1514 -30.59 12.42 -7.95
N GLN A 1514 -30.58 12.44 -7.92
CA GLN A 1514 -29.42 12.63 -8.80
CA GLN A 1514 -29.42 12.70 -8.75
C GLN A 1514 -28.17 12.69 -7.93
C GLN A 1514 -28.17 12.67 -7.89
N LEU A 1515 -27.21 11.82 -8.25
CA LEU A 1515 -25.97 11.66 -7.51
C LEU A 1515 -24.78 12.02 -8.39
N SER A 1516 -23.59 11.92 -7.80
CA SER A 1516 -22.35 12.24 -8.49
C SER A 1516 -22.14 11.33 -9.70
N ALA A 1517 -21.22 11.73 -10.58
CA ALA A 1517 -20.93 10.93 -11.77
C ALA A 1517 -20.45 9.54 -11.38
N GLU A 1518 -19.65 9.45 -10.30
CA GLU A 1518 -19.19 8.16 -9.82
C GLU A 1518 -20.37 7.27 -9.44
N LEU A 1519 -21.18 7.70 -8.48
CA LEU A 1519 -22.30 6.89 -8.03
C LEU A 1519 -23.32 6.61 -9.12
N GLN A 1520 -23.36 7.41 -10.19
CA GLN A 1520 -24.30 7.11 -11.26
C GLN A 1520 -23.74 6.10 -12.26
N SER A 1521 -22.43 6.08 -12.48
CA SER A 1521 -21.85 4.95 -13.22
C SER A 1521 -22.01 3.65 -12.44
N ASP A 1522 -21.78 3.71 -11.12
CA ASP A 1522 -22.00 2.53 -10.27
C ASP A 1522 -23.47 2.08 -10.32
N THR A 1523 -24.41 3.04 -10.29
CA THR A 1523 -25.83 2.73 -10.45
C THR A 1523 -26.08 2.04 -11.80
N GLU A 1524 -25.42 2.51 -12.86
CA GLU A 1524 -25.69 1.98 -14.19
C GLU A 1524 -25.20 0.53 -14.34
N GLU A 1525 -24.18 0.13 -13.58
CA GLU A 1525 -23.77 -1.27 -13.61
C GLU A 1525 -24.63 -2.12 -12.69
N ILE A 1526 -25.03 -1.57 -11.54
CA ILE A 1526 -26.04 -2.23 -10.74
C ILE A 1526 -27.29 -2.51 -11.59
N LEU A 1527 -27.71 -1.51 -12.38
CA LEU A 1527 -28.95 -1.68 -13.15
C LEU A 1527 -28.80 -2.70 -14.26
N SER A 1528 -27.60 -2.88 -14.80
CA SER A 1528 -27.39 -3.83 -15.88
C SER A 1528 -27.65 -5.28 -15.45
N LYS A 1529 -27.72 -5.56 -14.14
CA LYS A 1529 -27.88 -6.91 -13.61
C LYS A 1529 -29.19 -7.11 -12.86
N ALA A 1530 -29.90 -6.02 -12.51
CA ALA A 1530 -31.01 -6.13 -11.57
C ALA A 1530 -32.20 -6.87 -12.15
N ILE A 1531 -32.48 -6.73 -13.44
CA ILE A 1531 -33.68 -7.38 -13.98
C ILE A 1531 -33.61 -8.90 -13.83
N ARG A 1532 -32.45 -9.49 -14.15
CA ARG A 1532 -32.37 -10.95 -14.09
C ARG A 1532 -32.46 -11.46 -12.66
N LEU A 1533 -31.90 -10.73 -11.69
CA LEU A 1533 -32.01 -11.18 -10.31
C LEU A 1533 -33.44 -11.06 -9.82
N ILE A 1534 -34.12 -9.96 -10.18
CA ILE A 1534 -35.55 -9.81 -9.91
C ILE A 1534 -36.33 -10.98 -10.50
N GLN A 1535 -36.15 -11.25 -11.79
CA GLN A 1535 -36.89 -12.29 -12.45
C GLN A 1535 -36.58 -13.66 -11.85
N ALA A 1536 -35.32 -13.88 -11.44
CA ALA A 1536 -34.99 -15.11 -10.72
C ALA A 1536 -35.81 -15.23 -9.44
N CYS A 1537 -35.89 -14.15 -8.66
CA CYS A 1537 -36.71 -14.17 -7.44
C CYS A 1537 -38.15 -14.54 -7.74
N VAL A 1538 -38.76 -13.84 -8.70
CA VAL A 1538 -40.07 -14.16 -9.23
C VAL A 1538 -40.18 -15.66 -9.46
N ASP A 1539 -39.13 -16.23 -10.05
CA ASP A 1539 -39.17 -17.65 -10.42
C ASP A 1539 -39.08 -18.54 -9.18
N VAL A 1540 -38.20 -18.18 -8.23
CA VAL A 1540 -38.10 -18.93 -6.99
C VAL A 1540 -39.39 -18.85 -6.20
N LEU A 1541 -39.86 -17.62 -5.93
CA LEU A 1541 -41.08 -17.44 -5.16
C LEU A 1541 -42.26 -18.17 -5.80
N SER A 1542 -42.34 -18.13 -7.14
CA SER A 1542 -43.38 -18.82 -7.89
C SER A 1542 -43.31 -20.33 -7.71
N SER A 1543 -42.13 -20.92 -7.89
CA SER A 1543 -41.99 -22.36 -7.75
C SER A 1543 -42.28 -22.83 -6.34
N ASN A 1544 -42.27 -21.91 -5.38
CA ASN A 1544 -42.55 -22.21 -3.99
C ASN A 1544 -43.99 -21.88 -3.60
N GLY A 1545 -44.79 -21.36 -4.53
CA GLY A 1545 -46.20 -21.18 -4.32
C GLY A 1545 -46.60 -19.93 -3.57
N TRP A 1546 -45.68 -19.00 -3.36
CA TRP A 1546 -45.97 -17.79 -2.60
C TRP A 1546 -46.47 -16.72 -3.57
N LEU A 1547 -47.65 -16.17 -3.28
CA LEU A 1547 -48.35 -15.33 -4.24
C LEU A 1547 -47.96 -13.86 -4.11
N SER A 1548 -48.20 -13.28 -2.94
CA SER A 1548 -47.89 -11.86 -2.75
C SER A 1548 -46.42 -11.51 -3.00
N PRO A 1549 -45.42 -12.28 -2.54
CA PRO A 1549 -44.03 -11.87 -2.82
C PRO A 1549 -43.65 -11.93 -4.30
N ALA A 1550 -44.22 -12.88 -5.07
CA ALA A 1550 -43.97 -12.89 -6.51
C ALA A 1550 -44.58 -11.68 -7.19
N LEU A 1551 -45.86 -11.39 -6.88
CA LEU A 1551 -46.48 -10.18 -7.42
C LEU A 1551 -45.66 -8.94 -7.08
N ALA A 1552 -45.16 -8.85 -5.84
CA ALA A 1552 -44.23 -7.78 -5.46
C ALA A 1552 -42.97 -7.81 -6.32
N ALA A 1553 -42.41 -9.00 -6.54
CA ALA A 1553 -41.19 -9.08 -7.34
C ALA A 1553 -41.47 -8.64 -8.76
N MET A 1554 -42.69 -8.87 -9.25
CA MET A 1554 -43.02 -8.47 -10.60
C MET A 1554 -43.20 -6.95 -10.71
N GLU A 1555 -43.75 -6.32 -9.66
CA GLU A 1555 -43.79 -4.85 -9.64
C GLU A 1555 -42.40 -4.27 -9.44
N LEU A 1556 -41.53 -4.97 -8.70
CA LEU A 1556 -40.14 -4.54 -8.59
C LEU A 1556 -39.50 -4.40 -9.95
N ALA A 1557 -39.78 -5.34 -10.85
CA ALA A 1557 -39.28 -5.24 -12.21
C ALA A 1557 -39.74 -3.93 -12.86
N GLN A 1558 -41.04 -3.61 -12.73
CA GLN A 1558 -41.56 -2.34 -13.24
C GLN A 1558 -40.92 -1.16 -12.54
N MET A 1559 -40.84 -1.22 -11.20
CA MET A 1559 -40.31 -0.09 -10.44
C MET A 1559 -38.91 0.25 -10.90
N VAL A 1560 -38.04 -0.75 -10.98
CA VAL A 1560 -36.67 -0.52 -11.43
C VAL A 1560 -36.63 0.04 -12.84
N THR A 1561 -37.48 -0.49 -13.74
CA THR A 1561 -37.46 -0.06 -15.13
C THR A 1561 -37.84 1.42 -15.26
N GLN A 1562 -38.89 1.87 -14.56
CA GLN A 1562 -39.36 3.24 -14.66
C GLN A 1562 -38.84 4.14 -13.53
N ALA A 1563 -38.11 3.59 -12.56
CA ALA A 1563 -37.54 4.36 -11.45
C ALA A 1563 -38.63 5.03 -10.61
N MET A 1564 -39.43 4.20 -9.94
CA MET A 1564 -40.47 4.70 -9.05
C MET A 1564 -40.78 3.64 -8.00
N TRP A 1565 -41.68 4.01 -7.09
CA TRP A 1565 -42.23 3.10 -6.10
C TRP A 1565 -43.67 2.81 -6.46
N SER A 1566 -44.19 1.71 -5.91
CA SER A 1566 -45.60 1.38 -6.18
C SER A 1566 -46.53 2.49 -5.68
N LYS A 1567 -46.19 3.12 -4.55
CA LYS A 1567 -47.01 4.22 -4.04
C LYS A 1567 -47.01 5.41 -5.00
N ASP A 1568 -45.97 5.53 -5.83
CA ASP A 1568 -45.80 6.71 -6.68
C ASP A 1568 -46.95 6.83 -7.68
N SER A 1569 -47.04 8.00 -8.29
CA SER A 1569 -48.08 8.24 -9.28
C SER A 1569 -47.68 7.64 -10.62
N TYR A 1570 -48.61 6.92 -11.25
CA TYR A 1570 -48.36 6.32 -12.56
C TYR A 1570 -48.01 7.37 -13.61
N LEU A 1571 -48.38 8.63 -13.40
CA LEU A 1571 -48.01 9.72 -14.31
C LEU A 1571 -46.53 10.08 -14.20
N LYS A 1572 -45.87 9.66 -13.13
CA LYS A 1572 -44.44 9.89 -13.00
C LYS A 1572 -43.64 9.17 -14.09
N GLN A 1573 -44.28 8.30 -14.88
CA GLN A 1573 -43.62 7.65 -16.00
C GLN A 1573 -43.54 8.54 -17.23
N LEU A 1574 -44.34 9.60 -17.29
CA LEU A 1574 -44.49 10.33 -18.54
C LEU A 1574 -43.32 11.28 -18.77
N PRO A 1575 -42.91 11.46 -20.01
CA PRO A 1575 -41.78 12.35 -20.30
C PRO A 1575 -42.07 13.76 -19.82
N HIS A 1576 -40.99 14.47 -19.49
CA HIS A 1576 -41.02 15.91 -19.18
C HIS A 1576 -42.03 16.24 -18.08
N PHE A 1577 -42.40 15.26 -17.25
CA PHE A 1577 -43.47 15.48 -16.27
C PHE A 1577 -42.87 15.96 -14.96
N THR A 1578 -43.03 17.26 -14.67
CA THR A 1578 -42.82 17.77 -13.33
C THR A 1578 -43.44 16.84 -12.31
N SER A 1579 -42.71 16.57 -11.24
CA SER A 1579 -43.35 15.97 -10.09
C SER A 1579 -43.97 17.03 -9.21
N GLU A 1580 -43.87 18.29 -9.60
CA GLU A 1580 -44.69 19.32 -9.00
C GLU A 1580 -46.15 19.16 -9.41
N HIS A 1581 -46.42 18.94 -10.70
CA HIS A 1581 -47.75 19.23 -11.24
C HIS A 1581 -48.65 18.02 -11.44
N ILE A 1582 -48.32 16.83 -10.96
CA ILE A 1582 -49.40 15.86 -11.07
C ILE A 1582 -50.06 15.64 -9.72
N LYS A 1583 -49.56 16.26 -8.66
CA LYS A 1583 -50.49 16.67 -7.61
C LYS A 1583 -51.30 17.87 -8.09
N ARG A 1584 -50.79 18.61 -9.06
CA ARG A 1584 -51.69 19.40 -9.88
C ARG A 1584 -52.58 18.54 -10.77
N CYS A 1585 -52.18 17.30 -11.14
CA CYS A 1585 -53.05 16.42 -11.94
C CYS A 1585 -54.01 15.60 -11.10
N THR A 1586 -53.62 15.25 -9.88
CA THR A 1586 -54.59 14.72 -8.94
C THR A 1586 -55.61 15.77 -8.53
N ASP A 1587 -55.26 17.06 -8.67
CA ASP A 1587 -56.15 18.14 -8.26
C ASP A 1587 -57.36 18.30 -9.20
N LYS A 1588 -57.31 17.79 -10.44
CA LYS A 1588 -58.38 18.03 -11.43
C LYS A 1588 -58.79 16.75 -12.15
N GLY A 1589 -58.76 15.62 -11.46
CA GLY A 1589 -59.48 14.46 -11.95
C GLY A 1589 -58.74 13.49 -12.83
N VAL A 1590 -57.42 13.44 -12.75
CA VAL A 1590 -56.65 12.39 -13.41
C VAL A 1590 -55.67 11.79 -12.43
N GLU A 1591 -55.56 10.46 -12.46
CA GLU A 1591 -54.61 9.73 -11.64
C GLU A 1591 -53.79 8.72 -12.44
N SER A 1592 -54.18 8.44 -13.67
CA SER A 1592 -53.56 7.41 -14.48
C SER A 1592 -53.15 7.99 -15.82
N VAL A 1593 -52.39 7.19 -16.56
CA VAL A 1593 -52.01 7.55 -17.91
C VAL A 1593 -53.23 7.56 -18.82
N PHE A 1594 -54.13 6.60 -18.63
CA PHE A 1594 -55.29 6.48 -19.52
C PHE A 1594 -56.11 7.76 -19.52
N ASP A 1595 -56.21 8.43 -18.36
CA ASP A 1595 -56.92 9.70 -18.29
C ASP A 1595 -56.30 10.76 -19.20
N ILE A 1596 -54.98 10.75 -19.37
CA ILE A 1596 -54.30 11.79 -20.15
C ILE A 1596 -54.69 11.68 -21.62
N MET A 1597 -54.78 10.45 -22.14
CA MET A 1597 -55.12 10.27 -23.53
C MET A 1597 -56.56 10.62 -23.80
N GLU A 1598 -57.46 10.34 -22.87
CA GLU A 1598 -58.86 10.83 -23.04
C GLU A 1598 -59.07 12.05 -22.12
N MET A 1599 -59.30 13.19 -22.76
CA MET A 1599 -58.83 14.54 -22.55
C MET A 1599 -58.79 15.32 -23.87
N GLU A 1600 -59.59 16.37 -24.10
CA GLU A 1600 -59.60 17.04 -25.40
C GLU A 1600 -58.24 17.64 -25.78
N ASP A 1601 -57.99 17.77 -27.10
CA ASP A 1601 -56.66 18.16 -27.59
C ASP A 1601 -56.29 19.58 -27.14
N GLU A 1602 -57.06 20.60 -27.55
CA GLU A 1602 -56.72 21.98 -27.19
C GLU A 1602 -56.61 22.16 -25.68
N GLU A 1603 -57.42 21.43 -24.91
CA GLU A 1603 -57.25 21.45 -23.46
C GLU A 1603 -56.08 20.61 -23.02
N ARG A 1604 -55.70 19.61 -23.81
CA ARG A 1604 -54.54 18.79 -23.47
C ARG A 1604 -53.27 19.64 -23.42
N ASN A 1605 -53.02 20.44 -24.45
CA ASN A 1605 -51.89 21.37 -24.39
C ASN A 1605 -52.04 22.39 -23.26
N ALA A 1606 -53.23 22.54 -22.67
CA ALA A 1606 -53.48 23.55 -21.65
C ALA A 1606 -53.38 23.01 -20.24
N LEU A 1607 -53.43 21.70 -20.05
CA LEU A 1607 -53.17 21.15 -18.72
C LEU A 1607 -51.78 21.52 -18.25
N LEU A 1608 -50.79 21.02 -18.98
CA LEU A 1608 -49.53 20.59 -18.39
C LEU A 1608 -48.58 21.72 -18.09
N GLN A 1609 -48.83 22.92 -18.63
CA GLN A 1609 -47.94 24.07 -18.43
C GLN A 1609 -46.56 23.81 -19.03
N LEU A 1610 -46.52 23.16 -20.19
CA LEU A 1610 -45.25 22.74 -20.76
C LEU A 1610 -45.26 22.90 -22.29
N THR A 1611 -44.12 22.62 -22.89
CA THR A 1611 -43.77 22.96 -24.27
C THR A 1611 -44.52 22.05 -25.24
N ASP A 1612 -44.20 22.17 -26.53
CA ASP A 1612 -44.84 21.41 -27.60
C ASP A 1612 -44.00 20.28 -28.14
N SER A 1613 -42.68 20.42 -28.23
CA SER A 1613 -41.87 19.24 -28.53
C SER A 1613 -42.04 18.20 -27.44
N GLN A 1614 -42.18 18.66 -26.19
CA GLN A 1614 -42.51 17.76 -25.08
C GLN A 1614 -43.88 17.12 -25.28
N ILE A 1615 -44.85 17.89 -25.79
CA ILE A 1615 -46.18 17.34 -26.02
C ILE A 1615 -46.12 16.20 -27.03
N ALA A 1616 -45.17 16.23 -27.96
CA ALA A 1616 -44.97 15.09 -28.85
C ALA A 1616 -44.23 13.97 -28.13
N ASP A 1617 -43.42 14.30 -27.12
CA ASP A 1617 -42.77 13.28 -26.33
C ASP A 1617 -43.79 12.54 -25.45
N VAL A 1618 -44.70 13.28 -24.81
CA VAL A 1618 -45.74 12.61 -24.01
C VAL A 1618 -46.70 11.85 -24.92
N ALA A 1619 -46.83 12.30 -26.17
CA ALA A 1619 -47.70 11.61 -27.12
C ALA A 1619 -47.11 10.27 -27.54
N ARG A 1620 -45.81 10.25 -27.86
CA ARG A 1620 -45.17 9.00 -28.26
C ARG A 1620 -45.18 7.99 -27.13
N PHE A 1621 -45.02 8.46 -25.89
CA PHE A 1621 -45.12 7.56 -24.74
C PHE A 1621 -46.51 7.00 -24.61
N CYS A 1622 -47.53 7.86 -24.68
CA CYS A 1622 -48.90 7.39 -24.55
C CYS A 1622 -49.25 6.36 -25.62
N ASN A 1623 -48.62 6.46 -26.79
CA ASN A 1623 -48.92 5.59 -27.92
C ASN A 1623 -48.14 4.29 -27.91
N ARG A 1624 -47.11 4.17 -27.07
CA ARG A 1624 -46.54 2.85 -26.85
C ARG A 1624 -46.92 2.26 -25.49
N TYR A 1625 -47.50 3.06 -24.60
CA TYR A 1625 -47.96 2.52 -23.32
C TYR A 1625 -48.93 1.36 -23.56
N PRO A 1626 -48.73 0.22 -22.93
CA PRO A 1626 -49.55 -0.96 -23.26
C PRO A 1626 -51.03 -0.76 -22.98
N ASN A 1627 -51.85 -1.11 -23.96
CA ASN A 1627 -53.30 -1.13 -23.85
C ASN A 1627 -53.78 -2.46 -24.43
N ILE A 1628 -54.01 -3.45 -23.56
CA ILE A 1628 -54.28 -4.82 -23.98
C ILE A 1628 -55.71 -5.19 -23.59
N GLU A 1629 -56.41 -5.89 -24.49
CA GLU A 1629 -57.69 -6.52 -24.16
C GLU A 1629 -57.43 -7.94 -23.68
N LEU A 1630 -58.07 -8.31 -22.57
CA LEU A 1630 -57.83 -9.60 -21.93
C LEU A 1630 -59.12 -10.39 -21.90
N SER A 1631 -59.13 -11.54 -22.58
CA SER A 1631 -60.18 -12.53 -22.47
C SER A 1631 -59.72 -13.64 -21.52
N TYR A 1632 -60.67 -14.33 -20.88
CA TYR A 1632 -60.34 -15.56 -20.18
C TYR A 1632 -61.58 -16.46 -20.06
N GLU A 1633 -61.34 -17.76 -20.13
CA GLU A 1633 -62.40 -18.76 -20.02
C GLU A 1633 -61.85 -19.97 -19.27
N VAL A 1634 -62.64 -20.48 -18.32
CA VAL A 1634 -62.37 -21.75 -17.67
C VAL A 1634 -62.96 -22.84 -18.55
N VAL A 1635 -62.11 -23.61 -19.24
CA VAL A 1635 -62.64 -24.57 -20.21
C VAL A 1635 -63.32 -25.71 -19.46
N ASP A 1636 -64.53 -26.07 -19.92
CA ASP A 1636 -65.35 -27.07 -19.26
C ASP A 1636 -65.56 -26.74 -17.79
N LYS A 1637 -66.01 -25.51 -17.52
CA LYS A 1637 -66.20 -25.02 -16.15
C LYS A 1637 -67.23 -25.84 -15.38
N ASP A 1638 -68.02 -26.67 -16.07
CA ASP A 1638 -69.06 -27.48 -15.46
C ASP A 1638 -68.55 -28.84 -15.01
N SER A 1639 -67.82 -29.55 -15.88
CA SER A 1639 -67.39 -30.92 -15.55
C SER A 1639 -66.01 -30.95 -14.87
N ILE A 1640 -65.83 -30.14 -13.84
CA ILE A 1640 -64.57 -30.04 -13.09
C ILE A 1640 -64.68 -30.89 -11.84
N ARG A 1641 -63.83 -31.91 -11.73
CA ARG A 1641 -63.84 -32.82 -10.60
C ARG A 1641 -62.56 -32.66 -9.77
N SER A 1642 -62.65 -32.98 -8.49
CA SER A 1642 -61.51 -32.87 -7.59
C SER A 1642 -60.36 -33.74 -8.09
N GLY A 1643 -59.14 -33.26 -7.91
CA GLY A 1643 -57.98 -33.95 -8.44
C GLY A 1643 -58.00 -34.13 -9.93
N GLY A 1644 -58.57 -33.18 -10.66
CA GLY A 1644 -58.63 -33.25 -12.10
C GLY A 1644 -57.96 -32.08 -12.77
N PRO A 1645 -57.81 -32.13 -14.10
CA PRO A 1645 -57.21 -31.01 -14.83
C PRO A 1645 -58.22 -29.89 -15.02
N VAL A 1646 -57.89 -28.70 -14.53
CA VAL A 1646 -58.63 -27.49 -14.84
C VAL A 1646 -57.72 -26.56 -15.63
N VAL A 1647 -58.12 -26.24 -16.84
CA VAL A 1647 -57.31 -25.48 -17.78
C VAL A 1647 -58.00 -24.14 -18.01
N VAL A 1648 -57.29 -23.05 -17.72
CA VAL A 1648 -57.80 -21.69 -17.95
C VAL A 1648 -57.13 -21.11 -19.20
N LEU A 1649 -57.94 -20.58 -20.10
CA LEU A 1649 -57.49 -20.08 -21.39
C LEU A 1649 -57.59 -18.56 -21.42
N VAL A 1650 -56.47 -17.89 -21.67
CA VAL A 1650 -56.40 -16.43 -21.63
C VAL A 1650 -56.01 -15.91 -23.00
N GLN A 1651 -56.66 -14.82 -23.41
CA GLN A 1651 -56.44 -14.17 -24.70
C GLN A 1651 -55.96 -12.74 -24.47
N LEU A 1652 -54.85 -12.38 -25.12
CA LEU A 1652 -54.27 -11.05 -25.02
C LEU A 1652 -54.23 -10.44 -26.41
N GLU A 1653 -55.06 -9.43 -26.66
CA GLU A 1653 -55.02 -8.72 -27.92
C GLU A 1653 -54.49 -7.30 -27.72
N ARG A 1654 -53.45 -6.94 -28.49
CA ARG A 1654 -52.89 -5.60 -28.42
C ARG A 1654 -53.68 -4.67 -29.34
N GLU A 1655 -54.41 -3.74 -28.73
CA GLU A 1655 -54.92 -2.55 -29.38
C GLU A 1655 -54.01 -2.10 -30.52
N GLU A 1656 -52.76 -1.81 -30.17
CA GLU A 1656 -51.88 -1.01 -31.03
C GLU A 1656 -51.16 -1.80 -32.11
N GLU A 1657 -49.82 -1.84 -31.99
CA GLU A 1657 -48.90 -2.05 -33.10
C GLU A 1657 -49.42 -2.85 -34.29
N VAL A 1658 -46.03 -3.06 -29.79
CA VAL A 1658 -44.65 -3.37 -30.07
C VAL A 1658 -44.09 -2.27 -30.98
N THR A 1659 -44.74 -1.10 -30.99
CA THR A 1659 -44.33 0.04 -31.80
C THR A 1659 -42.88 0.48 -31.52
N GLY A 1660 -42.02 -0.46 -31.16
CA GLY A 1660 -40.73 -0.15 -30.59
C GLY A 1660 -40.60 -0.79 -29.23
N PRO A 1661 -39.44 -0.65 -28.61
CA PRO A 1661 -39.21 -1.24 -27.29
C PRO A 1661 -39.87 -0.41 -26.19
N VAL A 1662 -39.71 -0.88 -24.95
CA VAL A 1662 -40.19 -0.12 -23.81
C VAL A 1662 -39.55 1.27 -23.81
N ILE A 1663 -40.31 2.26 -23.36
CA ILE A 1663 -39.79 3.59 -23.11
C ILE A 1663 -39.51 3.70 -21.61
N ALA A 1664 -38.24 3.95 -21.28
CA ALA A 1664 -37.78 4.04 -19.90
C ALA A 1664 -36.46 4.79 -19.89
N PRO A 1665 -36.49 6.12 -20.05
CA PRO A 1665 -35.24 6.88 -20.20
C PRO A 1665 -34.28 6.73 -19.02
N LEU A 1666 -34.78 6.41 -17.84
CA LEU A 1666 -33.93 6.24 -16.66
C LEU A 1666 -33.41 4.81 -16.52
N PHE A 1667 -33.70 3.94 -17.48
CA PHE A 1667 -33.14 2.60 -17.42
C PHE A 1667 -32.12 2.41 -18.54
N PRO A 1668 -30.93 1.83 -18.23
CA PRO A 1668 -29.76 1.95 -19.14
C PRO A 1668 -29.79 1.13 -20.42
N GLN A 1669 -30.54 0.03 -20.45
CA GLN A 1669 -30.66 -0.82 -21.61
C GLN A 1669 -32.03 -0.65 -22.23
N LYS A 1670 -32.13 -0.90 -23.53
CA LYS A 1670 -33.43 -0.99 -24.19
C LYS A 1670 -34.06 -2.33 -23.80
N ARG A 1671 -35.34 -2.30 -23.42
CA ARG A 1671 -36.05 -3.51 -23.00
C ARG A 1671 -37.23 -3.80 -23.90
N GLU A 1672 -37.63 -5.06 -23.91
CA GLU A 1672 -38.90 -5.42 -24.49
C GLU A 1672 -39.90 -5.69 -23.37
N GLU A 1673 -41.18 -5.37 -23.63
CA GLU A 1673 -42.25 -5.73 -22.69
C GLU A 1673 -42.32 -7.22 -22.44
N GLY A 1674 -42.25 -7.62 -21.16
CA GLY A 1674 -42.59 -8.96 -20.73
C GLY A 1674 -43.84 -8.98 -19.85
N TRP A 1675 -44.47 -10.15 -19.71
CA TRP A 1675 -45.76 -10.25 -19.04
C TRP A 1675 -45.85 -11.55 -18.25
N TRP A 1676 -46.57 -11.50 -17.16
CA TRP A 1676 -46.90 -12.69 -16.42
C TRP A 1676 -48.41 -12.84 -16.42
N VAL A 1677 -48.88 -14.08 -16.51
CA VAL A 1677 -50.26 -14.42 -16.21
C VAL A 1677 -50.22 -15.35 -15.00
N VAL A 1678 -50.90 -14.96 -13.92
CA VAL A 1678 -50.80 -15.63 -12.62
C VAL A 1678 -52.20 -16.03 -12.18
N ILE A 1679 -52.36 -17.28 -11.76
CA ILE A 1679 -53.58 -17.73 -11.10
C ILE A 1679 -53.24 -17.92 -9.62
N GLY A 1680 -53.84 -17.08 -8.77
CA GLY A 1680 -53.60 -17.16 -7.34
C GLY A 1680 -54.89 -17.31 -6.55
N ASP A 1681 -54.72 -17.71 -5.30
CA ASP A 1681 -55.77 -17.72 -4.29
C ASP A 1681 -55.42 -16.59 -3.34
N ALA A 1682 -55.99 -15.41 -3.58
CA ALA A 1682 -55.56 -14.21 -2.88
C ALA A 1682 -55.78 -14.34 -1.37
N LYS A 1683 -56.90 -14.96 -0.97
CA LYS A 1683 -57.18 -15.17 0.44
C LYS A 1683 -56.13 -16.05 1.10
N SER A 1684 -55.55 -16.97 0.34
CA SER A 1684 -54.66 -18.00 0.86
C SER A 1684 -53.18 -17.70 0.68
N ASN A 1685 -52.82 -16.70 -0.14
CA ASN A 1685 -51.42 -16.42 -0.52
C ASN A 1685 -50.82 -17.62 -1.25
N SER A 1686 -51.55 -18.11 -2.25
CA SER A 1686 -51.20 -19.33 -2.97
C SER A 1686 -51.18 -19.05 -4.46
N LEU A 1687 -50.01 -19.23 -5.09
CA LEU A 1687 -49.83 -19.15 -6.53
C LEU A 1687 -49.98 -20.55 -7.12
N ILE A 1688 -50.93 -20.71 -8.05
CA ILE A 1688 -51.28 -22.02 -8.58
C ILE A 1688 -50.80 -22.21 -10.01
N SER A 1689 -50.72 -21.16 -10.81
CA SER A 1689 -50.29 -21.26 -12.19
C SER A 1689 -49.69 -19.92 -12.61
N ILE A 1690 -48.58 -19.99 -13.37
CA ILE A 1690 -47.89 -18.80 -13.86
C ILE A 1690 -47.23 -19.12 -15.19
N LYS A 1691 -47.22 -18.13 -16.08
CA LYS A 1691 -46.71 -18.26 -17.43
C LYS A 1691 -46.05 -16.94 -17.81
N ARG A 1692 -44.88 -17.01 -18.42
N ARG A 1692 -44.85 -17.03 -18.37
CA ARG A 1692 -44.18 -15.84 -18.95
CA ARG A 1692 -44.20 -15.90 -19.00
C ARG A 1692 -44.44 -15.74 -20.45
C ARG A 1692 -44.69 -15.74 -20.43
N LEU A 1693 -44.65 -14.51 -20.93
CA LEU A 1693 -44.94 -14.29 -22.35
C LEU A 1693 -44.54 -12.89 -22.77
N THR A 1694 -44.02 -12.81 -23.98
CA THR A 1694 -43.99 -11.58 -24.75
C THR A 1694 -45.23 -11.56 -25.65
N LEU A 1695 -45.66 -10.37 -26.04
CA LEU A 1695 -46.94 -10.18 -26.74
C LEU A 1695 -46.72 -9.33 -27.98
N GLN A 1696 -47.27 -9.78 -29.10
CA GLN A 1696 -47.35 -8.92 -30.28
C GLN A 1696 -48.76 -8.34 -30.36
N GLN A 1697 -49.48 -8.64 -31.43
CA GLN A 1697 -50.88 -8.23 -31.53
C GLN A 1697 -51.75 -9.11 -30.64
N LYS A 1698 -51.83 -10.39 -30.97
CA LYS A 1698 -52.64 -11.34 -30.23
C LYS A 1698 -51.78 -12.50 -29.76
N ALA A 1699 -52.13 -13.05 -28.60
CA ALA A 1699 -51.51 -14.26 -28.09
C ALA A 1699 -52.51 -14.98 -27.20
N LYS A 1700 -52.41 -16.30 -27.18
CA LYS A 1700 -53.26 -17.15 -26.36
C LYS A 1700 -52.38 -17.91 -25.37
N VAL A 1701 -52.79 -17.97 -24.11
CA VAL A 1701 -52.02 -18.61 -23.04
C VAL A 1701 -52.86 -19.69 -22.39
N LYS A 1702 -52.22 -20.80 -22.03
CA LYS A 1702 -52.87 -21.94 -21.40
C LYS A 1702 -52.26 -22.19 -20.03
N LEU A 1703 -53.08 -22.11 -18.99
CA LEU A 1703 -52.62 -22.30 -17.62
C LEU A 1703 -53.32 -23.52 -17.04
N ASP A 1704 -52.53 -24.48 -16.58
CA ASP A 1704 -53.03 -25.71 -16.00
C ASP A 1704 -52.80 -25.72 -14.50
N PHE A 1705 -53.72 -26.35 -13.78
CA PHE A 1705 -53.47 -26.70 -12.38
C PHE A 1705 -54.39 -27.86 -12.00
N VAL A 1706 -54.23 -28.33 -10.76
CA VAL A 1706 -55.01 -29.43 -10.21
C VAL A 1706 -56.13 -28.87 -9.37
N ALA A 1707 -57.31 -29.48 -9.48
CA ALA A 1707 -58.43 -29.06 -8.65
C ALA A 1707 -58.21 -29.51 -7.21
N PRO A 1708 -58.51 -28.66 -6.23
CA PRO A 1708 -58.47 -29.09 -4.84
C PRO A 1708 -59.70 -29.91 -4.46
N ALA A 1709 -60.02 -29.94 -3.17
CA ALA A 1709 -61.28 -30.52 -2.74
C ALA A 1709 -62.46 -29.74 -3.33
N THR A 1710 -63.66 -30.27 -3.13
CA THR A 1710 -64.83 -29.71 -3.80
C THR A 1710 -65.23 -28.36 -3.24
N GLY A 1711 -65.80 -27.52 -4.10
CA GLY A 1711 -66.10 -26.14 -3.80
C GLY A 1711 -66.92 -25.53 -4.93
N ALA A 1712 -67.24 -24.23 -4.83
CA ALA A 1712 -66.80 -23.22 -3.84
C ALA A 1712 -65.28 -23.01 -3.78
N HIS A 1713 -64.73 -22.37 -4.81
CA HIS A 1713 -63.30 -22.04 -4.90
C HIS A 1713 -63.14 -20.85 -5.85
N ASN A 1714 -62.80 -19.68 -5.30
CA ASN A 1714 -62.75 -18.46 -6.10
C ASN A 1714 -61.29 -18.00 -6.23
N TYR A 1715 -60.79 -18.03 -7.45
CA TYR A 1715 -59.44 -17.64 -7.80
C TYR A 1715 -59.42 -16.23 -8.37
N THR A 1716 -58.21 -15.74 -8.60
CA THR A 1716 -57.97 -14.42 -9.14
C THR A 1716 -56.93 -14.52 -10.24
N LEU A 1717 -57.18 -13.82 -11.34
CA LEU A 1717 -56.31 -13.83 -12.50
C LEU A 1717 -55.53 -12.53 -12.57
N TYR A 1718 -54.20 -12.63 -12.66
CA TYR A 1718 -53.30 -11.48 -12.76
C TYR A 1718 -52.61 -11.44 -14.12
N PHE A 1719 -52.56 -10.25 -14.70
CA PHE A 1719 -51.82 -9.98 -15.93
C PHE A 1719 -50.83 -8.86 -15.62
N MET A 1720 -49.57 -9.19 -15.40
CA MET A 1720 -48.62 -8.23 -14.86
C MET A 1720 -47.50 -7.90 -15.83
N SER A 1721 -47.16 -6.61 -15.87
CA SER A 1721 -46.06 -6.10 -16.67
C SER A 1721 -44.76 -6.22 -15.92
N ASP A 1722 -43.67 -6.24 -16.68
CA ASP A 1722 -42.33 -6.25 -16.11
C ASP A 1722 -41.60 -4.96 -16.40
N ALA A 1723 -42.27 -4.00 -17.01
CA ALA A 1723 -41.64 -2.81 -17.56
C ALA A 1723 -42.40 -1.52 -17.29
N TYR A 1724 -43.71 -1.56 -17.07
CA TYR A 1724 -44.55 -0.38 -16.91
C TYR A 1724 -45.42 -0.55 -15.66
N MET A 1725 -45.76 0.57 -15.04
CA MET A 1725 -46.60 0.58 -13.83
C MET A 1725 -48.02 1.01 -14.17
N GLY A 1726 -49.00 0.39 -13.52
CA GLY A 1726 -50.40 0.68 -13.76
C GLY A 1726 -51.00 0.02 -14.99
N CYS A 1727 -50.31 -0.95 -15.60
CA CYS A 1727 -50.87 -1.74 -16.69
C CYS A 1727 -51.42 -3.07 -16.23
N ASP A 1728 -51.38 -3.35 -14.93
CA ASP A 1728 -51.73 -4.67 -14.42
C ASP A 1728 -53.26 -4.81 -14.39
N GLN A 1729 -53.75 -6.02 -14.68
CA GLN A 1729 -55.17 -6.32 -14.65
C GLN A 1729 -55.45 -7.49 -13.72
N GLU A 1730 -56.65 -7.49 -13.15
CA GLU A 1730 -57.06 -8.44 -12.11
C GLU A 1730 -58.51 -8.82 -12.32
N TYR A 1731 -58.78 -10.11 -12.57
CA TYR A 1731 -60.13 -10.61 -12.75
C TYR A 1731 -60.36 -11.78 -11.80
N LYS A 1732 -61.28 -11.60 -10.86
CA LYS A 1732 -61.73 -12.72 -10.05
C LYS A 1732 -62.62 -13.63 -10.88
N PHE A 1733 -62.52 -14.93 -10.60
CA PHE A 1733 -63.40 -15.91 -11.22
C PHE A 1733 -63.51 -17.09 -10.28
N SER A 1734 -64.55 -17.89 -10.45
CA SER A 1734 -64.79 -19.03 -9.58
C SER A 1734 -64.88 -20.32 -10.41
N VAL A 1735 -64.64 -21.44 -9.75
CA VAL A 1735 -64.83 -22.76 -10.35
C VAL A 1735 -65.58 -23.64 -9.35
N ASP A 1736 -66.69 -24.21 -9.79
N ASP A 1736 -66.72 -24.17 -9.78
CA ASP A 1736 -67.42 -25.17 -8.98
CA ASP A 1736 -67.42 -25.20 -9.03
C ASP A 1736 -66.90 -26.56 -9.31
C ASP A 1736 -66.79 -26.54 -9.36
N VAL A 1737 -66.12 -27.14 -8.40
CA VAL A 1737 -65.48 -28.43 -8.60
C VAL A 1737 -66.31 -29.52 -7.95
N LYS A 1738 -66.27 -30.71 -8.54
CA LYS A 1738 -67.05 -31.86 -8.08
C LYS A 1738 -66.18 -33.01 -7.56
N PRO B 2 55.98 -2.16 45.92
CA PRO B 2 56.29 -2.48 44.52
C PRO B 2 57.25 -1.49 43.89
N LEU B 3 57.26 -1.49 42.56
CA LEU B 3 57.69 -0.32 41.82
C LEU B 3 56.61 0.75 41.81
N GLY B 4 55.79 0.82 42.87
CA GLY B 4 54.79 1.85 43.12
C GLY B 4 55.16 3.25 42.66
N SER B 5 55.57 3.27 41.39
CA SER B 5 55.74 4.47 40.58
C SER B 5 55.38 4.13 39.15
N MET B 6 54.39 3.27 38.93
CA MET B 6 53.97 2.74 37.62
C MET B 6 52.49 2.44 37.62
N THR B 7 52.08 1.34 38.27
CA THR B 7 50.68 0.98 38.41
C THR B 7 49.99 0.84 37.06
N GLN B 8 49.95 -0.36 36.51
CA GLN B 8 49.29 -0.60 35.24
C GLN B 8 48.19 -1.64 35.37
N THR B 9 47.05 -1.37 34.74
CA THR B 9 45.93 -2.30 34.72
C THR B 9 45.97 -3.08 33.42
N PHE B 10 45.93 -4.41 33.52
CA PHE B 10 45.74 -5.22 32.34
C PHE B 10 44.33 -4.99 31.79
N SER B 11 44.21 -4.98 30.46
CA SER B 11 42.94 -4.81 29.77
C SER B 11 42.80 -5.96 28.78
N SER B 12 41.70 -6.71 28.87
CA SER B 12 41.50 -7.89 28.03
C SER B 12 41.57 -7.56 26.54
N LYS B 13 42.20 -8.45 25.76
CA LYS B 13 42.15 -8.32 24.29
C LYS B 13 41.90 -9.71 23.70
N THR B 14 40.66 -10.17 23.81
CA THR B 14 40.30 -11.51 23.35
C THR B 14 40.64 -11.69 21.88
N GLU B 15 41.24 -12.85 21.55
CA GLU B 15 41.80 -13.08 20.23
C GLU B 15 40.72 -13.32 19.18
N TRP B 16 39.52 -13.72 19.58
CA TRP B 16 38.52 -14.01 18.57
C TRP B 16 38.02 -12.74 17.89
N ARG B 17 38.15 -11.59 18.55
CA ARG B 17 37.67 -10.33 17.99
C ARG B 17 38.50 -9.93 16.78
N VAL B 18 39.82 -10.06 16.88
CA VAL B 18 40.70 -9.77 15.75
C VAL B 18 40.42 -10.75 14.63
N ARG B 19 40.15 -12.00 14.98
CA ARG B 19 39.80 -13.00 13.96
C ARG B 19 38.45 -12.70 13.34
N ALA B 20 37.51 -12.15 14.13
CA ALA B 20 36.19 -11.84 13.57
C ALA B 20 36.25 -10.63 12.65
N ILE B 21 37.14 -9.66 12.93
CA ILE B 21 37.37 -8.57 11.99
C ILE B 21 37.94 -9.11 10.67
N SER B 22 38.93 -10.01 10.73
CA SER B 22 39.51 -10.51 9.49
C SER B 22 38.56 -11.39 8.71
N ALA B 23 37.71 -12.16 9.40
CA ALA B 23 36.76 -13.00 8.70
C ALA B 23 35.75 -12.20 7.90
N ALA B 24 35.60 -10.91 8.23
CA ALA B 24 34.68 -10.05 7.49
C ALA B 24 35.25 -9.56 6.16
N ASN B 25 36.54 -9.78 5.92
CA ASN B 25 37.12 -9.45 4.63
C ASN B 25 37.41 -10.69 3.79
N LEU B 26 36.87 -11.85 4.18
CA LEU B 26 37.16 -13.06 3.42
C LEU B 26 36.66 -12.94 1.98
N HIS B 27 35.59 -12.18 1.75
CA HIS B 27 35.00 -12.14 0.41
C HIS B 27 36.00 -11.66 -0.63
N LEU B 28 36.96 -10.81 -0.22
CA LEU B 28 37.96 -10.31 -1.15
C LEU B 28 38.77 -11.45 -1.77
N ARG B 29 39.04 -12.51 -1.02
CA ARG B 29 39.77 -13.66 -1.54
C ARG B 29 39.00 -14.43 -2.61
N THR B 30 37.67 -14.31 -2.68
CA THR B 30 36.93 -15.11 -3.66
C THR B 30 37.11 -14.59 -5.10
N ASN B 31 37.64 -13.40 -5.28
CA ASN B 31 37.92 -12.93 -6.63
C ASN B 31 39.23 -13.45 -7.18
N HIS B 32 40.08 -14.00 -6.30
CA HIS B 32 41.41 -14.50 -6.67
C HIS B 32 41.56 -15.93 -6.12
N ILE B 33 41.06 -16.90 -6.88
CA ILE B 33 41.00 -18.28 -6.47
C ILE B 33 41.75 -19.11 -7.50
N TYR B 34 42.77 -19.84 -7.04
CA TYR B 34 43.68 -20.57 -7.91
C TYR B 34 43.56 -22.07 -7.66
N VAL B 35 43.56 -22.85 -8.74
CA VAL B 35 43.64 -24.31 -8.66
C VAL B 35 45.03 -24.73 -9.11
N SER B 36 45.77 -25.39 -8.23
CA SER B 36 47.01 -26.05 -8.63
C SER B 36 46.73 -27.03 -9.77
N SER B 37 47.51 -26.94 -10.84
CA SER B 37 47.40 -27.92 -11.92
C SER B 37 48.38 -29.07 -11.68
N ASP B 38 47.88 -30.29 -11.89
CA ASP B 38 48.46 -31.56 -11.44
C ASP B 38 49.98 -31.64 -11.50
N ASP B 39 50.52 -31.84 -12.71
CA ASP B 39 51.93 -32.16 -12.90
C ASP B 39 52.33 -33.38 -12.07
N ILE B 40 51.39 -34.32 -11.90
CA ILE B 40 51.64 -35.55 -11.16
C ILE B 40 51.39 -36.84 -11.95
N LYS B 41 50.45 -36.91 -12.91
CA LYS B 41 49.54 -35.87 -13.43
C LYS B 41 48.07 -36.26 -13.22
N GLU B 42 47.55 -37.16 -14.06
CA GLU B 42 46.16 -37.58 -13.96
C GLU B 42 46.03 -38.79 -13.05
N THR B 43 44.87 -38.88 -12.37
CA THR B 43 44.48 -40.08 -11.61
C THR B 43 42.96 -40.25 -11.77
N GLY B 44 42.56 -41.02 -12.79
CA GLY B 44 41.17 -41.44 -12.93
C GLY B 44 40.17 -40.34 -13.25
N TYR B 45 39.53 -39.84 -12.20
CA TYR B 45 38.39 -38.95 -12.38
C TYR B 45 38.81 -37.49 -12.30
N THR B 46 38.10 -36.65 -13.06
CA THR B 46 38.22 -35.20 -12.97
C THR B 46 37.07 -34.64 -12.15
N TYR B 47 37.39 -33.83 -11.15
CA TYR B 47 36.39 -33.22 -10.28
C TYR B 47 36.17 -31.77 -10.69
N ILE B 48 34.92 -31.45 -10.99
CA ILE B 48 34.53 -30.09 -11.34
C ILE B 48 33.77 -29.50 -10.16
N LEU B 49 34.33 -28.45 -9.57
CA LEU B 49 33.75 -27.78 -8.42
C LEU B 49 33.05 -26.50 -8.87
N PRO B 50 31.78 -26.32 -8.57
CA PRO B 50 31.09 -25.06 -8.92
C PRO B 50 31.55 -23.89 -8.06
N LYS B 51 31.71 -22.73 -8.69
CA LYS B 51 32.31 -21.59 -7.99
C LYS B 51 31.39 -21.06 -6.92
N ASN B 52 30.07 -21.11 -7.15
CA ASN B 52 29.16 -20.47 -6.21
C ASN B 52 29.31 -21.06 -4.82
N VAL B 53 29.43 -22.39 -4.70
CA VAL B 53 29.52 -22.92 -3.34
C VAL B 53 30.94 -22.75 -2.79
N LEU B 54 31.95 -22.78 -3.67
CA LEU B 54 33.32 -22.51 -3.25
C LEU B 54 33.43 -21.11 -2.63
N LYS B 55 32.86 -20.11 -3.30
CA LYS B 55 32.94 -18.76 -2.76
C LYS B 55 32.22 -18.68 -1.42
N LYS B 56 31.04 -19.28 -1.32
CA LYS B 56 30.32 -19.27 -0.05
C LYS B 56 31.10 -20.01 1.02
N PHE B 57 31.65 -21.19 0.67
CA PHE B 57 32.48 -21.96 1.62
C PHE B 57 33.61 -21.11 2.18
N ILE B 58 34.25 -20.29 1.32
CA ILE B 58 35.32 -19.41 1.77
C ILE B 58 34.78 -18.33 2.72
N CYS B 59 33.64 -17.73 2.37
CA CYS B 59 33.08 -16.60 3.12
C CYS B 59 32.62 -17.00 4.53
N ILE B 60 32.18 -18.24 4.72
CA ILE B 60 31.75 -18.70 6.03
C ILE B 60 32.89 -19.21 6.90
N SER B 61 34.12 -19.16 6.43
CA SER B 61 35.21 -19.80 7.16
C SER B 61 35.94 -18.82 8.08
N ASP B 62 37.02 -19.31 8.70
CA ASP B 62 37.89 -18.56 9.59
C ASP B 62 39.31 -18.66 9.02
N LEU B 63 40.21 -17.77 9.45
CA LEU B 63 41.56 -17.88 8.91
C LEU B 63 42.47 -18.74 9.77
N ARG B 64 42.08 -19.05 11.00
CA ARG B 64 42.85 -19.97 11.83
C ARG B 64 42.16 -21.32 12.04
N ALA B 65 40.88 -21.35 12.40
CA ALA B 65 40.20 -22.61 12.64
C ALA B 65 39.67 -23.19 11.34
N GLN B 66 40.15 -24.38 10.98
CA GLN B 66 39.71 -25.06 9.77
C GLN B 66 38.22 -25.43 9.87
N ILE B 67 37.54 -25.38 8.73
CA ILE B 67 36.18 -25.88 8.60
C ILE B 67 36.14 -26.82 7.41
N ALA B 68 35.09 -27.64 7.37
CA ALA B 68 35.03 -28.73 6.40
C ALA B 68 33.59 -28.92 5.95
N GLY B 69 33.44 -29.37 4.70
CA GLY B 69 32.15 -29.81 4.19
C GLY B 69 32.30 -31.09 3.38
N TYR B 70 31.25 -31.90 3.38
CA TYR B 70 31.25 -33.14 2.61
C TYR B 70 30.82 -32.86 1.17
N LEU B 71 31.45 -33.57 0.24
CA LEU B 71 31.23 -33.39 -1.18
C LEU B 71 30.28 -34.45 -1.71
N TYR B 72 29.29 -34.01 -2.48
CA TYR B 72 28.37 -34.92 -3.14
C TYR B 72 28.16 -34.47 -4.58
N GLY B 73 27.98 -35.45 -5.45
CA GLY B 73 27.76 -35.12 -6.84
C GLY B 73 27.64 -36.37 -7.67
N VAL B 74 27.57 -36.16 -8.98
CA VAL B 74 27.33 -37.22 -9.93
C VAL B 74 28.24 -36.99 -11.13
N SER B 75 28.19 -37.93 -12.07
CA SER B 75 28.86 -37.90 -13.37
C SER B 75 27.92 -37.34 -14.43
N PRO B 76 28.42 -36.44 -15.28
CA PRO B 76 27.61 -35.95 -16.42
C PRO B 76 27.09 -37.11 -17.24
N PRO B 77 25.88 -37.00 -17.82
CA PRO B 77 25.13 -38.18 -18.29
C PRO B 77 25.94 -39.25 -19.02
N ASP B 78 26.50 -38.90 -20.17
CA ASP B 78 27.29 -39.86 -20.92
C ASP B 78 28.75 -39.94 -20.47
N ASN B 79 29.12 -39.27 -19.38
CA ASN B 79 30.53 -38.98 -19.07
C ASN B 79 30.89 -39.54 -17.71
N PRO B 80 31.24 -40.83 -17.62
CA PRO B 80 31.66 -41.39 -16.33
C PRO B 80 32.99 -40.85 -15.83
N GLN B 81 33.79 -40.19 -16.67
CA GLN B 81 35.15 -39.79 -16.31
C GLN B 81 35.19 -38.60 -15.38
N VAL B 82 34.14 -37.79 -15.37
CA VAL B 82 34.13 -36.51 -14.68
C VAL B 82 33.12 -36.59 -13.54
N LYS B 83 33.48 -36.03 -12.39
CA LYS B 83 32.58 -35.95 -11.25
C LYS B 83 32.24 -34.49 -11.04
N GLU B 84 30.98 -34.13 -11.27
CA GLU B 84 30.51 -32.78 -10.96
C GLU B 84 30.05 -32.76 -9.50
N ILE B 85 30.64 -31.85 -8.74
CA ILE B 85 30.26 -31.67 -7.34
C ILE B 85 28.98 -30.84 -7.33
N ARG B 86 27.92 -31.41 -6.77
CA ARG B 86 26.58 -30.82 -6.78
C ARG B 86 26.16 -30.23 -5.45
N CYS B 87 26.70 -30.73 -4.34
CA CYS B 87 26.28 -30.24 -3.05
C CYS B 87 27.45 -30.34 -2.10
N ILE B 88 27.54 -29.35 -1.23
CA ILE B 88 28.44 -29.34 -0.08
C ILE B 88 27.55 -29.39 1.14
N VAL B 89 27.86 -30.30 2.07
CA VAL B 89 27.11 -30.49 3.30
C VAL B 89 27.95 -29.98 4.47
N MET B 90 27.40 -29.01 5.21
CA MET B 90 27.96 -28.53 6.47
C MET B 90 27.29 -29.26 7.63
N VAL B 91 28.10 -29.92 8.45
CA VAL B 91 27.61 -30.71 9.57
C VAL B 91 28.21 -30.09 10.82
N PRO B 92 27.69 -30.42 12.01
CA PRO B 92 28.23 -29.83 13.24
C PRO B 92 29.69 -30.17 13.39
N GLN B 93 30.50 -29.15 13.71
CA GLN B 93 31.92 -29.33 13.65
C GLN B 93 32.61 -28.29 14.52
N TRP B 94 33.87 -28.57 14.82
CA TRP B 94 34.78 -27.56 15.34
C TRP B 94 36.17 -27.88 14.82
N GLY B 95 37.05 -26.88 14.83
CA GLY B 95 38.33 -27.03 14.18
C GLY B 95 39.47 -26.40 14.97
N THR B 96 40.68 -26.75 14.52
CA THR B 96 41.90 -26.03 14.85
C THR B 96 42.57 -25.67 13.54
N HIS B 97 43.82 -25.22 13.60
CA HIS B 97 44.58 -24.85 12.41
C HIS B 97 45.17 -26.05 11.70
N GLN B 98 45.06 -27.26 12.28
CA GLN B 98 45.61 -28.46 11.67
C GLN B 98 44.59 -29.53 11.36
N THR B 99 43.38 -29.41 11.88
CA THR B 99 42.42 -30.48 11.66
C THR B 99 41.01 -29.94 11.92
N VAL B 100 40.02 -30.73 11.51
CA VAL B 100 38.62 -30.49 11.84
C VAL B 100 38.08 -31.73 12.54
N HIS B 101 37.08 -31.54 13.40
CA HIS B 101 36.42 -32.62 14.13
C HIS B 101 34.98 -32.72 13.64
N LEU B 102 34.70 -33.74 12.90
CA LEU B 102 33.36 -34.00 12.40
C LEU B 102 32.70 -35.12 13.21
N PRO B 103 31.38 -35.22 13.18
CA PRO B 103 30.72 -36.36 13.83
C PRO B 103 31.06 -37.65 13.10
N GLY B 104 30.80 -38.76 13.77
CA GLY B 104 30.96 -40.05 13.12
C GLY B 104 29.92 -40.29 12.04
N GLN B 105 28.70 -39.82 12.28
CA GLN B 105 27.60 -39.99 11.33
C GLN B 105 27.81 -39.17 10.06
N LEU B 106 27.88 -39.85 8.92
CA LEU B 106 27.86 -39.19 7.64
C LEU B 106 26.49 -38.61 7.36
N PRO B 107 26.40 -37.64 6.46
CA PRO B 107 25.11 -37.08 6.09
C PRO B 107 24.15 -38.15 5.57
N GLN B 108 22.87 -37.95 5.88
CA GLN B 108 21.80 -38.82 5.43
C GLN B 108 20.65 -37.90 5.07
N HIS B 109 20.26 -37.92 3.81
CA HIS B 109 19.10 -37.12 3.42
C HIS B 109 18.62 -37.61 2.07
N GLU B 110 17.29 -37.59 1.91
CA GLU B 110 16.67 -38.03 0.67
C GLU B 110 17.32 -37.35 -0.55
N TYR B 111 17.72 -36.09 -0.41
CA TYR B 111 18.25 -35.35 -1.57
C TYR B 111 19.61 -35.84 -1.99
N LEU B 112 20.38 -36.43 -1.07
CA LEU B 112 21.71 -36.92 -1.42
C LEU B 112 21.70 -38.35 -1.96
N LYS B 113 20.60 -39.09 -1.81
CA LYS B 113 20.62 -40.50 -2.16
C LYS B 113 20.66 -40.73 -3.67
N GLU B 114 20.33 -39.72 -4.47
CA GLU B 114 20.59 -39.80 -5.91
C GLU B 114 22.03 -39.46 -6.26
N MET B 115 22.76 -38.81 -5.37
CA MET B 115 24.15 -38.48 -5.61
C MET B 115 25.07 -39.51 -4.96
N GLU B 116 26.34 -39.41 -5.28
CA GLU B 116 27.32 -40.25 -4.63
C GLU B 116 28.26 -39.40 -3.77
N PRO B 117 28.78 -39.98 -2.68
CA PRO B 117 29.74 -39.24 -1.85
C PRO B 117 31.06 -39.10 -2.58
N LEU B 118 31.61 -37.87 -2.60
CA LEU B 118 32.84 -37.60 -3.31
C LEU B 118 34.00 -37.22 -2.39
N GLY B 119 33.80 -37.27 -1.07
CA GLY B 119 34.84 -36.87 -0.13
C GLY B 119 34.56 -35.58 0.64
N TRP B 120 35.58 -34.76 0.83
CA TRP B 120 35.40 -33.56 1.63
C TRP B 120 36.32 -32.47 1.16
N ILE B 121 35.98 -31.24 1.59
CA ILE B 121 36.75 -30.03 1.34
C ILE B 121 36.99 -29.38 2.70
N HIS B 122 38.18 -28.79 2.89
CA HIS B 122 38.43 -28.09 4.14
C HIS B 122 39.37 -26.92 3.92
N THR B 123 39.24 -25.90 4.76
CA THR B 123 40.13 -24.76 4.66
C THR B 123 41.42 -25.07 5.40
N GLN B 124 42.50 -24.41 4.99
CA GLN B 124 43.81 -24.66 5.59
C GLN B 124 44.48 -23.30 5.78
N PRO B 125 45.06 -23.05 6.96
CA PRO B 125 45.73 -21.75 7.17
C PRO B 125 46.86 -21.53 6.21
N ASN B 126 47.74 -22.50 6.06
CA ASN B 126 48.91 -22.37 5.22
C ASN B 126 48.83 -23.35 4.05
N GLU B 127 49.31 -22.89 2.90
CA GLU B 127 49.44 -23.77 1.75
C GLU B 127 50.58 -24.76 2.01
N SER B 128 50.33 -26.03 1.76
CA SER B 128 51.38 -26.99 2.02
C SER B 128 51.61 -27.85 0.79
N PRO B 129 52.87 -28.14 0.45
CA PRO B 129 53.13 -28.98 -0.73
C PRO B 129 52.51 -30.35 -0.61
N GLN B 130 52.18 -30.80 0.60
CA GLN B 130 51.74 -32.17 0.79
C GLN B 130 50.45 -32.24 1.61
N LEU B 131 49.69 -33.30 1.31
CA LEU B 131 48.51 -33.64 2.09
C LEU B 131 48.89 -33.83 3.55
N SER B 132 48.15 -33.18 4.43
CA SER B 132 48.36 -33.34 5.86
C SER B 132 48.30 -34.82 6.25
N PRO B 133 49.11 -35.26 7.22
CA PRO B 133 48.89 -36.59 7.79
C PRO B 133 47.59 -36.65 8.59
N GLN B 134 47.18 -35.54 9.21
CA GLN B 134 45.85 -35.49 9.81
C GLN B 134 44.79 -35.74 8.76
N ASP B 135 44.90 -35.08 7.61
CA ASP B 135 43.98 -35.31 6.49
C ASP B 135 43.95 -36.78 6.07
N VAL B 136 45.13 -37.39 5.88
CA VAL B 136 45.20 -38.79 5.49
C VAL B 136 44.53 -39.67 6.53
N THR B 137 44.76 -39.36 7.81
CA THR B 137 44.15 -40.14 8.88
C THR B 137 42.64 -39.97 8.90
N THR B 138 42.15 -38.73 8.86
CA THR B 138 40.72 -38.47 8.82
C THR B 138 40.07 -39.20 7.66
N HIS B 139 40.61 -39.02 6.46
CA HIS B 139 40.00 -39.65 5.29
C HIS B 139 39.99 -41.18 5.41
N ALA B 140 41.05 -41.77 5.98
CA ALA B 140 41.13 -43.22 6.05
C ALA B 140 40.20 -43.79 7.13
N LYS B 141 40.07 -43.09 8.27
CA LYS B 141 39.13 -43.55 9.29
C LYS B 141 37.68 -43.38 8.85
N ILE B 142 37.37 -42.40 7.99
CA ILE B 142 36.02 -42.32 7.44
C ILE B 142 35.77 -43.51 6.51
N MET B 143 36.74 -43.83 5.66
CA MET B 143 36.63 -44.96 4.76
C MET B 143 36.41 -46.26 5.50
N ALA B 144 37.13 -46.45 6.62
CA ALA B 144 37.01 -47.69 7.39
C ALA B 144 35.62 -47.85 7.97
N ASP B 145 35.00 -46.74 8.37
CA ASP B 145 33.67 -46.78 8.97
C ASP B 145 32.54 -46.60 7.98
N ASN B 146 32.81 -46.35 6.70
CA ASN B 146 31.77 -46.05 5.72
C ASN B 146 32.18 -46.66 4.37
N PRO B 147 31.75 -47.88 4.08
CA PRO B 147 32.06 -48.49 2.77
C PRO B 147 31.63 -47.67 1.57
N SER B 148 30.64 -46.77 1.73
CA SER B 148 30.19 -45.94 0.62
C SER B 148 31.29 -45.04 0.07
N TRP B 149 32.36 -44.77 0.85
CA TRP B 149 33.49 -43.96 0.39
C TRP B 149 34.48 -44.87 -0.32
N ASP B 150 34.53 -44.77 -1.64
CA ASP B 150 35.48 -45.54 -2.40
C ASP B 150 36.84 -44.85 -2.40
N GLY B 151 37.90 -45.61 -2.12
CA GLY B 151 39.24 -45.06 -2.17
C GLY B 151 39.61 -44.47 -3.51
N GLU B 152 39.01 -44.97 -4.59
CA GLU B 152 39.29 -44.46 -5.93
C GLU B 152 38.36 -43.34 -6.36
N LYS B 153 37.40 -42.96 -5.51
CA LYS B 153 36.38 -41.99 -5.91
C LYS B 153 36.22 -40.83 -4.95
N THR B 154 36.88 -40.82 -3.81
CA THR B 154 36.71 -39.78 -2.82
C THR B 154 38.01 -39.02 -2.69
N ILE B 155 37.89 -37.70 -2.51
CA ILE B 155 39.05 -36.84 -2.55
C ILE B 155 39.05 -35.96 -1.32
N ILE B 156 40.21 -35.37 -1.05
CA ILE B 156 40.35 -34.24 -0.14
C ILE B 156 40.68 -33.01 -0.97
N ILE B 157 39.82 -32.01 -0.89
CA ILE B 157 40.11 -30.70 -1.45
C ILE B 157 40.55 -29.78 -0.32
N THR B 158 41.79 -29.30 -0.40
CA THR B 158 42.27 -28.28 0.51
C THR B 158 42.11 -26.93 -0.15
N CYS B 159 41.70 -25.95 0.65
CA CYS B 159 41.52 -24.58 0.18
C CYS B 159 42.40 -23.78 1.13
N SER B 160 43.56 -23.36 0.65
CA SER B 160 44.61 -22.83 1.49
C SER B 160 44.61 -21.32 1.40
N PHE B 161 44.89 -20.68 2.54
CA PHE B 161 44.83 -19.23 2.61
C PHE B 161 46.18 -18.66 2.22
N THR B 162 46.43 -18.65 0.91
CA THR B 162 47.53 -17.89 0.35
C THR B 162 47.20 -16.40 0.42
N PRO B 163 48.21 -15.54 0.54
CA PRO B 163 47.96 -14.11 0.72
C PRO B 163 47.10 -13.51 -0.39
N GLY B 164 46.02 -12.82 0.02
CA GLY B 164 45.08 -12.20 -0.90
C GLY B 164 44.28 -13.16 -1.75
N SER B 165 44.32 -14.45 -1.46
CA SER B 165 43.84 -15.44 -2.41
C SER B 165 43.40 -16.68 -1.65
N CYS B 166 42.88 -17.65 -2.40
CA CYS B 166 42.75 -19.03 -1.95
C CYS B 166 43.27 -19.92 -3.06
N THR B 167 44.05 -20.92 -2.70
CA THR B 167 44.57 -21.88 -3.66
C THR B 167 44.00 -23.25 -3.31
N LEU B 168 43.33 -23.87 -4.28
CA LEU B 168 42.70 -25.16 -4.14
C LEU B 168 43.61 -26.26 -4.67
N THR B 169 43.64 -27.40 -3.97
CA THR B 169 44.27 -28.58 -4.54
C THR B 169 43.56 -29.82 -3.99
N ALA B 170 43.37 -30.81 -4.87
CA ALA B 170 42.58 -32.01 -4.60
C ALA B 170 43.49 -33.23 -4.57
N TYR B 171 43.36 -34.05 -3.52
CA TYR B 171 44.14 -35.27 -3.39
C TYR B 171 43.21 -36.44 -3.16
N LYS B 172 43.69 -37.64 -3.49
CA LYS B 172 43.04 -38.89 -3.14
C LYS B 172 44.03 -39.75 -2.38
N LEU B 173 43.52 -40.58 -1.49
CA LEU B 173 44.34 -41.58 -0.79
C LEU B 173 44.80 -42.68 -1.73
N THR B 174 45.95 -43.27 -1.40
CA THR B 174 46.35 -44.53 -2.02
C THR B 174 45.91 -45.68 -1.13
N PRO B 175 45.86 -46.91 -1.68
CA PRO B 175 45.65 -48.08 -0.81
C PRO B 175 46.57 -48.08 0.40
N SER B 176 47.86 -47.83 0.19
CA SER B 176 48.78 -47.82 1.32
C SER B 176 48.47 -46.67 2.27
N GLY B 177 47.97 -45.56 1.74
CA GLY B 177 47.57 -44.46 2.61
C GLY B 177 46.40 -44.83 3.51
N TYR B 178 45.34 -45.38 2.92
CA TYR B 178 44.22 -45.88 3.71
C TYR B 178 44.70 -46.78 4.85
N GLU B 179 45.48 -47.82 4.52
CA GLU B 179 45.90 -48.78 5.53
C GLU B 179 46.75 -48.14 6.62
N TRP B 180 47.57 -47.14 6.26
CA TRP B 180 48.34 -46.45 7.30
C TRP B 180 47.48 -45.55 8.14
N GLY B 181 46.54 -44.82 7.52
CA GLY B 181 45.80 -43.80 8.25
C GLY B 181 44.71 -44.36 9.13
N ARG B 182 44.17 -45.55 8.78
CA ARG B 182 43.11 -46.09 9.62
C ARG B 182 43.66 -46.62 10.93
N GLN B 183 44.95 -46.99 10.95
CA GLN B 183 45.56 -47.46 12.18
C GLN B 183 46.28 -46.36 12.95
N ASN B 184 46.39 -45.14 12.40
CA ASN B 184 47.23 -44.10 12.99
C ASN B 184 46.54 -43.38 14.14
N THR B 185 47.26 -43.25 15.26
CA THR B 185 46.74 -42.59 16.46
C THR B 185 47.56 -41.39 16.89
N ASP B 186 48.60 -41.01 16.14
CA ASP B 186 49.42 -39.84 16.47
C ASP B 186 48.88 -38.60 15.77
N LYS B 187 48.68 -37.52 16.55
CA LYS B 187 48.04 -36.33 16.03
C LYS B 187 49.02 -35.35 15.37
N GLY B 188 50.28 -35.38 15.76
CA GLY B 188 51.25 -34.38 15.34
C GLY B 188 51.59 -34.48 13.87
N ASN B 189 52.63 -33.71 13.49
CA ASN B 189 52.89 -33.41 12.09
C ASN B 189 53.86 -34.35 11.40
N ASN B 190 54.59 -35.19 12.13
CA ASN B 190 55.48 -36.19 11.53
C ASN B 190 55.28 -37.52 12.24
N PRO B 191 54.05 -38.05 12.23
CA PRO B 191 53.79 -39.30 12.94
C PRO B 191 54.49 -40.46 12.27
N LYS B 192 54.81 -41.46 13.07
CA LYS B 192 55.58 -42.60 12.59
C LYS B 192 54.86 -43.27 11.43
N GLY B 193 55.60 -43.53 10.35
CA GLY B 193 55.09 -44.28 9.23
C GLY B 193 54.44 -43.47 8.13
N TYR B 194 54.23 -42.17 8.34
CA TYR B 194 53.65 -41.33 7.30
C TYR B 194 54.65 -41.12 6.17
N LEU B 195 54.17 -41.11 4.93
CA LEU B 195 55.07 -40.83 3.82
C LEU B 195 54.25 -40.40 2.61
N PRO B 196 54.87 -39.69 1.65
CA PRO B 196 54.09 -39.08 0.56
C PRO B 196 53.45 -40.08 -0.41
N SER B 197 53.84 -41.35 -0.43
CA SER B 197 53.14 -42.29 -1.31
C SER B 197 51.75 -42.69 -0.77
N HIS B 198 51.27 -42.03 0.28
CA HIS B 198 49.95 -42.29 0.81
C HIS B 198 48.83 -41.57 0.06
N TYR B 199 49.15 -40.75 -0.95
CA TYR B 199 48.13 -40.02 -1.70
C TYR B 199 48.66 -39.66 -3.08
N GLU B 200 47.74 -39.50 -4.03
CA GLU B 200 47.99 -38.89 -5.33
C GLU B 200 47.22 -37.57 -5.43
N ARG B 201 47.64 -36.72 -6.36
CA ARG B 201 46.86 -35.54 -6.72
C ARG B 201 45.89 -35.88 -7.84
N VAL B 202 44.71 -35.26 -7.81
CA VAL B 202 43.69 -35.49 -8.82
C VAL B 202 43.37 -34.16 -9.48
N GLN B 203 42.91 -34.24 -10.72
CA GLN B 203 42.58 -33.05 -11.48
C GLN B 203 41.27 -32.46 -10.97
N MET B 204 41.27 -31.15 -10.74
CA MET B 204 40.11 -30.41 -10.25
C MET B 204 39.97 -29.14 -11.09
N LEU B 205 38.72 -28.79 -11.43
CA LEU B 205 38.41 -27.65 -12.27
C LEU B 205 37.34 -26.82 -11.60
N LEU B 206 37.50 -25.49 -11.64
CA LEU B 206 36.45 -24.56 -11.22
C LEU B 206 35.55 -24.26 -12.42
N SER B 207 34.24 -24.19 -12.17
CA SER B 207 33.31 -23.97 -13.28
C SER B 207 32.17 -23.04 -12.88
N ASP B 208 31.69 -22.31 -13.89
CA ASP B 208 30.55 -21.41 -13.77
C ASP B 208 29.31 -21.87 -14.53
N ARG B 209 29.36 -23.04 -15.17
N ARG B 209 29.37 -23.05 -15.16
CA ARG B 209 28.27 -23.45 -16.03
CA ARG B 209 28.29 -23.49 -16.03
C ARG B 209 27.12 -24.14 -15.30
C ARG B 209 27.10 -24.07 -15.27
N PHE B 210 27.27 -24.45 -14.01
CA PHE B 210 26.20 -24.98 -13.19
C PHE B 210 26.44 -24.54 -11.75
N LEU B 211 25.36 -24.49 -10.96
CA LEU B 211 25.46 -24.09 -9.56
C LEU B 211 25.37 -25.31 -8.64
N GLY B 212 26.17 -25.30 -7.57
CA GLY B 212 25.99 -26.21 -6.45
C GLY B 212 25.00 -25.66 -5.44
N PHE B 213 24.73 -26.45 -4.40
CA PHE B 213 23.84 -26.02 -3.31
C PHE B 213 24.37 -26.59 -2.00
N PHE B 214 23.93 -26.00 -0.89
CA PHE B 214 24.37 -26.43 0.42
C PHE B 214 23.27 -27.18 1.15
N MET B 215 23.64 -28.16 1.96
CA MET B 215 22.77 -28.65 3.01
C MET B 215 23.41 -28.35 4.37
N VAL B 216 22.57 -28.00 5.36
CA VAL B 216 23.03 -27.65 6.70
C VAL B 216 22.20 -28.40 7.75
N PRO B 217 22.61 -28.42 9.03
CA PRO B 217 21.84 -29.18 10.02
C PRO B 217 20.40 -28.68 10.15
N ALA B 218 19.50 -29.60 10.52
CA ALA B 218 18.08 -29.25 10.56
C ALA B 218 17.73 -28.40 11.78
N GLN B 219 18.44 -28.58 12.89
CA GLN B 219 18.16 -27.79 14.08
C GLN B 219 19.28 -26.83 14.44
N SER B 220 20.53 -27.30 14.51
CA SER B 220 21.60 -26.40 14.94
C SER B 220 22.05 -25.51 13.79
N SER B 221 23.22 -24.90 13.93
CA SER B 221 24.00 -24.58 12.76
C SER B 221 25.15 -25.59 12.69
N TRP B 222 26.15 -25.29 11.89
CA TRP B 222 27.28 -26.18 11.71
C TRP B 222 28.49 -25.78 12.54
N ASN B 223 28.55 -24.54 13.01
CA ASN B 223 29.73 -24.04 13.68
C ASN B 223 29.57 -24.25 15.19
N TYR B 224 30.42 -25.09 15.77
CA TYR B 224 30.48 -25.31 17.21
C TYR B 224 31.80 -24.84 17.82
N ASN B 225 32.62 -24.10 17.07
CA ASN B 225 33.93 -23.68 17.60
C ASN B 225 33.83 -22.80 18.85
N PHE B 226 32.65 -22.26 19.18
CA PHE B 226 32.41 -21.54 20.42
C PHE B 226 31.52 -22.31 21.39
N MET B 227 30.93 -23.42 20.96
CA MET B 227 30.13 -24.30 21.81
C MET B 227 30.70 -25.72 21.81
N GLY B 228 32.03 -25.83 21.91
CA GLY B 228 32.68 -27.13 21.75
C GLY B 228 32.13 -28.19 22.69
N VAL B 229 31.82 -27.80 23.93
CA VAL B 229 31.37 -28.78 24.93
C VAL B 229 30.09 -29.46 24.48
N ARG B 230 29.26 -28.76 23.69
CA ARG B 230 28.05 -29.34 23.13
C ARG B 230 28.30 -30.24 21.91
N HIS B 231 29.53 -30.31 21.42
CA HIS B 231 29.91 -31.13 20.27
C HIS B 231 30.47 -32.48 20.73
N ASP B 232 30.11 -33.54 20.01
CA ASP B 232 30.54 -34.88 20.38
C ASP B 232 30.62 -35.82 19.19
N PRO B 233 31.72 -36.57 19.03
CA PRO B 233 31.80 -37.54 17.92
C PRO B 233 30.55 -38.40 17.75
N ASN B 234 29.83 -38.69 18.82
CA ASN B 234 28.60 -39.48 18.70
C ASN B 234 27.38 -38.66 18.29
N MET B 235 27.50 -37.35 18.12
CA MET B 235 26.29 -36.55 17.93
C MET B 235 25.59 -36.91 16.61
N LYS B 236 24.25 -36.86 16.63
CA LYS B 236 23.42 -37.14 15.48
C LYS B 236 22.77 -35.85 15.00
N TYR B 237 22.62 -35.71 13.69
CA TYR B 237 22.06 -34.51 13.10
C TYR B 237 21.28 -34.92 11.86
N GLU B 238 20.24 -34.17 11.57
CA GLU B 238 19.52 -34.26 10.31
C GLU B 238 19.92 -33.05 9.49
N LEU B 239 19.38 -32.93 8.28
CA LEU B 239 19.82 -31.89 7.37
C LEU B 239 18.61 -31.18 6.77
N GLN B 240 18.88 -29.98 6.24
CA GLN B 240 17.88 -29.21 5.52
C GLN B 240 18.54 -28.55 4.33
N LEU B 241 17.71 -28.20 3.35
CA LEU B 241 18.17 -27.51 2.16
C LEU B 241 18.17 -26.01 2.46
N ALA B 242 19.32 -25.48 2.87
CA ALA B 242 19.45 -24.06 3.18
C ALA B 242 20.92 -23.65 3.17
N ASN B 243 21.14 -22.36 3.17
CA ASN B 243 22.52 -21.93 3.00
C ASN B 243 23.17 -21.66 4.34
N PRO B 244 24.47 -21.94 4.44
CA PRO B 244 25.15 -21.88 5.75
C PRO B 244 25.43 -20.46 6.21
N LYS B 245 25.35 -20.26 7.53
CA LYS B 245 25.69 -18.98 8.13
C LYS B 245 27.20 -18.82 8.29
N GLU B 246 27.67 -17.58 8.11
CA GLU B 246 29.11 -17.26 8.22
C GLU B 246 29.64 -17.61 9.62
N PHE B 247 30.97 -17.75 9.72
CA PHE B 247 31.63 -18.28 10.93
C PHE B 247 31.22 -17.51 12.19
N TYR B 248 31.27 -16.18 12.14
CA TYR B 248 31.00 -15.38 13.33
C TYR B 248 29.57 -14.84 13.36
N HIS B 249 28.65 -15.47 12.65
CA HIS B 249 27.24 -15.14 12.87
C HIS B 249 26.89 -15.31 14.34
N GLU B 250 25.89 -14.54 14.78
CA GLU B 250 25.52 -14.51 16.19
C GLU B 250 25.06 -15.89 16.69
N VAL B 251 24.37 -16.67 15.84
CA VAL B 251 23.85 -17.96 16.30
C VAL B 251 24.96 -18.92 16.70
N HIS B 252 26.20 -18.66 16.28
CA HIS B 252 27.31 -19.52 16.61
C HIS B 252 28.01 -19.16 17.92
N ARG B 253 27.75 -17.98 18.47
CA ARG B 253 28.43 -17.53 19.68
C ARG B 253 27.42 -16.82 20.61
N PRO B 254 26.34 -17.50 20.98
CA PRO B 254 25.35 -16.85 21.84
C PRO B 254 25.93 -16.35 23.15
N SER B 255 26.90 -17.07 23.75
CA SER B 255 27.41 -16.64 25.04
C SER B 255 28.09 -15.27 24.97
N HIS B 256 28.61 -14.88 23.80
CA HIS B 256 29.14 -13.52 23.65
C HIS B 256 28.07 -12.46 23.85
N PHE B 257 26.83 -12.77 23.47
CA PHE B 257 25.70 -11.84 23.52
C PHE B 257 24.95 -11.92 24.85
N LEU B 258 24.92 -13.08 25.50
CA LEU B 258 24.20 -13.23 26.75
C LEU B 258 25.06 -12.90 27.98
N ASN B 259 26.38 -13.12 27.89
CA ASN B 259 27.29 -12.81 28.98
C ASN B 259 27.79 -11.37 28.95
N PHE B 260 27.67 -10.68 27.81
CA PHE B 260 27.95 -9.24 27.77
C PHE B 260 26.82 -8.47 28.43
N ALA B 261 25.57 -8.87 28.17
CA ALA B 261 24.37 -8.34 28.78
C ALA B 261 24.31 -8.57 30.30
N LEU B 262 25.38 -9.15 30.86
CA LEU B 262 25.50 -9.46 32.28
C LEU B 262 26.74 -8.75 32.84
N LEU B 263 26.55 -7.65 33.57
CA LEU B 263 25.25 -7.00 33.78
C LEU B 263 25.46 -5.48 33.77
S SO4 C . 11.87 14.22 32.91
O1 SO4 C . 10.52 14.74 33.08
O2 SO4 C . 12.58 15.00 31.90
O3 SO4 C . 11.82 12.83 32.50
O4 SO4 C . 12.59 14.33 34.18
S SO4 D . 15.54 17.20 7.97
O1 SO4 D . 16.04 16.14 7.08
O2 SO4 D . 14.40 17.87 7.37
O3 SO4 D . 16.53 18.26 8.26
O4 SO4 D . 15.14 16.56 9.21
#